data_2D9D
#
_entry.id   2D9D
#
_entity_poly.entity_id   1
_entity_poly.type   'polypeptide(L)'
_entity_poly.pdbx_seq_one_letter_code
;GSSGSSGSILKIEKVLKRMREIKNELLQAQNPSELYLSSKTELQGLIGQLDEVSLEKNPCIREARRRAVIEVQTLITYID
LKESGPSSG
;
_entity_poly.pdbx_strand_id   A
#
# COMPACT_ATOMS: atom_id res chain seq x y z
N GLY A 1 -29.63 -2.58 -6.77
CA GLY A 1 -28.70 -1.58 -6.27
C GLY A 1 -28.33 -1.80 -4.82
N SER A 2 -27.26 -2.56 -4.59
CA SER A 2 -26.82 -2.85 -3.23
C SER A 2 -25.32 -2.55 -3.08
N SER A 3 -25.00 -1.46 -2.40
CA SER A 3 -23.62 -1.06 -2.19
C SER A 3 -22.81 -2.21 -1.59
N GLY A 4 -21.52 -2.25 -1.92
CA GLY A 4 -20.66 -3.30 -1.40
C GLY A 4 -19.86 -3.98 -2.48
N SER A 5 -20.53 -4.31 -3.59
CA SER A 5 -19.86 -4.97 -4.71
C SER A 5 -19.29 -3.95 -5.68
N SER A 6 -20.08 -2.93 -5.99
CA SER A 6 -19.65 -1.89 -6.92
C SER A 6 -19.01 -0.73 -6.16
N GLY A 7 -18.23 0.08 -6.88
CA GLY A 7 -17.57 1.22 -6.26
C GLY A 7 -16.15 1.41 -6.76
N SER A 8 -15.83 2.63 -7.16
CA SER A 8 -14.50 2.95 -7.66
C SER A 8 -13.64 3.63 -6.59
N ILE A 9 -14.32 4.23 -5.61
CA ILE A 9 -13.63 4.91 -4.52
C ILE A 9 -13.36 3.96 -3.36
N LEU A 10 -14.35 3.17 -3.01
CA LEU A 10 -14.22 2.20 -1.92
C LEU A 10 -13.06 1.25 -2.18
N LYS A 11 -12.91 0.83 -3.43
CA LYS A 11 -11.84 -0.08 -3.81
C LYS A 11 -10.47 0.51 -3.46
N ILE A 12 -10.35 1.83 -3.57
CA ILE A 12 -9.10 2.52 -3.25
C ILE A 12 -8.94 2.72 -1.75
N GLU A 13 -9.99 3.23 -1.11
CA GLU A 13 -9.97 3.47 0.32
C GLU A 13 -9.28 2.32 1.05
N LYS A 14 -9.45 1.11 0.54
CA LYS A 14 -8.84 -0.07 1.14
C LYS A 14 -7.32 -0.05 0.98
N VAL A 15 -6.87 0.30 -0.21
CA VAL A 15 -5.44 0.37 -0.49
C VAL A 15 -4.70 1.14 0.60
N LEU A 16 -5.42 2.02 1.28
CA LEU A 16 -4.83 2.82 2.35
C LEU A 16 -5.34 2.37 3.72
N LYS A 17 -6.53 1.76 3.73
CA LYS A 17 -7.12 1.27 4.97
C LYS A 17 -6.19 0.28 5.66
N ARG A 18 -5.63 -0.63 4.89
CA ARG A 18 -4.72 -1.63 5.43
C ARG A 18 -3.32 -1.06 5.61
N MET A 19 -2.85 -0.33 4.60
CA MET A 19 -1.52 0.26 4.64
C MET A 19 -1.24 0.87 6.02
N ARG A 20 -2.18 1.69 6.50
CA ARG A 20 -2.04 2.33 7.80
C ARG A 20 -1.84 1.29 8.91
N GLU A 21 -2.72 0.29 8.92
CA GLU A 21 -2.64 -0.76 9.92
C GLU A 21 -1.27 -1.43 9.93
N ILE A 22 -0.81 -1.84 8.74
CA ILE A 22 0.49 -2.48 8.61
C ILE A 22 1.57 -1.67 9.31
N LYS A 23 1.76 -0.43 8.88
CA LYS A 23 2.77 0.44 9.47
C LYS A 23 2.88 0.22 10.97
N ASN A 24 1.74 0.30 11.66
CA ASN A 24 1.70 0.10 13.09
C ASN A 24 2.25 -1.27 13.47
N GLU A 25 1.61 -2.32 12.98
CA GLU A 25 2.04 -3.68 13.26
C GLU A 25 3.54 -3.84 13.05
N LEU A 26 4.11 -2.98 12.23
CA LEU A 26 5.53 -3.01 11.94
C LEU A 26 6.33 -2.26 13.01
N LEU A 27 5.80 -1.11 13.42
CA LEU A 27 6.46 -0.30 14.44
C LEU A 27 6.57 -1.06 15.76
N GLN A 28 5.44 -1.58 16.23
CA GLN A 28 5.42 -2.33 17.48
C GLN A 28 6.29 -3.58 17.39
N ALA A 29 6.41 -4.12 16.17
CA ALA A 29 7.21 -5.32 15.95
C ALA A 29 8.63 -5.13 16.48
N GLN A 30 9.01 -5.95 17.45
CA GLN A 30 10.34 -5.87 18.05
C GLN A 30 11.39 -6.41 17.08
N ASN A 31 11.13 -7.60 16.54
CA ASN A 31 12.06 -8.23 15.62
C ASN A 31 11.43 -8.41 14.24
N PRO A 32 11.22 -7.28 13.54
CA PRO A 32 10.60 -7.29 12.21
C PRO A 32 11.53 -7.89 11.15
N SER A 33 12.71 -8.32 11.57
CA SER A 33 13.69 -8.90 10.67
C SER A 33 12.99 -9.78 9.63
N GLU A 34 11.86 -10.35 10.01
CA GLU A 34 11.11 -11.23 9.11
C GLU A 34 9.96 -10.46 8.46
N LEU A 35 9.36 -9.55 9.22
CA LEU A 35 8.24 -8.75 8.71
C LEU A 35 8.64 -8.02 7.42
N TYR A 36 9.86 -7.49 7.40
CA TYR A 36 10.35 -6.78 6.23
C TYR A 36 9.99 -7.52 4.95
N LEU A 37 9.81 -8.83 5.06
CA LEU A 37 9.47 -9.66 3.90
C LEU A 37 7.94 -9.72 3.71
N SER A 38 7.23 -9.98 4.80
CA SER A 38 5.77 -10.06 4.75
C SER A 38 5.15 -8.68 4.61
N SER A 39 5.46 -7.80 5.56
CA SER A 39 4.93 -6.44 5.54
C SER A 39 4.98 -5.85 4.13
N LYS A 40 6.12 -6.02 3.47
CA LYS A 40 6.30 -5.52 2.11
C LYS A 40 5.41 -6.27 1.13
N THR A 41 5.57 -7.58 1.07
CA THR A 41 4.79 -8.41 0.18
C THR A 41 3.31 -8.00 0.18
N GLU A 42 2.76 -7.82 1.38
CA GLU A 42 1.36 -7.42 1.52
C GLU A 42 1.12 -6.06 0.86
N LEU A 43 2.02 -5.12 1.13
CA LEU A 43 1.89 -3.78 0.56
C LEU A 43 1.73 -3.83 -0.95
N GLN A 44 2.65 -4.53 -1.61
CA GLN A 44 2.61 -4.66 -3.07
C GLN A 44 1.23 -5.11 -3.53
N GLY A 45 0.63 -6.03 -2.80
CA GLY A 45 -0.69 -6.53 -3.16
C GLY A 45 -1.72 -5.41 -3.25
N LEU A 46 -1.76 -4.57 -2.22
CA LEU A 46 -2.71 -3.46 -2.20
C LEU A 46 -2.68 -2.68 -3.50
N ILE A 47 -1.55 -2.04 -3.78
CA ILE A 47 -1.40 -1.26 -5.00
C ILE A 47 -2.09 -1.95 -6.19
N GLY A 48 -1.87 -3.26 -6.30
CA GLY A 48 -2.49 -4.01 -7.38
C GLY A 48 -3.93 -3.61 -7.63
N GLN A 49 -4.70 -3.49 -6.55
CA GLN A 49 -6.10 -3.11 -6.65
C GLN A 49 -6.27 -1.82 -7.43
N LEU A 50 -5.36 -0.87 -7.19
CA LEU A 50 -5.41 0.41 -7.88
C LEU A 50 -5.54 0.23 -9.39
N ASP A 51 -4.90 -0.82 -9.91
CA ASP A 51 -4.95 -1.11 -11.34
C ASP A 51 -6.39 -1.07 -11.84
N GLU A 52 -7.33 -1.35 -10.96
CA GLU A 52 -8.75 -1.36 -11.33
C GLU A 52 -9.23 0.06 -11.63
N VAL A 53 -8.85 1.00 -10.77
CA VAL A 53 -9.25 2.40 -10.93
C VAL A 53 -8.29 3.12 -11.87
N SER A 54 -7.78 2.41 -12.87
CA SER A 54 -6.84 2.99 -13.83
C SER A 54 -7.34 4.35 -14.31
N LEU A 55 -6.43 5.15 -14.86
CA LEU A 55 -6.77 6.47 -15.37
C LEU A 55 -8.16 6.48 -16.00
N GLU A 56 -9.12 7.07 -15.29
CA GLU A 56 -10.49 7.15 -15.79
C GLU A 56 -10.82 8.55 -16.29
N LYS A 57 -12.03 8.74 -16.77
CA LYS A 57 -12.48 10.04 -17.28
C LYS A 57 -12.91 10.95 -16.14
N ASN A 58 -12.10 11.02 -15.10
CA ASN A 58 -12.40 11.86 -13.95
C ASN A 58 -11.12 12.30 -13.24
N PRO A 59 -11.13 13.54 -12.72
CA PRO A 59 -9.98 14.11 -12.01
C PRO A 59 -9.74 13.44 -10.67
N CYS A 60 -10.83 13.23 -9.92
CA CYS A 60 -10.74 12.60 -8.61
C CYS A 60 -9.98 11.28 -8.68
N ILE A 61 -10.19 10.55 -9.78
CA ILE A 61 -9.52 9.27 -9.97
C ILE A 61 -8.02 9.45 -10.16
N ARG A 62 -7.64 10.01 -11.30
CA ARG A 62 -6.23 10.25 -11.61
C ARG A 62 -5.47 10.71 -10.37
N GLU A 63 -6.09 11.61 -9.61
CA GLU A 63 -5.47 12.13 -8.39
C GLU A 63 -5.47 11.10 -7.29
N ALA A 64 -6.64 10.79 -6.76
CA ALA A 64 -6.78 9.80 -5.70
C ALA A 64 -5.82 8.63 -5.92
N ARG A 65 -5.95 7.97 -7.06
CA ARG A 65 -5.11 6.84 -7.39
C ARG A 65 -3.64 7.16 -7.15
N ARG A 66 -3.12 8.13 -7.91
CA ARG A 66 -1.73 8.54 -7.78
C ARG A 66 -1.36 8.76 -6.31
N ARG A 67 -1.96 9.78 -5.71
CA ARG A 67 -1.68 10.10 -4.30
C ARG A 67 -1.61 8.83 -3.47
N ALA A 68 -2.39 7.82 -3.85
CA ALA A 68 -2.40 6.56 -3.12
C ALA A 68 -1.15 5.75 -3.40
N VAL A 69 -0.75 5.68 -4.66
CA VAL A 69 0.44 4.94 -5.06
C VAL A 69 1.64 5.37 -4.24
N ILE A 70 1.80 6.68 -4.07
CA ILE A 70 2.91 7.21 -3.29
C ILE A 70 2.70 7.04 -1.80
N GLU A 71 1.43 6.86 -1.41
CA GLU A 71 1.08 6.67 -0.01
C GLU A 71 1.36 5.24 0.44
N VAL A 72 1.50 4.35 -0.54
CA VAL A 72 1.76 2.94 -0.25
C VAL A 72 3.18 2.56 -0.63
N GLN A 73 3.72 3.22 -1.65
CA GLN A 73 5.08 2.95 -2.11
C GLN A 73 6.10 3.49 -1.12
N THR A 74 5.73 4.55 -0.41
CA THR A 74 6.61 5.17 0.57
C THR A 74 7.09 4.15 1.60
N LEU A 75 6.19 3.26 1.99
CA LEU A 75 6.50 2.23 2.98
C LEU A 75 7.35 1.12 2.36
N ILE A 76 6.90 0.59 1.23
CA ILE A 76 7.62 -0.47 0.55
C ILE A 76 9.10 -0.12 0.38
N THR A 77 9.36 1.17 0.17
CA THR A 77 10.73 1.64 0.01
C THR A 77 11.45 1.72 1.34
N TYR A 78 10.86 2.43 2.29
CA TYR A 78 11.45 2.58 3.62
C TYR A 78 11.97 1.25 4.14
N ILE A 79 11.35 0.16 3.69
CA ILE A 79 11.75 -1.18 4.12
C ILE A 79 13.03 -1.62 3.41
N ASP A 80 13.05 -1.47 2.09
CA ASP A 80 14.20 -1.85 1.29
C ASP A 80 15.48 -1.19 1.83
N LEU A 81 15.39 0.11 2.11
CA LEU A 81 16.53 0.86 2.63
C LEU A 81 16.96 0.32 3.98
N LYS A 82 16.02 -0.26 4.72
CA LYS A 82 16.31 -0.82 6.03
C LYS A 82 16.92 -2.21 5.90
N GLU A 83 16.42 -2.98 4.96
CA GLU A 83 16.91 -4.33 4.73
C GLU A 83 18.40 -4.32 4.40
N SER A 84 18.75 -3.62 3.32
CA SER A 84 20.14 -3.53 2.88
C SER A 84 20.98 -2.77 3.91
N GLY A 85 22.28 -3.01 3.89
CA GLY A 85 23.18 -2.34 4.82
C GLY A 85 24.63 -2.75 4.62
N PRO A 86 25.54 -1.91 5.11
CA PRO A 86 26.99 -2.16 5.00
C PRO A 86 27.44 -3.33 5.87
N SER A 87 28.05 -4.33 5.24
CA SER A 87 28.53 -5.50 5.96
C SER A 87 29.47 -5.11 7.09
N SER A 88 30.34 -4.15 6.80
CA SER A 88 31.30 -3.67 7.79
C SER A 88 30.93 -2.28 8.29
N GLY A 89 31.12 -2.06 9.59
CA GLY A 89 30.80 -0.77 10.18
C GLY A 89 30.16 -0.90 11.55
N GLY A 1 -11.19 -15.48 2.62
CA GLY A 1 -10.85 -15.11 1.26
C GLY A 1 -11.87 -14.17 0.64
N SER A 2 -11.41 -13.29 -0.23
CA SER A 2 -12.28 -12.33 -0.89
C SER A 2 -11.89 -12.15 -2.35
N SER A 3 -12.73 -12.65 -3.25
CA SER A 3 -12.47 -12.55 -4.69
C SER A 3 -13.76 -12.24 -5.45
N GLY A 4 -13.86 -11.01 -5.95
CA GLY A 4 -15.05 -10.62 -6.70
C GLY A 4 -15.79 -9.47 -6.04
N SER A 5 -15.27 -8.25 -6.24
CA SER A 5 -15.89 -7.06 -5.66
C SER A 5 -15.99 -5.94 -6.69
N SER A 6 -16.95 -5.05 -6.50
CA SER A 6 -17.16 -3.93 -7.41
C SER A 6 -17.02 -2.60 -6.67
N GLY A 7 -16.82 -1.52 -7.44
CA GLY A 7 -16.68 -0.21 -6.84
C GLY A 7 -15.32 0.41 -7.11
N SER A 8 -15.33 1.66 -7.58
CA SER A 8 -14.08 2.36 -7.88
C SER A 8 -13.56 3.09 -6.64
N ILE A 9 -14.41 3.21 -5.63
CA ILE A 9 -14.03 3.89 -4.40
C ILE A 9 -13.50 2.90 -3.37
N LEU A 10 -14.19 1.78 -3.22
CA LEU A 10 -13.78 0.74 -2.28
C LEU A 10 -12.38 0.23 -2.61
N LYS A 11 -12.09 0.09 -3.89
CA LYS A 11 -10.79 -0.39 -4.34
C LYS A 11 -9.67 0.49 -3.79
N ILE A 12 -9.69 1.76 -4.17
CA ILE A 12 -8.67 2.71 -3.71
C ILE A 12 -8.66 2.81 -2.19
N GLU A 13 -9.80 3.21 -1.62
CA GLU A 13 -9.91 3.36 -0.18
C GLU A 13 -9.23 2.20 0.55
N LYS A 14 -9.57 0.98 0.15
CA LYS A 14 -8.98 -0.21 0.76
C LYS A 14 -7.46 -0.13 0.74
N VAL A 15 -6.89 -0.01 -0.45
CA VAL A 15 -5.44 0.07 -0.60
C VAL A 15 -4.83 0.92 0.50
N LEU A 16 -5.58 1.92 0.96
CA LEU A 16 -5.10 2.81 2.01
C LEU A 16 -5.41 2.23 3.39
N LYS A 17 -6.68 1.91 3.62
CA LYS A 17 -7.10 1.35 4.90
C LYS A 17 -6.06 0.38 5.44
N ARG A 18 -5.82 -0.71 4.73
CA ARG A 18 -4.84 -1.70 5.14
C ARG A 18 -3.49 -1.05 5.41
N MET A 19 -3.03 -0.22 4.48
CA MET A 19 -1.76 0.46 4.62
C MET A 19 -1.55 0.94 6.05
N ARG A 20 -2.57 1.58 6.61
CA ARG A 20 -2.50 2.09 7.98
C ARG A 20 -2.26 0.95 8.97
N GLU A 21 -3.05 -0.11 8.85
CA GLU A 21 -2.92 -1.27 9.74
C GLU A 21 -1.53 -1.89 9.62
N ILE A 22 -1.15 -2.22 8.39
CA ILE A 22 0.16 -2.82 8.15
C ILE A 22 1.28 -1.98 8.74
N LYS A 23 1.37 -0.72 8.31
CA LYS A 23 2.39 0.19 8.79
C LYS A 23 2.39 0.23 10.32
N ASN A 24 1.21 0.45 10.90
CA ASN A 24 1.07 0.51 12.36
C ASN A 24 1.66 -0.74 13.02
N GLU A 25 1.65 -1.85 12.27
CA GLU A 25 2.17 -3.11 12.78
C GLU A 25 3.69 -3.16 12.64
N LEU A 26 4.22 -2.42 11.67
CA LEU A 26 5.65 -2.38 11.43
C LEU A 26 6.35 -1.40 12.36
N LEU A 27 5.70 -0.25 12.57
CA LEU A 27 6.25 0.79 13.44
C LEU A 27 6.27 0.32 14.89
N GLN A 28 5.23 -0.40 15.29
CA GLN A 28 5.13 -0.92 16.65
C GLN A 28 5.96 -2.18 16.82
N ALA A 29 5.89 -3.07 15.84
CA ALA A 29 6.63 -4.32 15.87
C ALA A 29 8.05 -4.10 16.39
N GLN A 30 8.47 -4.95 17.34
CA GLN A 30 9.80 -4.84 17.92
C GLN A 30 10.83 -5.51 17.02
N ASN A 31 10.50 -6.68 16.51
CA ASN A 31 11.40 -7.42 15.64
C ASN A 31 10.87 -7.45 14.20
N PRO A 32 10.88 -6.28 13.54
CA PRO A 32 10.40 -6.15 12.17
C PRO A 32 11.34 -6.83 11.17
N SER A 33 12.45 -7.36 11.66
CA SER A 33 13.41 -8.03 10.81
C SER A 33 12.75 -9.13 9.99
N GLU A 34 11.65 -9.66 10.51
CA GLU A 34 10.91 -10.72 9.82
C GLU A 34 9.72 -10.15 9.07
N LEU A 35 9.08 -9.14 9.65
CA LEU A 35 7.92 -8.51 9.03
C LEU A 35 8.27 -7.99 7.64
N TYR A 36 9.46 -7.40 7.51
CA TYR A 36 9.91 -6.86 6.24
C TYR A 36 9.41 -7.70 5.07
N LEU A 37 9.82 -8.96 5.03
CA LEU A 37 9.41 -9.87 3.97
C LEU A 37 7.89 -9.89 3.83
N SER A 38 7.20 -9.98 4.97
CA SER A 38 5.74 -10.02 4.98
C SER A 38 5.16 -8.66 4.60
N SER A 39 5.27 -7.70 5.51
CA SER A 39 4.75 -6.36 5.27
C SER A 39 4.91 -5.97 3.80
N LYS A 40 6.02 -6.36 3.21
CA LYS A 40 6.29 -6.07 1.80
C LYS A 40 5.38 -6.88 0.89
N THR A 41 5.54 -8.21 0.93
CA THR A 41 4.73 -9.09 0.10
C THR A 41 3.28 -8.62 0.02
N GLU A 42 2.66 -8.44 1.19
CA GLU A 42 1.28 -7.99 1.25
C GLU A 42 1.13 -6.62 0.59
N LEU A 43 1.91 -5.65 1.05
CA LEU A 43 1.86 -4.30 0.50
C LEU A 43 1.71 -4.34 -1.02
N GLN A 44 2.42 -5.25 -1.66
CA GLN A 44 2.36 -5.39 -3.11
C GLN A 44 0.94 -5.70 -3.57
N GLY A 45 0.39 -6.81 -3.07
CA GLY A 45 -0.95 -7.20 -3.43
C GLY A 45 -1.93 -6.03 -3.43
N LEU A 46 -1.85 -5.22 -2.39
CA LEU A 46 -2.73 -4.06 -2.27
C LEU A 46 -2.61 -3.15 -3.49
N ILE A 47 -1.46 -2.51 -3.64
CA ILE A 47 -1.22 -1.62 -4.77
C ILE A 47 -1.90 -2.14 -6.03
N GLY A 48 -1.65 -3.41 -6.36
CA GLY A 48 -2.24 -4.01 -7.54
C GLY A 48 -3.63 -3.49 -7.81
N GLN A 49 -4.45 -3.40 -6.77
CA GLN A 49 -5.82 -2.92 -6.90
C GLN A 49 -5.84 -1.53 -7.53
N LEU A 50 -5.05 -0.63 -6.97
CA LEU A 50 -4.98 0.74 -7.46
C LEU A 50 -5.16 0.78 -8.98
N ASP A 51 -4.46 -0.11 -9.67
CA ASP A 51 -4.54 -0.18 -11.13
C ASP A 51 -5.99 -0.30 -11.59
N GLU A 52 -6.71 -1.25 -10.99
CA GLU A 52 -8.11 -1.47 -11.34
C GLU A 52 -8.83 -0.15 -11.57
N VAL A 53 -8.68 0.77 -10.63
CA VAL A 53 -9.32 2.08 -10.74
C VAL A 53 -8.63 2.95 -11.78
N SER A 54 -9.42 3.46 -12.72
CA SER A 54 -8.89 4.31 -13.79
C SER A 54 -9.36 5.75 -13.62
N LEU A 55 -8.50 6.69 -14.02
CA LEU A 55 -8.82 8.11 -13.92
C LEU A 55 -10.28 8.36 -14.28
N GLU A 56 -11.09 8.67 -13.27
CA GLU A 56 -12.51 8.94 -13.47
C GLU A 56 -12.74 10.41 -13.82
N LYS A 57 -14.00 10.77 -14.06
CA LYS A 57 -14.35 12.14 -14.39
C LYS A 57 -14.03 13.09 -13.25
N ASN A 58 -14.28 12.64 -12.02
CA ASN A 58 -14.00 13.46 -10.84
C ASN A 58 -12.51 13.48 -10.54
N PRO A 59 -12.03 14.63 -10.04
CA PRO A 59 -10.62 14.82 -9.69
C PRO A 59 -10.20 14.00 -8.48
N CYS A 60 -11.04 14.01 -7.45
CA CYS A 60 -10.75 13.27 -6.23
C CYS A 60 -10.32 11.84 -6.55
N ILE A 61 -10.70 11.37 -7.73
CA ILE A 61 -10.35 10.02 -8.16
C ILE A 61 -8.99 9.99 -8.84
N ARG A 62 -8.71 11.01 -9.63
CA ARG A 62 -7.44 11.10 -10.34
C ARG A 62 -6.31 11.46 -9.38
N GLU A 63 -6.63 12.20 -8.34
CA GLU A 63 -5.64 12.60 -7.36
C GLU A 63 -5.54 11.57 -6.23
N ALA A 64 -6.60 10.80 -6.05
CA ALA A 64 -6.63 9.77 -5.02
C ALA A 64 -5.72 8.61 -5.37
N ARG A 65 -5.99 7.97 -6.50
CA ARG A 65 -5.20 6.83 -6.95
C ARG A 65 -3.70 7.11 -6.77
N ARG A 66 -3.24 8.20 -7.37
CA ARG A 66 -1.83 8.58 -7.28
C ARG A 66 -1.35 8.55 -5.83
N ARG A 67 -1.92 9.42 -5.01
CA ARG A 67 -1.55 9.50 -3.60
C ARG A 67 -1.30 8.10 -3.03
N ALA A 68 -2.30 7.23 -3.16
CA ALA A 68 -2.19 5.86 -2.65
C ALA A 68 -0.90 5.20 -3.14
N VAL A 69 -0.66 5.29 -4.44
CA VAL A 69 0.54 4.70 -5.03
C VAL A 69 1.79 5.09 -4.25
N ILE A 70 2.13 6.36 -4.30
CA ILE A 70 3.31 6.86 -3.59
C ILE A 70 3.23 6.54 -2.10
N GLU A 71 2.14 6.96 -1.47
CA GLU A 71 1.95 6.71 -0.04
C GLU A 71 2.39 5.30 0.33
N VAL A 72 1.86 4.31 -0.37
CA VAL A 72 2.20 2.93 -0.12
C VAL A 72 3.65 2.63 -0.49
N GLN A 73 4.02 2.96 -1.72
CA GLN A 73 5.38 2.73 -2.20
C GLN A 73 6.40 3.23 -1.18
N THR A 74 6.04 4.27 -0.45
CA THR A 74 6.92 4.84 0.57
C THR A 74 7.45 3.76 1.50
N LEU A 75 6.57 2.85 1.90
CA LEU A 75 6.96 1.76 2.80
C LEU A 75 7.92 0.81 2.11
N ILE A 76 7.48 0.20 1.01
CA ILE A 76 8.31 -0.73 0.26
C ILE A 76 9.73 -0.21 0.12
N THR A 77 9.87 1.04 -0.30
CA THR A 77 11.18 1.65 -0.46
C THR A 77 11.95 1.68 0.86
N TYR A 78 11.24 1.99 1.94
CA TYR A 78 11.86 2.04 3.26
C TYR A 78 12.31 0.66 3.72
N ILE A 79 11.48 -0.35 3.44
CA ILE A 79 11.80 -1.73 3.82
C ILE A 79 13.08 -2.20 3.14
N ASP A 80 13.23 -1.85 1.86
CA ASP A 80 14.41 -2.24 1.10
C ASP A 80 15.68 -1.70 1.75
N LEU A 81 15.67 -0.40 2.06
CA LEU A 81 16.82 0.24 2.69
C LEU A 81 17.23 -0.48 3.96
N LYS A 82 16.26 -0.65 4.87
CA LYS A 82 16.52 -1.33 6.13
C LYS A 82 17.14 -2.71 5.90
N GLU A 83 16.44 -3.54 5.14
CA GLU A 83 16.91 -4.89 4.85
C GLU A 83 18.38 -4.86 4.43
N SER A 84 18.69 -4.05 3.42
CA SER A 84 20.05 -3.92 2.92
C SER A 84 21.06 -4.08 4.07
N GLY A 85 22.07 -4.92 3.84
CA GLY A 85 23.09 -5.15 4.86
C GLY A 85 23.82 -3.87 5.23
N PRO A 86 25.01 -4.04 5.84
CA PRO A 86 25.83 -2.90 6.26
C PRO A 86 26.44 -2.15 5.08
N SER A 87 26.73 -0.87 5.29
CA SER A 87 27.30 -0.03 4.24
C SER A 87 26.26 0.31 3.18
N SER A 88 25.00 0.39 3.61
CA SER A 88 23.90 0.70 2.70
C SER A 88 24.01 2.14 2.20
N GLY A 89 24.05 2.30 0.88
CA GLY A 89 24.14 3.63 0.31
C GLY A 89 23.72 3.66 -1.15
N GLY A 1 -19.29 -14.26 0.36
CA GLY A 1 -18.87 -14.22 -1.03
C GLY A 1 -19.54 -13.11 -1.81
N SER A 2 -18.74 -12.30 -2.49
CA SER A 2 -19.26 -11.19 -3.27
C SER A 2 -19.82 -11.68 -4.61
N SER A 3 -20.45 -10.77 -5.35
CA SER A 3 -21.03 -11.10 -6.64
C SER A 3 -20.43 -10.26 -7.75
N GLY A 4 -20.29 -8.96 -7.49
CA GLY A 4 -19.72 -8.05 -8.48
C GLY A 4 -19.96 -6.60 -8.14
N SER A 5 -19.48 -6.17 -6.97
CA SER A 5 -19.65 -4.80 -6.53
C SER A 5 -18.66 -3.87 -7.23
N SER A 6 -19.18 -2.95 -8.05
CA SER A 6 -18.33 -2.02 -8.77
C SER A 6 -18.07 -0.76 -7.94
N GLY A 7 -17.03 -0.03 -8.30
CA GLY A 7 -16.69 1.19 -7.58
C GLY A 7 -15.20 1.49 -7.62
N SER A 8 -14.86 2.77 -7.47
CA SER A 8 -13.47 3.20 -7.50
C SER A 8 -12.99 3.59 -6.10
N ILE A 9 -13.69 4.54 -5.50
CA ILE A 9 -13.35 5.02 -4.16
C ILE A 9 -13.09 3.85 -3.22
N LEU A 10 -14.08 2.98 -3.09
CA LEU A 10 -13.96 1.81 -2.21
C LEU A 10 -12.68 1.04 -2.50
N LYS A 11 -12.51 0.64 -3.75
CA LYS A 11 -11.32 -0.10 -4.17
C LYS A 11 -10.05 0.54 -3.59
N ILE A 12 -9.86 1.82 -3.88
CA ILE A 12 -8.69 2.54 -3.41
C ILE A 12 -8.64 2.55 -1.88
N GLU A 13 -9.80 2.73 -1.25
CA GLU A 13 -9.88 2.75 0.21
C GLU A 13 -9.27 1.49 0.80
N LYS A 14 -9.61 0.34 0.22
CA LYS A 14 -9.10 -0.94 0.70
C LYS A 14 -7.58 -0.92 0.77
N VAL A 15 -6.94 -0.44 -0.30
CA VAL A 15 -5.49 -0.36 -0.36
C VAL A 15 -4.93 0.41 0.83
N LEU A 16 -5.31 1.68 0.94
CA LEU A 16 -4.84 2.53 2.03
C LEU A 16 -5.21 1.92 3.38
N LYS A 17 -6.51 1.70 3.59
CA LYS A 17 -6.99 1.12 4.84
C LYS A 17 -5.98 0.12 5.40
N ARG A 18 -5.80 -0.99 4.68
CA ARG A 18 -4.87 -2.03 5.10
C ARG A 18 -3.46 -1.45 5.30
N MET A 19 -3.03 -0.64 4.34
CA MET A 19 -1.71 -0.03 4.39
C MET A 19 -1.47 0.64 5.75
N ARG A 20 -2.47 1.40 6.20
CA ARG A 20 -2.37 2.09 7.47
C ARG A 20 -2.03 1.12 8.60
N GLU A 21 -2.74 0.01 8.65
CA GLU A 21 -2.52 -1.00 9.68
C GLU A 21 -1.10 -1.55 9.59
N ILE A 22 -0.75 -2.11 8.43
CA ILE A 22 0.57 -2.67 8.21
C ILE A 22 1.66 -1.67 8.56
N LYS A 23 1.27 -0.40 8.67
CA LYS A 23 2.22 0.67 9.00
C LYS A 23 2.40 0.78 10.50
N ASN A 24 1.29 0.92 11.22
CA ASN A 24 1.32 1.04 12.68
C ASN A 24 1.87 -0.24 13.31
N GLU A 25 1.64 -1.37 12.65
CA GLU A 25 2.11 -2.66 13.15
C GLU A 25 3.62 -2.77 13.04
N LEU A 26 4.17 -2.30 11.92
CA LEU A 26 5.61 -2.35 11.69
C LEU A 26 6.34 -1.38 12.62
N LEU A 27 5.74 -0.22 12.85
CA LEU A 27 6.34 0.78 13.72
C LEU A 27 6.38 0.30 15.16
N GLN A 28 5.26 -0.26 15.63
CA GLN A 28 5.17 -0.77 16.99
C GLN A 28 6.03 -2.01 17.17
N ALA A 29 5.84 -2.98 16.27
CA ALA A 29 6.59 -4.23 16.33
C ALA A 29 8.03 -3.98 16.80
N GLN A 30 8.60 -4.97 17.46
CA GLN A 30 9.98 -4.85 17.97
C GLN A 30 10.97 -5.45 16.98
N ASN A 31 10.75 -6.71 16.61
CA ASN A 31 11.63 -7.40 15.67
C ASN A 31 10.91 -7.67 14.36
N PRO A 32 10.72 -6.60 13.57
CA PRO A 32 10.04 -6.70 12.26
C PRO A 32 10.88 -7.44 11.23
N SER A 33 12.06 -7.89 11.64
CA SER A 33 12.96 -8.61 10.76
C SER A 33 12.17 -9.47 9.76
N GLU A 34 11.33 -10.35 10.29
CA GLU A 34 10.52 -11.24 9.46
C GLU A 34 9.42 -10.45 8.74
N LEU A 35 8.84 -9.48 9.44
CA LEU A 35 7.78 -8.66 8.88
C LEU A 35 8.21 -8.06 7.54
N TYR A 36 9.44 -7.57 7.49
CA TYR A 36 9.97 -6.97 6.27
C TYR A 36 9.49 -7.73 5.04
N LEU A 37 9.53 -9.05 5.12
CA LEU A 37 9.09 -9.90 4.00
C LEU A 37 7.57 -9.82 3.83
N SER A 38 6.85 -10.14 4.89
CA SER A 38 5.39 -10.12 4.85
C SER A 38 4.88 -8.75 4.44
N SER A 39 5.11 -7.76 5.29
CA SER A 39 4.67 -6.39 5.01
C SER A 39 4.81 -6.07 3.53
N LYS A 40 6.01 -6.27 3.00
CA LYS A 40 6.28 -6.00 1.58
C LYS A 40 5.34 -6.79 0.69
N THR A 41 5.40 -8.11 0.80
CA THR A 41 4.55 -8.99 0.00
C THR A 41 3.12 -8.48 -0.03
N GLU A 42 2.49 -8.42 1.14
CA GLU A 42 1.12 -7.96 1.25
C GLU A 42 0.95 -6.59 0.60
N LEU A 43 1.65 -5.59 1.14
CA LEU A 43 1.57 -4.24 0.60
C LEU A 43 1.55 -4.25 -0.93
N GLN A 44 2.59 -4.81 -1.52
CA GLN A 44 2.69 -4.88 -2.98
C GLN A 44 1.36 -5.34 -3.58
N GLY A 45 0.95 -6.55 -3.25
CA GLY A 45 -0.29 -7.09 -3.77
C GLY A 45 -1.42 -6.08 -3.72
N LEU A 46 -1.65 -5.52 -2.55
CA LEU A 46 -2.71 -4.52 -2.36
C LEU A 46 -2.64 -3.45 -3.44
N ILE A 47 -1.50 -2.76 -3.51
CA ILE A 47 -1.30 -1.71 -4.49
C ILE A 47 -1.81 -2.13 -5.86
N GLY A 48 -1.47 -3.35 -6.28
CA GLY A 48 -1.91 -3.85 -7.56
C GLY A 48 -3.33 -3.41 -7.90
N GLN A 49 -4.15 -3.27 -6.88
CA GLN A 49 -5.54 -2.85 -7.07
C GLN A 49 -5.62 -1.41 -7.57
N LEU A 50 -4.81 -0.55 -6.97
CA LEU A 50 -4.79 0.86 -7.35
C LEU A 50 -4.80 1.02 -8.87
N ASP A 51 -3.79 0.46 -9.52
CA ASP A 51 -3.68 0.53 -10.97
C ASP A 51 -5.01 0.15 -11.64
N GLU A 52 -5.69 -0.83 -11.05
CA GLU A 52 -6.97 -1.28 -11.58
C GLU A 52 -8.05 -0.20 -11.42
N VAL A 53 -7.97 0.53 -10.31
CA VAL A 53 -8.93 1.59 -10.04
C VAL A 53 -9.01 2.58 -11.19
N SER A 54 -9.81 2.25 -12.20
CA SER A 54 -9.97 3.12 -13.36
C SER A 54 -10.52 4.48 -12.95
N LEU A 55 -9.69 5.51 -13.08
CA LEU A 55 -10.09 6.86 -12.72
C LEU A 55 -11.40 7.24 -13.41
N GLU A 56 -12.10 8.21 -12.82
CA GLU A 56 -13.37 8.66 -13.38
C GLU A 56 -13.33 10.15 -13.69
N LYS A 57 -14.46 10.69 -14.11
CA LYS A 57 -14.57 12.11 -14.44
C LYS A 57 -14.56 12.97 -13.18
N ASN A 58 -13.42 12.97 -12.47
CA ASN A 58 -13.28 13.75 -11.25
C ASN A 58 -11.85 13.67 -10.72
N PRO A 59 -11.38 14.79 -10.15
CA PRO A 59 -10.03 14.87 -9.58
C PRO A 59 -9.86 14.04 -8.32
N CYS A 60 -10.87 14.08 -7.45
CA CYS A 60 -10.84 13.32 -6.21
C CYS A 60 -10.44 11.87 -6.47
N ILE A 61 -11.01 11.28 -7.50
CA ILE A 61 -10.71 9.90 -7.86
C ILE A 61 -9.34 9.78 -8.52
N ARG A 62 -9.21 10.35 -9.71
CA ARG A 62 -7.95 10.32 -10.44
C ARG A 62 -6.77 10.53 -9.49
N GLU A 63 -6.88 11.52 -8.62
CA GLU A 63 -5.82 11.83 -7.67
C GLU A 63 -5.61 10.67 -6.70
N ALA A 64 -6.62 10.37 -5.90
CA ALA A 64 -6.54 9.29 -4.93
C ALA A 64 -5.70 8.14 -5.48
N ARG A 65 -5.85 7.85 -6.76
CA ARG A 65 -5.11 6.77 -7.40
C ARG A 65 -3.61 7.02 -7.31
N ARG A 66 -3.19 8.22 -7.70
CA ARG A 66 -1.78 8.60 -7.67
C ARG A 66 -1.30 8.77 -6.23
N ARG A 67 -1.92 9.69 -5.51
CA ARG A 67 -1.55 9.96 -4.13
C ARG A 67 -1.27 8.66 -3.38
N ALA A 68 -2.25 7.76 -3.34
CA ALA A 68 -2.09 6.48 -2.67
C ALA A 68 -0.81 5.78 -3.10
N VAL A 69 -0.73 5.46 -4.39
CA VAL A 69 0.45 4.78 -4.94
C VAL A 69 1.72 5.25 -4.23
N ILE A 70 1.85 6.56 -4.05
CA ILE A 70 3.02 7.13 -3.40
C ILE A 70 3.02 6.79 -1.91
N GLU A 71 1.97 7.19 -1.20
CA GLU A 71 1.85 6.93 0.23
C GLU A 71 2.29 5.50 0.55
N VAL A 72 1.73 4.54 -0.19
CA VAL A 72 2.05 3.13 0.02
C VAL A 72 3.49 2.83 -0.38
N GLN A 73 3.80 3.02 -1.66
CA GLN A 73 5.14 2.78 -2.18
C GLN A 73 6.20 3.26 -1.19
N THR A 74 5.93 4.39 -0.54
CA THR A 74 6.86 4.96 0.43
C THR A 74 7.32 3.90 1.43
N LEU A 75 6.38 3.11 1.90
CA LEU A 75 6.69 2.06 2.87
C LEU A 75 7.66 1.04 2.28
N ILE A 76 7.29 0.48 1.13
CA ILE A 76 8.13 -0.50 0.45
C ILE A 76 9.58 -0.04 0.37
N THR A 77 9.78 1.15 -0.19
CA THR A 77 11.13 1.72 -0.32
C THR A 77 11.87 1.68 1.01
N TYR A 78 11.19 2.10 2.07
CA TYR A 78 11.79 2.13 3.39
C TYR A 78 12.35 0.76 3.77
N ILE A 79 11.55 -0.28 3.55
CA ILE A 79 11.97 -1.64 3.85
C ILE A 79 13.23 -2.02 3.06
N ASP A 80 13.14 -1.96 1.75
CA ASP A 80 14.27 -2.29 0.89
C ASP A 80 15.58 -1.77 1.48
N LEU A 81 15.67 -0.46 1.65
CA LEU A 81 16.87 0.16 2.22
C LEU A 81 17.34 -0.59 3.45
N LYS A 82 16.42 -0.85 4.38
CA LYS A 82 16.74 -1.57 5.60
C LYS A 82 17.25 -2.96 5.29
N GLU A 83 16.42 -3.78 4.67
CA GLU A 83 16.79 -5.14 4.31
C GLU A 83 18.24 -5.21 3.85
N SER A 84 18.62 -4.25 3.01
CA SER A 84 19.99 -4.20 2.48
C SER A 84 20.89 -3.35 3.38
N GLY A 85 21.94 -3.98 3.89
CA GLY A 85 22.87 -3.27 4.76
C GLY A 85 24.19 -4.00 4.91
N PRO A 86 24.92 -3.69 6.00
CA PRO A 86 26.21 -4.31 6.28
C PRO A 86 26.08 -5.78 6.65
N SER A 87 26.39 -6.66 5.70
CA SER A 87 26.30 -8.09 5.93
C SER A 87 27.47 -8.82 5.26
N SER A 88 28.02 -9.81 5.97
CA SER A 88 29.15 -10.57 5.46
C SER A 88 28.82 -11.21 4.12
N GLY A 89 27.78 -12.05 4.11
CA GLY A 89 27.38 -12.71 2.89
C GLY A 89 25.97 -12.33 2.46
N GLY A 1 -21.88 -9.90 6.89
CA GLY A 1 -21.91 -11.25 6.32
C GLY A 1 -20.69 -11.55 5.49
N SER A 2 -20.84 -11.49 4.17
CA SER A 2 -19.72 -11.78 3.27
C SER A 2 -19.64 -10.72 2.16
N SER A 3 -18.44 -10.53 1.61
CA SER A 3 -18.23 -9.56 0.56
C SER A 3 -19.09 -9.87 -0.66
N GLY A 4 -19.31 -8.86 -1.50
CA GLY A 4 -20.12 -9.06 -2.69
C GLY A 4 -20.24 -7.79 -3.51
N SER A 5 -20.81 -6.75 -2.92
CA SER A 5 -20.99 -5.48 -3.60
C SER A 5 -19.67 -4.97 -4.17
N SER A 6 -19.67 -4.64 -5.46
CA SER A 6 -18.48 -4.14 -6.13
C SER A 6 -18.50 -2.62 -6.24
N GLY A 7 -17.44 -1.99 -5.76
CA GLY A 7 -17.35 -0.53 -5.81
C GLY A 7 -16.02 -0.04 -6.34
N SER A 8 -15.92 1.25 -6.58
CA SER A 8 -14.69 1.85 -7.10
C SER A 8 -14.02 2.72 -6.05
N ILE A 9 -14.82 3.55 -5.39
CA ILE A 9 -14.31 4.44 -4.36
C ILE A 9 -13.74 3.65 -3.18
N LEU A 10 -14.52 2.71 -2.68
CA LEU A 10 -14.09 1.89 -1.55
C LEU A 10 -12.75 1.22 -1.85
N LYS A 11 -12.68 0.52 -2.98
CA LYS A 11 -11.45 -0.16 -3.39
C LYS A 11 -10.22 0.63 -2.95
N ILE A 12 -10.09 1.85 -3.48
CA ILE A 12 -8.96 2.71 -3.13
C ILE A 12 -8.74 2.76 -1.63
N GLU A 13 -9.81 3.07 -0.90
CA GLU A 13 -9.73 3.15 0.56
C GLU A 13 -9.10 1.90 1.15
N LYS A 14 -9.26 0.78 0.44
CA LYS A 14 -8.70 -0.49 0.90
C LYS A 14 -7.18 -0.48 0.79
N VAL A 15 -6.67 -0.09 -0.37
CA VAL A 15 -5.23 -0.04 -0.61
C VAL A 15 -4.53 0.77 0.48
N LEU A 16 -5.20 1.81 0.96
CA LEU A 16 -4.64 2.66 2.00
C LEU A 16 -4.89 2.07 3.38
N LYS A 17 -6.09 1.53 3.58
CA LYS A 17 -6.46 0.92 4.86
C LYS A 17 -5.34 0.05 5.39
N ARG A 18 -4.83 -0.84 4.55
CA ARG A 18 -3.75 -1.74 4.94
C ARG A 18 -2.42 -0.99 5.01
N MET A 19 -2.36 0.17 4.35
CA MET A 19 -1.14 0.98 4.34
C MET A 19 -0.93 1.63 5.70
N ARG A 20 -2.02 2.09 6.32
CA ARG A 20 -1.94 2.74 7.62
C ARG A 20 -2.09 1.71 8.75
N GLU A 21 -2.35 0.46 8.37
CA GLU A 21 -2.51 -0.60 9.35
C GLU A 21 -1.25 -1.45 9.46
N ILE A 22 -0.69 -1.82 8.30
CA ILE A 22 0.52 -2.63 8.27
C ILE A 22 1.72 -1.83 8.74
N LYS A 23 1.65 -0.51 8.61
CA LYS A 23 2.73 0.37 9.04
C LYS A 23 2.76 0.51 10.55
N ASN A 24 1.60 0.65 11.15
CA ASN A 24 1.49 0.79 12.60
C ASN A 24 1.94 -0.49 13.31
N GLU A 25 1.49 -1.63 12.79
CA GLU A 25 1.83 -2.92 13.37
C GLU A 25 3.34 -3.14 13.33
N LEU A 26 3.97 -2.67 12.26
CA LEU A 26 5.42 -2.81 12.10
C LEU A 26 6.17 -1.94 13.10
N LEU A 27 5.64 -0.77 13.38
CA LEU A 27 6.25 0.15 14.33
C LEU A 27 6.17 -0.40 15.75
N GLN A 28 5.02 -0.96 16.10
CA GLN A 28 4.82 -1.52 17.43
C GLN A 28 5.24 -2.99 17.47
N ALA A 29 5.73 -3.49 16.34
CA ALA A 29 6.17 -4.87 16.26
C ALA A 29 7.52 -5.06 16.92
N GLN A 30 7.60 -6.05 17.81
CA GLN A 30 8.84 -6.33 18.52
C GLN A 30 9.94 -6.74 17.55
N ASN A 31 9.67 -7.73 16.71
CA ASN A 31 10.64 -8.20 15.74
C ASN A 31 10.23 -7.80 14.33
N PRO A 32 10.43 -6.52 13.99
CA PRO A 32 10.10 -5.97 12.68
C PRO A 32 11.02 -6.50 11.58
N SER A 33 12.05 -7.24 11.98
CA SER A 33 13.01 -7.80 11.03
C SER A 33 12.32 -8.81 10.11
N GLU A 34 11.75 -9.84 10.70
CA GLU A 34 11.07 -10.88 9.94
C GLU A 34 9.81 -10.33 9.28
N LEU A 35 9.41 -9.13 9.68
CA LEU A 35 8.22 -8.49 9.15
C LEU A 35 8.55 -7.71 7.87
N TYR A 36 9.71 -7.07 7.88
CA TYR A 36 10.15 -6.28 6.72
C TYR A 36 9.73 -6.96 5.42
N LEU A 37 9.70 -8.28 5.43
CA LEU A 37 9.33 -9.05 4.24
C LEU A 37 7.82 -8.99 4.03
N SER A 38 7.07 -9.68 4.89
CA SER A 38 5.62 -9.71 4.77
C SER A 38 5.07 -8.33 4.39
N SER A 39 5.16 -7.40 5.32
CA SER A 39 4.67 -6.03 5.08
C SER A 39 4.96 -5.59 3.65
N LYS A 40 6.02 -6.16 3.08
CA LYS A 40 6.41 -5.82 1.71
C LYS A 40 5.62 -6.65 0.70
N THR A 41 5.90 -7.95 0.66
CA THR A 41 5.21 -8.85 -0.26
C THR A 41 3.74 -8.50 -0.37
N GLU A 42 3.11 -8.21 0.76
CA GLU A 42 1.70 -7.86 0.79
C GLU A 42 1.47 -6.45 0.24
N LEU A 43 2.19 -5.48 0.81
CA LEU A 43 2.07 -4.10 0.38
C LEU A 43 2.07 -3.99 -1.15
N GLN A 44 2.78 -4.90 -1.80
CA GLN A 44 2.85 -4.93 -3.25
C GLN A 44 1.50 -5.30 -3.86
N GLY A 45 0.84 -6.28 -3.27
CA GLY A 45 -0.45 -6.72 -3.77
C GLY A 45 -1.46 -5.58 -3.84
N LEU A 46 -1.75 -4.98 -2.69
CA LEU A 46 -2.69 -3.87 -2.64
C LEU A 46 -2.57 -2.97 -3.86
N ILE A 47 -1.38 -2.39 -4.04
CA ILE A 47 -1.13 -1.51 -5.18
C ILE A 47 -1.88 -1.99 -6.42
N GLY A 48 -1.76 -3.29 -6.71
CA GLY A 48 -2.44 -3.85 -7.87
C GLY A 48 -3.86 -3.34 -8.02
N GLN A 49 -4.59 -3.32 -6.92
CA GLN A 49 -5.98 -2.86 -6.94
C GLN A 49 -6.08 -1.47 -7.58
N LEU A 50 -5.10 -0.62 -7.29
CA LEU A 50 -5.08 0.72 -7.85
C LEU A 50 -5.17 0.69 -9.36
N ASP A 51 -4.47 -0.25 -9.97
CA ASP A 51 -4.47 -0.39 -11.43
C ASP A 51 -5.88 -0.65 -11.95
N GLU A 52 -6.68 -1.35 -11.15
CA GLU A 52 -8.04 -1.68 -11.54
C GLU A 52 -8.86 -0.40 -11.74
N VAL A 53 -8.95 0.41 -10.69
CA VAL A 53 -9.70 1.66 -10.76
C VAL A 53 -9.06 2.63 -11.74
N SER A 54 -9.82 2.99 -12.78
CA SER A 54 -9.33 3.91 -13.80
C SER A 54 -9.58 5.36 -13.39
N LEU A 55 -8.99 6.29 -14.12
CA LEU A 55 -9.15 7.71 -13.85
C LEU A 55 -10.59 8.16 -14.13
N GLU A 56 -11.48 7.92 -13.17
CA GLU A 56 -12.87 8.30 -13.32
C GLU A 56 -13.00 9.77 -13.74
N LYS A 57 -14.23 10.23 -13.88
CA LYS A 57 -14.48 11.61 -14.28
C LYS A 57 -14.19 12.56 -13.13
N ASN A 58 -14.57 12.17 -11.92
CA ASN A 58 -14.35 13.00 -10.74
C ASN A 58 -12.87 13.02 -10.37
N PRO A 59 -12.40 14.18 -9.88
CA PRO A 59 -11.00 14.36 -9.48
C PRO A 59 -10.66 13.58 -8.21
N CYS A 60 -11.66 13.37 -7.36
CA CYS A 60 -11.47 12.64 -6.11
C CYS A 60 -10.77 11.31 -6.36
N ILE A 61 -10.85 10.84 -7.60
CA ILE A 61 -10.22 9.57 -7.98
C ILE A 61 -8.82 9.80 -8.56
N ARG A 62 -8.77 10.49 -9.70
CA ARG A 62 -7.51 10.77 -10.36
C ARG A 62 -6.42 11.10 -9.33
N GLU A 63 -6.84 11.67 -8.21
CA GLU A 63 -5.90 12.04 -7.15
C GLU A 63 -5.64 10.85 -6.22
N ALA A 64 -6.69 10.39 -5.56
CA ALA A 64 -6.59 9.26 -4.64
C ALA A 64 -5.72 8.16 -5.23
N ARG A 65 -6.05 7.74 -6.45
CA ARG A 65 -5.30 6.69 -7.12
C ARG A 65 -3.81 7.00 -7.14
N ARG A 66 -3.47 8.14 -7.72
CA ARG A 66 -2.07 8.57 -7.81
C ARG A 66 -1.44 8.65 -6.43
N ARG A 67 -1.93 9.57 -5.60
CA ARG A 67 -1.42 9.75 -4.26
C ARG A 67 -1.10 8.41 -3.62
N ALA A 68 -2.04 7.47 -3.69
CA ALA A 68 -1.87 6.15 -3.12
C ALA A 68 -0.55 5.53 -3.58
N VAL A 69 -0.40 5.37 -4.89
CA VAL A 69 0.80 4.79 -5.47
C VAL A 69 2.04 5.24 -4.71
N ILE A 70 2.03 6.49 -4.24
CA ILE A 70 3.15 7.04 -3.49
C ILE A 70 3.04 6.71 -2.00
N GLU A 71 1.83 6.85 -1.47
CA GLU A 71 1.59 6.56 -0.06
C GLU A 71 1.75 5.07 0.24
N VAL A 72 1.93 4.29 -0.81
CA VAL A 72 2.10 2.84 -0.68
C VAL A 72 3.51 2.42 -1.05
N GLN A 73 4.07 3.07 -2.07
CA GLN A 73 5.42 2.76 -2.53
C GLN A 73 6.46 3.24 -1.53
N THR A 74 6.10 4.26 -0.74
CA THR A 74 7.00 4.81 0.25
C THR A 74 7.43 3.76 1.26
N LEU A 75 6.52 2.86 1.59
CA LEU A 75 6.81 1.79 2.54
C LEU A 75 7.64 0.69 1.89
N ILE A 76 7.13 0.13 0.80
CA ILE A 76 7.83 -0.93 0.09
C ILE A 76 9.31 -0.59 -0.07
N THR A 77 9.61 0.67 -0.38
CA THR A 77 10.98 1.11 -0.56
C THR A 77 11.68 1.29 0.78
N TYR A 78 10.97 1.89 1.74
CA TYR A 78 11.53 2.12 3.06
C TYR A 78 12.06 0.82 3.66
N ILE A 79 11.30 -0.26 3.49
CA ILE A 79 11.70 -1.56 4.01
C ILE A 79 12.93 -2.10 3.30
N ASP A 80 12.87 -2.10 1.97
CA ASP A 80 13.99 -2.58 1.17
C ASP A 80 15.28 -1.87 1.55
N LEU A 81 15.23 -0.55 1.66
CA LEU A 81 16.39 0.25 2.01
C LEU A 81 17.04 -0.28 3.29
N LYS A 82 16.23 -0.42 4.35
CA LYS A 82 16.72 -0.92 5.61
C LYS A 82 17.24 -2.34 5.48
N GLU A 83 16.39 -3.25 5.01
CA GLU A 83 16.77 -4.64 4.83
C GLU A 83 18.13 -4.75 4.13
N SER A 84 18.25 -4.09 2.98
CA SER A 84 19.48 -4.13 2.22
C SER A 84 20.69 -3.91 3.13
N GLY A 85 21.37 -5.00 3.46
CA GLY A 85 22.53 -4.92 4.32
C GLY A 85 23.57 -5.97 4.02
N PRO A 86 23.54 -7.09 4.76
CA PRO A 86 24.47 -8.20 4.57
C PRO A 86 24.23 -8.95 3.27
N SER A 87 25.07 -8.69 2.28
CA SER A 87 24.94 -9.34 0.97
C SER A 87 26.31 -9.53 0.32
N SER A 88 26.37 -10.39 -0.68
CA SER A 88 27.62 -10.67 -1.39
C SER A 88 28.19 -9.38 -1.99
N GLY A 89 29.41 -9.48 -2.53
CA GLY A 89 30.04 -8.33 -3.13
C GLY A 89 30.61 -7.37 -2.10
N GLY A 1 -23.70 -15.06 -4.45
CA GLY A 1 -23.72 -13.60 -4.55
C GLY A 1 -22.67 -13.07 -5.49
N SER A 2 -21.94 -12.05 -5.04
CA SER A 2 -20.90 -11.43 -5.86
C SER A 2 -21.48 -10.89 -7.16
N SER A 3 -22.63 -10.25 -7.06
CA SER A 3 -23.30 -9.68 -8.24
C SER A 3 -23.56 -8.19 -8.05
N GLY A 4 -22.98 -7.39 -8.95
CA GLY A 4 -23.15 -5.95 -8.86
C GLY A 4 -22.23 -5.31 -7.85
N SER A 5 -20.92 -5.50 -8.04
CA SER A 5 -19.92 -4.94 -7.13
C SER A 5 -19.02 -3.95 -7.86
N SER A 6 -19.15 -2.67 -7.50
CA SER A 6 -18.35 -1.62 -8.12
C SER A 6 -18.30 -0.38 -7.24
N GLY A 7 -17.17 0.33 -7.29
CA GLY A 7 -17.01 1.53 -6.49
C GLY A 7 -15.57 1.97 -6.38
N SER A 8 -15.07 2.59 -7.46
CA SER A 8 -13.69 3.06 -7.48
C SER A 8 -13.26 3.60 -6.12
N ILE A 9 -14.13 4.40 -5.51
CA ILE A 9 -13.84 4.98 -4.20
C ILE A 9 -13.39 3.91 -3.21
N LEU A 10 -14.22 2.87 -3.05
CA LEU A 10 -13.89 1.78 -2.14
C LEU A 10 -12.62 1.07 -2.57
N LYS A 11 -12.59 0.59 -3.81
CA LYS A 11 -11.43 -0.10 -4.34
C LYS A 11 -10.14 0.49 -3.80
N ILE A 12 -10.10 1.82 -3.72
CA ILE A 12 -8.93 2.52 -3.22
C ILE A 12 -8.91 2.55 -1.70
N GLU A 13 -10.06 2.85 -1.10
CA GLU A 13 -10.17 2.91 0.35
C GLU A 13 -9.38 1.78 1.00
N LYS A 14 -9.55 0.57 0.47
CA LYS A 14 -8.85 -0.59 1.00
C LYS A 14 -7.33 -0.43 0.87
N VAL A 15 -6.88 -0.07 -0.33
CA VAL A 15 -5.46 0.12 -0.59
C VAL A 15 -4.79 0.87 0.55
N LEU A 16 -5.35 2.02 0.90
CA LEU A 16 -4.81 2.84 1.98
C LEU A 16 -5.15 2.25 3.34
N LYS A 17 -6.43 2.02 3.58
CA LYS A 17 -6.89 1.44 4.85
C LYS A 17 -5.89 0.42 5.37
N ARG A 18 -5.61 -0.60 4.57
CA ARG A 18 -4.67 -1.64 4.96
C ARG A 18 -3.25 -1.09 5.01
N MET A 19 -2.85 -0.38 3.96
CA MET A 19 -1.52 0.20 3.90
C MET A 19 -1.11 0.81 5.23
N ARG A 20 -1.95 1.72 5.74
CA ARG A 20 -1.68 2.38 7.01
C ARG A 20 -1.48 1.36 8.12
N GLU A 21 -2.46 0.47 8.27
CA GLU A 21 -2.39 -0.57 9.30
C GLU A 21 -1.03 -1.27 9.28
N ILE A 22 -0.73 -1.94 8.17
CA ILE A 22 0.53 -2.65 8.02
C ILE A 22 1.67 -1.89 8.70
N LYS A 23 1.73 -0.59 8.46
CA LYS A 23 2.77 0.24 9.05
C LYS A 23 2.77 0.12 10.57
N ASN A 24 1.72 0.63 11.20
CA ASN A 24 1.59 0.57 12.66
C ASN A 24 2.06 -0.78 13.19
N GLU A 25 1.66 -1.85 12.52
CA GLU A 25 2.03 -3.21 12.92
C GLU A 25 3.55 -3.36 12.94
N LEU A 26 4.21 -2.78 11.95
CA LEU A 26 5.67 -2.85 11.87
C LEU A 26 6.32 -1.90 12.85
N LEU A 27 5.71 -0.74 13.04
CA LEU A 27 6.23 0.26 13.97
C LEU A 27 6.26 -0.28 15.40
N GLN A 28 5.19 -0.95 15.79
CA GLN A 28 5.09 -1.52 17.13
C GLN A 28 5.98 -2.76 17.26
N ALA A 29 5.85 -3.69 16.31
CA ALA A 29 6.63 -4.91 16.31
C ALA A 29 8.06 -4.64 16.78
N GLN A 30 8.52 -5.42 17.75
CA GLN A 30 9.87 -5.27 18.29
C GLN A 30 10.91 -5.79 17.30
N ASN A 31 10.79 -7.07 16.95
CA ASN A 31 11.71 -7.70 16.01
C ASN A 31 11.03 -8.01 14.69
N PRO A 32 10.79 -6.95 13.89
CA PRO A 32 10.14 -7.08 12.59
C PRO A 32 11.03 -7.78 11.56
N SER A 33 12.21 -8.20 12.00
CA SER A 33 13.15 -8.87 11.12
C SER A 33 12.42 -9.73 10.09
N GLU A 34 11.37 -10.41 10.54
CA GLU A 34 10.58 -11.26 9.66
C GLU A 34 9.51 -10.46 8.94
N LEU A 35 8.93 -9.50 9.63
CA LEU A 35 7.88 -8.66 9.06
C LEU A 35 8.39 -7.94 7.81
N TYR A 36 9.61 -7.42 7.88
CA TYR A 36 10.20 -6.71 6.75
C TYR A 36 9.78 -7.34 5.43
N LEU A 37 9.86 -8.66 5.35
CA LEU A 37 9.49 -9.38 4.14
C LEU A 37 7.98 -9.27 3.89
N SER A 38 7.20 -9.78 4.83
CA SER A 38 5.74 -9.75 4.71
C SER A 38 5.25 -8.32 4.50
N SER A 39 5.48 -7.46 5.50
CA SER A 39 5.05 -6.07 5.42
C SER A 39 5.24 -5.53 4.00
N LYS A 40 6.21 -6.06 3.29
CA LYS A 40 6.50 -5.64 1.92
C LYS A 40 5.63 -6.41 0.93
N THR A 41 5.92 -7.69 0.76
CA THR A 41 5.17 -8.53 -0.16
C THR A 41 3.69 -8.15 -0.18
N GLU A 42 3.13 -7.95 1.01
CA GLU A 42 1.72 -7.58 1.13
C GLU A 42 1.46 -6.22 0.50
N LEU A 43 2.21 -5.21 0.94
CA LEU A 43 2.06 -3.86 0.41
C LEU A 43 1.84 -3.89 -1.10
N GLN A 44 2.75 -4.55 -1.81
CA GLN A 44 2.64 -4.66 -3.27
C GLN A 44 1.23 -5.03 -3.69
N GLY A 45 0.72 -6.11 -3.12
CA GLY A 45 -0.62 -6.57 -3.45
C GLY A 45 -1.62 -5.43 -3.52
N LEU A 46 -1.81 -4.75 -2.39
CA LEU A 46 -2.74 -3.63 -2.32
C LEU A 46 -2.72 -2.82 -3.61
N ILE A 47 -1.56 -2.23 -3.90
CA ILE A 47 -1.40 -1.43 -5.11
C ILE A 47 -2.22 -1.99 -6.26
N GLY A 48 -2.09 -3.30 -6.50
CA GLY A 48 -2.84 -3.94 -7.57
C GLY A 48 -4.22 -3.35 -7.75
N GLN A 49 -5.02 -3.39 -6.70
CA GLN A 49 -6.38 -2.86 -6.76
C GLN A 49 -6.41 -1.53 -7.52
N LEU A 50 -5.58 -0.59 -7.09
CA LEU A 50 -5.51 0.72 -7.73
C LEU A 50 -5.56 0.59 -9.24
N ASP A 51 -4.65 -0.20 -9.79
CA ASP A 51 -4.59 -0.41 -11.23
C ASP A 51 -5.99 -0.55 -11.82
N GLU A 52 -6.75 -1.49 -11.28
CA GLU A 52 -8.12 -1.73 -11.75
C GLU A 52 -8.89 -0.41 -11.87
N VAL A 53 -8.94 0.34 -10.77
CA VAL A 53 -9.65 1.62 -10.76
C VAL A 53 -9.28 2.47 -11.96
N SER A 54 -10.28 3.01 -12.62
CA SER A 54 -10.07 3.85 -13.80
C SER A 54 -10.35 5.32 -13.49
N LEU A 55 -9.29 6.06 -13.17
CA LEU A 55 -9.42 7.48 -12.84
C LEU A 55 -10.53 8.12 -13.67
N GLU A 56 -11.53 8.67 -12.99
CA GLU A 56 -12.64 9.32 -13.66
C GLU A 56 -12.33 10.79 -13.94
N LYS A 57 -13.16 11.43 -14.76
CA LYS A 57 -12.98 12.82 -15.10
C LYS A 57 -12.62 13.65 -13.87
N ASN A 58 -13.40 13.48 -12.80
CA ASN A 58 -13.16 14.20 -11.56
C ASN A 58 -11.76 13.93 -11.03
N PRO A 59 -11.14 14.96 -10.43
CA PRO A 59 -9.80 14.86 -9.86
C PRO A 59 -9.75 13.98 -8.62
N CYS A 60 -10.82 14.04 -7.83
CA CYS A 60 -10.90 13.25 -6.60
C CYS A 60 -10.59 11.78 -6.88
N ILE A 61 -11.22 11.24 -7.91
CA ILE A 61 -11.00 9.84 -8.28
C ILE A 61 -9.58 9.62 -8.79
N ARG A 62 -9.11 10.55 -9.63
CA ARG A 62 -7.78 10.45 -10.19
C ARG A 62 -6.71 10.58 -9.11
N GLU A 63 -6.62 11.78 -8.53
CA GLU A 63 -5.64 12.04 -7.48
C GLU A 63 -5.61 10.90 -6.47
N ALA A 64 -6.78 10.54 -5.96
CA ALA A 64 -6.90 9.46 -4.99
C ALA A 64 -6.02 8.27 -5.38
N ARG A 65 -6.19 7.80 -6.60
CA ARG A 65 -5.41 6.67 -7.10
C ARG A 65 -3.93 7.01 -7.15
N ARG A 66 -3.62 8.19 -7.69
CA ARG A 66 -2.23 8.63 -7.80
C ARG A 66 -1.55 8.63 -6.43
N ARG A 67 -2.04 9.49 -5.54
CA ARG A 67 -1.47 9.58 -4.20
C ARG A 67 -1.13 8.21 -3.64
N ALA A 68 -2.15 7.36 -3.51
CA ALA A 68 -1.96 6.00 -3.00
C ALA A 68 -0.67 5.40 -3.51
N VAL A 69 -0.54 5.30 -4.83
CA VAL A 69 0.66 4.74 -5.45
C VAL A 69 1.91 5.14 -4.68
N ILE A 70 2.07 6.44 -4.47
CA ILE A 70 3.23 6.96 -3.75
C ILE A 70 3.17 6.60 -2.27
N GLU A 71 2.13 7.07 -1.59
CA GLU A 71 1.95 6.79 -0.17
C GLU A 71 2.40 5.38 0.17
N VAL A 72 1.90 4.41 -0.60
CA VAL A 72 2.24 3.01 -0.39
C VAL A 72 3.72 2.75 -0.70
N GLN A 73 4.09 2.93 -1.96
CA GLN A 73 5.47 2.72 -2.38
C GLN A 73 6.45 3.19 -1.30
N THR A 74 6.19 4.37 -0.74
CA THR A 74 7.05 4.93 0.29
C THR A 74 7.49 3.85 1.28
N LEU A 75 6.54 3.10 1.79
CA LEU A 75 6.83 2.03 2.75
C LEU A 75 7.69 0.94 2.10
N ILE A 76 7.15 0.30 1.07
CA ILE A 76 7.88 -0.76 0.37
C ILE A 76 9.37 -0.42 0.27
N THR A 77 9.66 0.84 0.00
CA THR A 77 11.04 1.29 -0.12
C THR A 77 11.74 1.32 1.24
N TYR A 78 11.19 2.11 2.15
CA TYR A 78 11.75 2.23 3.49
C TYR A 78 12.32 0.90 3.96
N ILE A 79 11.51 -0.16 3.82
CA ILE A 79 11.93 -1.49 4.23
C ILE A 79 13.21 -1.93 3.51
N ASP A 80 13.11 -2.09 2.20
CA ASP A 80 14.26 -2.50 1.39
C ASP A 80 15.54 -1.85 1.90
N LEU A 81 15.45 -0.56 2.24
CA LEU A 81 16.61 0.17 2.75
C LEU A 81 17.06 -0.39 4.09
N LYS A 82 16.19 -0.29 5.08
CA LYS A 82 16.50 -0.79 6.43
C LYS A 82 17.07 -2.20 6.37
N GLU A 83 16.40 -3.07 5.61
CA GLU A 83 16.84 -4.45 5.47
C GLU A 83 18.36 -4.54 5.44
N SER A 84 18.99 -3.70 4.61
CA SER A 84 20.43 -3.69 4.50
C SER A 84 21.05 -2.73 5.52
N GLY A 85 22.16 -3.15 6.12
CA GLY A 85 22.83 -2.33 7.10
C GLY A 85 23.54 -1.15 6.47
N PRO A 86 24.85 -1.29 6.22
CA PRO A 86 25.67 -0.23 5.62
C PRO A 86 25.31 0.01 4.15
N SER A 87 24.31 0.86 3.92
CA SER A 87 23.88 1.18 2.56
C SER A 87 23.12 2.49 2.53
N SER A 88 23.48 3.36 1.59
CA SER A 88 22.84 4.66 1.45
C SER A 88 22.28 4.84 0.04
N GLY A 89 21.29 5.72 -0.09
CA GLY A 89 20.69 5.97 -1.39
C GLY A 89 20.16 7.39 -1.51
N GLY A 1 -26.25 -11.56 -4.38
CA GLY A 1 -25.64 -10.42 -5.05
C GLY A 1 -24.30 -10.78 -5.68
N SER A 2 -23.22 -10.36 -5.03
CA SER A 2 -21.88 -10.63 -5.54
C SER A 2 -20.92 -10.90 -4.39
N SER A 3 -19.84 -11.62 -4.69
CA SER A 3 -18.84 -11.95 -3.68
C SER A 3 -17.64 -11.03 -3.78
N GLY A 4 -17.91 -9.73 -3.98
CA GLY A 4 -16.83 -8.76 -4.10
C GLY A 4 -17.33 -7.34 -3.92
N SER A 5 -16.41 -6.44 -3.57
CA SER A 5 -16.76 -5.04 -3.37
C SER A 5 -16.60 -4.24 -4.67
N SER A 6 -17.73 -4.02 -5.35
CA SER A 6 -17.72 -3.28 -6.60
C SER A 6 -17.77 -1.77 -6.35
N GLY A 7 -16.61 -1.18 -6.10
CA GLY A 7 -16.55 0.25 -5.85
C GLY A 7 -15.19 0.84 -6.16
N SER A 8 -15.11 1.57 -7.26
CA SER A 8 -13.85 2.19 -7.68
C SER A 8 -13.22 2.95 -6.53
N ILE A 9 -14.02 3.75 -5.84
CA ILE A 9 -13.53 4.53 -4.71
C ILE A 9 -13.06 3.63 -3.58
N LEU A 10 -13.96 2.78 -3.09
CA LEU A 10 -13.63 1.86 -2.01
C LEU A 10 -12.29 1.18 -2.26
N LYS A 11 -12.10 0.68 -3.47
CA LYS A 11 -10.86 0.01 -3.85
C LYS A 11 -9.65 0.84 -3.43
N ILE A 12 -9.61 2.10 -3.86
CA ILE A 12 -8.51 2.99 -3.53
C ILE A 12 -8.40 3.19 -2.02
N GLU A 13 -9.56 3.21 -1.35
CA GLU A 13 -9.59 3.41 0.09
C GLU A 13 -8.92 2.23 0.81
N LYS A 14 -9.35 1.02 0.47
CA LYS A 14 -8.79 -0.18 1.07
C LYS A 14 -7.27 -0.22 0.94
N VAL A 15 -6.80 -0.11 -0.30
CA VAL A 15 -5.36 -0.12 -0.58
C VAL A 15 -4.59 0.62 0.51
N LEU A 16 -5.23 1.62 1.09
CA LEU A 16 -4.60 2.42 2.16
C LEU A 16 -5.05 1.95 3.53
N LYS A 17 -6.29 1.48 3.62
CA LYS A 17 -6.84 0.99 4.88
C LYS A 17 -5.86 0.04 5.56
N ARG A 18 -5.52 -1.04 4.86
CA ARG A 18 -4.60 -2.03 5.40
C ARG A 18 -3.22 -1.42 5.64
N MET A 19 -2.71 -0.71 4.63
CA MET A 19 -1.40 -0.08 4.73
C MET A 19 -1.20 0.54 6.11
N ARG A 20 -2.03 1.52 6.44
CA ARG A 20 -1.94 2.20 7.72
C ARG A 20 -1.68 1.20 8.84
N GLU A 21 -2.58 0.24 8.99
CA GLU A 21 -2.46 -0.78 10.02
C GLU A 21 -1.06 -1.39 10.02
N ILE A 22 -0.67 -1.97 8.89
CA ILE A 22 0.64 -2.59 8.76
C ILE A 22 1.73 -1.68 9.31
N LYS A 23 1.61 -0.39 9.03
CA LYS A 23 2.60 0.58 9.50
C LYS A 23 2.72 0.54 11.03
N ASN A 24 1.65 0.96 11.71
CA ASN A 24 1.63 0.97 13.17
C ASN A 24 2.16 -0.35 13.73
N GLU A 25 1.71 -1.45 13.13
CA GLU A 25 2.15 -2.78 13.57
C GLU A 25 3.66 -2.93 13.44
N LEU A 26 4.19 -2.55 12.28
CA LEU A 26 5.62 -2.65 12.01
C LEU A 26 6.40 -1.72 12.95
N LEU A 27 5.84 -0.55 13.21
CA LEU A 27 6.49 0.42 14.10
C LEU A 27 6.53 -0.09 15.53
N GLN A 28 5.51 -0.83 15.93
CA GLN A 28 5.43 -1.37 17.27
C GLN A 28 5.60 -2.89 17.25
N ALA A 29 6.45 -3.37 16.36
CA ALA A 29 6.71 -4.80 16.24
C ALA A 29 7.96 -5.20 17.02
N GLN A 30 7.95 -6.41 17.57
CA GLN A 30 9.08 -6.91 18.34
C GLN A 30 10.14 -7.51 17.42
N ASN A 31 9.70 -8.11 16.32
CA ASN A 31 10.62 -8.72 15.37
C ASN A 31 10.33 -8.23 13.94
N PRO A 32 10.83 -7.02 13.64
CA PRO A 32 10.65 -6.40 12.33
C PRO A 32 11.43 -7.12 11.23
N SER A 33 12.53 -7.76 11.62
CA SER A 33 13.37 -8.49 10.67
C SER A 33 12.59 -9.61 10.00
N GLU A 34 11.41 -9.92 10.54
CA GLU A 34 10.57 -10.97 10.00
C GLU A 34 9.32 -10.39 9.34
N LEU A 35 9.19 -9.06 9.41
CA LEU A 35 8.04 -8.38 8.82
C LEU A 35 8.44 -7.67 7.54
N TYR A 36 9.72 -7.33 7.41
CA TYR A 36 10.22 -6.65 6.24
C TYR A 36 9.70 -7.31 4.96
N LEU A 37 9.73 -8.64 4.94
CA LEU A 37 9.26 -9.40 3.78
C LEU A 37 7.75 -9.61 3.85
N SER A 38 7.25 -9.95 5.02
CA SER A 38 5.83 -10.19 5.22
C SER A 38 5.01 -8.96 4.83
N SER A 39 5.64 -7.79 4.91
CA SER A 39 4.98 -6.54 4.57
C SER A 39 5.23 -6.17 3.11
N LYS A 40 6.45 -5.73 2.82
CA LYS A 40 6.82 -5.35 1.45
C LYS A 40 6.13 -6.26 0.43
N THR A 41 5.91 -7.51 0.81
CA THR A 41 5.27 -8.48 -0.07
C THR A 41 3.76 -8.26 -0.10
N GLU A 42 3.15 -8.23 1.07
CA GLU A 42 1.71 -8.04 1.18
C GLU A 42 1.28 -6.72 0.53
N LEU A 43 2.03 -5.66 0.82
CA LEU A 43 1.74 -4.34 0.27
C LEU A 43 1.60 -4.41 -1.25
N GLN A 44 2.65 -4.92 -1.91
CA GLN A 44 2.65 -5.04 -3.36
C GLN A 44 1.29 -5.52 -3.87
N GLY A 45 0.69 -6.45 -3.14
CA GLY A 45 -0.61 -6.97 -3.53
C GLY A 45 -1.70 -5.94 -3.45
N LEU A 46 -1.73 -5.18 -2.36
CA LEU A 46 -2.74 -4.15 -2.16
C LEU A 46 -2.81 -3.22 -3.37
N ILE A 47 -1.68 -2.58 -3.68
CA ILE A 47 -1.61 -1.67 -4.82
C ILE A 47 -2.23 -2.29 -6.06
N GLY A 48 -1.88 -3.54 -6.33
CA GLY A 48 -2.41 -4.24 -7.50
C GLY A 48 -3.87 -3.87 -7.77
N GLN A 49 -4.65 -3.74 -6.71
CA GLN A 49 -6.06 -3.40 -6.84
C GLN A 49 -6.23 -2.05 -7.54
N LEU A 50 -5.43 -1.07 -7.13
CA LEU A 50 -5.50 0.25 -7.72
C LEU A 50 -5.66 0.17 -9.24
N ASP A 51 -5.00 -0.80 -9.84
CA ASP A 51 -5.07 -1.00 -11.29
C ASP A 51 -6.51 -0.99 -11.76
N GLU A 52 -7.33 -1.88 -11.18
CA GLU A 52 -8.73 -1.98 -11.55
C GLU A 52 -9.33 -0.59 -11.80
N VAL A 53 -9.16 0.29 -10.82
CA VAL A 53 -9.68 1.65 -10.93
C VAL A 53 -9.03 2.41 -12.08
N SER A 54 -9.84 2.86 -13.02
CA SER A 54 -9.35 3.59 -14.18
C SER A 54 -9.50 5.09 -13.98
N LEU A 55 -8.78 5.87 -14.77
CA LEU A 55 -8.82 7.32 -14.68
C LEU A 55 -10.18 7.85 -15.14
N GLU A 56 -11.20 7.67 -14.30
CA GLU A 56 -12.55 8.13 -14.61
C GLU A 56 -12.60 9.64 -14.70
N LYS A 57 -13.65 10.16 -15.33
CA LYS A 57 -13.82 11.60 -15.49
C LYS A 57 -14.07 12.26 -14.14
N ASN A 58 -12.99 12.53 -13.41
CA ASN A 58 -13.09 13.17 -12.10
C ASN A 58 -11.70 13.58 -11.59
N PRO A 59 -11.64 14.76 -10.95
CA PRO A 59 -10.39 15.29 -10.40
C PRO A 59 -9.90 14.49 -9.20
N CYS A 60 -10.80 14.22 -8.25
CA CYS A 60 -10.46 13.47 -7.06
C CYS A 60 -9.94 12.09 -7.42
N ILE A 61 -10.57 11.46 -8.41
CA ILE A 61 -10.17 10.13 -8.85
C ILE A 61 -8.78 10.15 -9.47
N ARG A 62 -8.57 11.04 -10.43
CA ARG A 62 -7.28 11.17 -11.09
C ARG A 62 -6.15 11.24 -10.08
N GLU A 63 -6.19 12.26 -9.22
CA GLU A 63 -5.17 12.42 -8.20
C GLU A 63 -5.18 11.26 -7.21
N ALA A 64 -6.31 11.07 -6.55
CA ALA A 64 -6.44 9.99 -5.58
C ALA A 64 -5.67 8.75 -6.01
N ARG A 65 -6.09 8.14 -7.11
CA ARG A 65 -5.43 6.96 -7.62
C ARG A 65 -3.93 7.02 -7.39
N ARG A 66 -3.29 8.06 -7.94
CA ARG A 66 -1.85 8.24 -7.79
C ARG A 66 -1.47 8.41 -6.33
N ARG A 67 -2.07 9.40 -5.67
CA ARG A 67 -1.78 9.67 -4.27
C ARG A 67 -1.59 8.35 -3.49
N ALA A 68 -2.54 7.44 -3.64
CA ALA A 68 -2.46 6.15 -2.97
C ALA A 68 -1.16 5.44 -3.28
N VAL A 69 -0.85 5.30 -4.57
CA VAL A 69 0.37 4.64 -5.00
C VAL A 69 1.57 5.14 -4.20
N ILE A 70 1.74 6.45 -4.15
CA ILE A 70 2.86 7.05 -3.43
C ILE A 70 2.78 6.70 -1.94
N GLU A 71 1.65 7.03 -1.31
CA GLU A 71 1.46 6.75 0.10
C GLU A 71 1.92 5.33 0.45
N VAL A 72 1.37 4.36 -0.28
CA VAL A 72 1.71 2.96 -0.05
C VAL A 72 3.19 2.70 -0.34
N GLN A 73 3.60 2.97 -1.58
CA GLN A 73 4.98 2.77 -1.98
C GLN A 73 5.95 3.29 -0.91
N THR A 74 5.59 4.41 -0.29
CA THR A 74 6.41 5.01 0.75
C THR A 74 7.05 3.94 1.63
N LEU A 75 6.23 3.03 2.13
CA LEU A 75 6.71 1.96 3.00
C LEU A 75 7.66 1.03 2.23
N ILE A 76 7.18 0.50 1.12
CA ILE A 76 7.99 -0.41 0.30
C ILE A 76 9.42 0.10 0.18
N THR A 77 9.57 1.42 0.04
CA THR A 77 10.88 2.04 -0.08
C THR A 77 11.61 2.04 1.26
N TYR A 78 10.88 2.35 2.33
CA TYR A 78 11.46 2.39 3.65
C TYR A 78 12.15 1.08 4.00
N ILE A 79 11.48 -0.03 3.69
CA ILE A 79 12.02 -1.36 3.96
C ILE A 79 13.22 -1.66 3.06
N ASP A 80 13.02 -1.48 1.75
CA ASP A 80 14.08 -1.73 0.78
C ASP A 80 15.41 -1.16 1.26
N LEU A 81 15.37 0.08 1.75
CA LEU A 81 16.57 0.74 2.24
C LEU A 81 17.11 0.05 3.50
N LYS A 82 16.25 -0.09 4.50
CA LYS A 82 16.62 -0.73 5.76
C LYS A 82 17.23 -2.10 5.49
N GLU A 83 16.45 -2.99 4.88
CA GLU A 83 16.91 -4.33 4.58
C GLU A 83 18.40 -4.34 4.23
N SER A 84 18.75 -3.60 3.18
CA SER A 84 20.13 -3.51 2.74
C SER A 84 21.01 -2.88 3.81
N GLY A 85 22.27 -3.29 3.87
CA GLY A 85 23.19 -2.75 4.85
C GLY A 85 23.47 -1.28 4.63
N PRO A 86 23.70 -0.55 5.72
CA PRO A 86 23.99 0.89 5.67
C PRO A 86 25.36 1.18 5.08
N SER A 87 25.37 1.81 3.91
CA SER A 87 26.62 2.14 3.23
C SER A 87 27.57 2.90 4.18
N SER A 88 28.86 2.64 4.04
CA SER A 88 29.86 3.30 4.88
C SER A 88 30.45 4.51 4.17
N GLY A 89 30.94 4.30 2.96
CA GLY A 89 31.52 5.39 2.19
C GLY A 89 30.70 6.66 2.29
N GLY A 1 -30.36 10.31 -1.73
CA GLY A 1 -30.32 9.10 -2.53
C GLY A 1 -28.93 8.82 -3.07
N SER A 2 -28.45 7.60 -2.88
CA SER A 2 -27.12 7.21 -3.35
C SER A 2 -27.21 5.96 -4.22
N SER A 3 -27.42 6.16 -5.52
CA SER A 3 -27.53 5.06 -6.46
C SER A 3 -26.22 4.88 -7.22
N GLY A 4 -25.39 3.93 -6.76
CA GLY A 4 -24.12 3.68 -7.41
C GLY A 4 -22.97 3.64 -6.43
N SER A 5 -22.95 2.62 -5.58
CA SER A 5 -21.90 2.47 -4.58
C SER A 5 -20.86 1.45 -5.04
N SER A 6 -20.30 1.67 -6.22
CA SER A 6 -19.30 0.76 -6.78
C SER A 6 -18.55 1.43 -7.93
N GLY A 7 -17.30 1.02 -8.12
CA GLY A 7 -16.49 1.58 -9.19
C GLY A 7 -15.04 1.73 -8.80
N SER A 8 -14.53 2.95 -8.88
CA SER A 8 -13.13 3.22 -8.52
C SER A 8 -13.04 4.04 -7.24
N ILE A 9 -13.92 3.73 -6.29
CA ILE A 9 -13.93 4.44 -5.02
C ILE A 9 -13.58 3.50 -3.87
N LEU A 10 -14.40 2.47 -3.67
CA LEU A 10 -14.17 1.49 -2.61
C LEU A 10 -12.92 0.67 -2.89
N LYS A 11 -12.43 0.75 -4.12
CA LYS A 11 -11.23 0.01 -4.52
C LYS A 11 -9.98 0.66 -3.94
N ILE A 12 -9.97 1.99 -3.95
CA ILE A 12 -8.82 2.74 -3.42
C ILE A 12 -8.89 2.86 -1.90
N GLU A 13 -10.11 2.81 -1.36
CA GLU A 13 -10.32 2.91 0.08
C GLU A 13 -9.60 1.78 0.80
N LYS A 14 -9.24 0.73 0.06
CA LYS A 14 -8.56 -0.41 0.63
C LYS A 14 -7.04 -0.26 0.53
N VAL A 15 -6.58 0.12 -0.66
CA VAL A 15 -5.15 0.30 -0.89
C VAL A 15 -4.53 1.21 0.16
N LEU A 16 -5.37 2.05 0.77
CA LEU A 16 -4.91 2.98 1.79
C LEU A 16 -5.25 2.46 3.19
N LYS A 17 -6.32 1.69 3.29
CA LYS A 17 -6.76 1.13 4.56
C LYS A 17 -5.64 0.30 5.18
N ARG A 18 -5.41 -0.90 4.64
CA ARG A 18 -4.37 -1.78 5.16
C ARG A 18 -3.04 -1.05 5.28
N MET A 19 -2.69 -0.29 4.24
CA MET A 19 -1.43 0.46 4.24
C MET A 19 -1.22 1.16 5.58
N ARG A 20 -2.27 1.80 6.09
CA ARG A 20 -2.20 2.51 7.35
C ARG A 20 -1.88 1.56 8.49
N GLU A 21 -2.64 0.47 8.59
CA GLU A 21 -2.45 -0.52 9.63
C GLU A 21 -1.08 -1.20 9.49
N ILE A 22 -0.91 -1.94 8.39
CA ILE A 22 0.34 -2.63 8.14
C ILE A 22 1.53 -1.82 8.61
N LYS A 23 1.43 -0.50 8.49
CA LYS A 23 2.50 0.40 8.91
C LYS A 23 2.68 0.36 10.42
N ASN A 24 1.62 0.70 11.15
CA ASN A 24 1.67 0.69 12.61
C ASN A 24 2.19 -0.64 13.13
N GLU A 25 1.71 -1.74 12.54
CA GLU A 25 2.13 -3.07 12.96
C GLU A 25 3.65 -3.17 12.98
N LEU A 26 4.30 -2.49 12.05
CA LEU A 26 5.75 -2.51 11.96
C LEU A 26 6.37 -1.60 13.02
N LEU A 27 5.65 -0.53 13.38
CA LEU A 27 6.14 0.41 14.37
C LEU A 27 6.20 -0.23 15.76
N GLN A 28 5.10 -0.86 16.16
CA GLN A 28 5.02 -1.51 17.46
C GLN A 28 5.94 -2.74 17.50
N ALA A 29 5.86 -3.57 16.45
CA ALA A 29 6.68 -4.76 16.37
C ALA A 29 8.07 -4.53 16.95
N GLN A 30 8.55 -5.49 17.74
CA GLN A 30 9.86 -5.38 18.36
C GLN A 30 10.93 -6.03 17.48
N ASN A 31 10.57 -7.14 16.85
CA ASN A 31 11.50 -7.86 15.99
C ASN A 31 10.97 -7.93 14.56
N PRO A 32 10.95 -6.78 13.87
CA PRO A 32 10.47 -6.68 12.49
C PRO A 32 11.41 -7.36 11.50
N SER A 33 12.47 -7.97 12.03
CA SER A 33 13.45 -8.66 11.19
C SER A 33 12.75 -9.68 10.27
N GLU A 34 11.51 -10.00 10.60
CA GLU A 34 10.74 -10.96 9.81
C GLU A 34 9.58 -10.27 9.09
N LEU A 35 8.99 -9.28 9.76
CA LEU A 35 7.87 -8.54 9.18
C LEU A 35 8.29 -7.86 7.88
N TYR A 36 9.58 -7.60 7.74
CA TYR A 36 10.10 -6.95 6.55
C TYR A 36 9.57 -7.63 5.28
N LEU A 37 9.69 -8.94 5.23
CA LEU A 37 9.23 -9.72 4.08
C LEU A 37 7.71 -9.64 3.96
N SER A 38 7.01 -9.96 5.03
CA SER A 38 5.55 -9.93 5.04
C SER A 38 5.04 -8.55 4.62
N SER A 39 5.20 -7.58 5.50
CA SER A 39 4.75 -6.21 5.22
C SER A 39 4.92 -5.88 3.74
N LYS A 40 6.17 -5.85 3.30
CA LYS A 40 6.49 -5.54 1.90
C LYS A 40 5.53 -6.27 0.97
N THR A 41 5.59 -7.60 0.98
CA THR A 41 4.74 -8.41 0.13
C THR A 41 3.32 -7.86 0.09
N GLU A 42 2.67 -7.83 1.25
CA GLU A 42 1.31 -7.34 1.35
C GLU A 42 1.15 -6.02 0.61
N LEU A 43 1.98 -5.04 0.96
CA LEU A 43 1.94 -3.73 0.33
C LEU A 43 1.89 -3.86 -1.19
N GLN A 44 2.89 -4.52 -1.75
CA GLN A 44 2.96 -4.73 -3.20
C GLN A 44 1.60 -5.14 -3.76
N GLY A 45 0.93 -6.06 -3.05
CA GLY A 45 -0.36 -6.53 -3.49
C GLY A 45 -1.40 -5.42 -3.55
N LEU A 46 -1.54 -4.69 -2.45
CA LEU A 46 -2.50 -3.59 -2.38
C LEU A 46 -2.45 -2.75 -3.65
N ILE A 47 -1.26 -2.26 -3.98
CA ILE A 47 -1.06 -1.43 -5.17
C ILE A 47 -1.77 -2.05 -6.38
N GLY A 48 -1.70 -3.36 -6.49
CA GLY A 48 -2.33 -4.05 -7.60
C GLY A 48 -3.79 -3.67 -7.76
N GLN A 49 -4.47 -3.42 -6.64
CA GLN A 49 -5.88 -3.05 -6.67
C GLN A 49 -6.08 -1.72 -7.40
N LEU A 50 -5.01 -0.93 -7.49
CA LEU A 50 -5.07 0.36 -8.16
C LEU A 50 -5.00 0.19 -9.67
N ASP A 51 -4.56 -0.99 -10.11
CA ASP A 51 -4.45 -1.28 -11.53
C ASP A 51 -5.81 -1.16 -12.22
N GLU A 52 -6.81 -1.84 -11.65
CA GLU A 52 -8.16 -1.81 -12.21
C GLU A 52 -8.84 -0.48 -11.92
N VAL A 53 -8.27 0.28 -11.00
CA VAL A 53 -8.82 1.58 -10.62
C VAL A 53 -8.39 2.66 -11.62
N SER A 54 -9.30 3.00 -12.53
CA SER A 54 -9.01 4.01 -13.54
C SER A 54 -9.42 5.40 -13.05
N LEU A 55 -8.88 6.44 -13.69
CA LEU A 55 -9.19 7.81 -13.32
C LEU A 55 -10.63 8.17 -13.68
N GLU A 56 -11.30 8.89 -12.79
CA GLU A 56 -12.68 9.29 -13.01
C GLU A 56 -12.80 10.81 -13.11
N LYS A 57 -13.91 11.28 -13.67
CA LYS A 57 -14.14 12.71 -13.82
C LYS A 57 -13.78 13.47 -12.55
N ASN A 58 -14.43 13.10 -11.45
CA ASN A 58 -14.18 13.75 -10.16
C ASN A 58 -12.70 13.65 -9.79
N PRO A 59 -12.18 14.74 -9.21
CA PRO A 59 -10.77 14.80 -8.78
C PRO A 59 -10.47 13.90 -7.60
N CYS A 60 -11.53 13.37 -7.00
CA CYS A 60 -11.38 12.48 -5.85
C CYS A 60 -10.68 11.18 -6.24
N ILE A 61 -11.15 10.56 -7.32
CA ILE A 61 -10.57 9.32 -7.80
C ILE A 61 -9.14 9.54 -8.31
N ARG A 62 -8.97 10.58 -9.12
CA ARG A 62 -7.66 10.91 -9.68
C ARG A 62 -6.61 10.98 -8.58
N GLU A 63 -6.74 11.97 -7.70
CA GLU A 63 -5.80 12.15 -6.61
C GLU A 63 -5.66 10.86 -5.80
N ALA A 64 -6.72 10.51 -5.08
CA ALA A 64 -6.72 9.30 -4.25
C ALA A 64 -5.89 8.20 -4.90
N ARG A 65 -6.16 7.93 -6.18
CA ARG A 65 -5.44 6.89 -6.91
C ARG A 65 -3.94 7.19 -6.93
N ARG A 66 -3.57 8.33 -7.53
CA ARG A 66 -2.18 8.72 -7.62
C ARG A 66 -1.55 8.84 -6.23
N ARG A 67 -2.07 9.76 -5.43
CA ARG A 67 -1.55 9.97 -4.08
C ARG A 67 -1.24 8.64 -3.41
N ALA A 68 -2.10 7.65 -3.64
CA ALA A 68 -1.92 6.32 -3.07
C ALA A 68 -0.62 5.67 -3.57
N VAL A 69 -0.54 5.50 -4.88
CA VAL A 69 0.64 4.89 -5.49
C VAL A 69 1.92 5.31 -4.76
N ILE A 70 2.09 6.60 -4.59
CA ILE A 70 3.26 7.14 -3.91
C ILE A 70 3.27 6.75 -2.44
N GLU A 71 2.25 7.19 -1.72
CA GLU A 71 2.14 6.88 -0.29
C GLU A 71 2.56 5.43 -0.01
N VAL A 72 1.89 4.49 -0.67
CA VAL A 72 2.20 3.07 -0.50
C VAL A 72 3.65 2.78 -0.87
N GLN A 73 3.98 3.04 -2.12
CA GLN A 73 5.34 2.80 -2.62
C GLN A 73 6.37 3.31 -1.63
N THR A 74 6.05 4.40 -0.94
CA THR A 74 6.95 4.99 0.03
C THR A 74 7.38 3.96 1.08
N LEU A 75 6.42 3.18 1.55
CA LEU A 75 6.68 2.15 2.55
C LEU A 75 7.61 1.07 2.00
N ILE A 76 7.28 0.57 0.81
CA ILE A 76 8.08 -0.47 0.17
C ILE A 76 9.56 -0.10 0.18
N THR A 77 9.86 1.12 -0.26
CA THR A 77 11.24 1.60 -0.29
C THR A 77 11.88 1.55 1.09
N TYR A 78 11.17 2.09 2.08
CA TYR A 78 11.67 2.12 3.45
C TYR A 78 12.06 0.72 3.91
N ILE A 79 11.14 -0.23 3.77
CA ILE A 79 11.39 -1.60 4.17
C ILE A 79 12.54 -2.21 3.38
N ASP A 80 12.48 -2.05 2.06
CA ASP A 80 13.52 -2.58 1.18
C ASP A 80 14.91 -2.21 1.71
N LEU A 81 15.20 -0.91 1.75
CA LEU A 81 16.49 -0.44 2.23
C LEU A 81 16.91 -1.18 3.50
N LYS A 82 16.05 -1.14 4.52
CA LYS A 82 16.34 -1.80 5.78
C LYS A 82 16.79 -3.24 5.55
N GLU A 83 15.98 -4.00 4.82
CA GLU A 83 16.29 -5.40 4.52
C GLU A 83 17.73 -5.52 4.00
N SER A 84 18.05 -4.71 3.00
CA SER A 84 19.38 -4.74 2.40
C SER A 84 20.46 -4.63 3.47
N GLY A 85 21.54 -5.38 3.27
CA GLY A 85 22.64 -5.35 4.24
C GLY A 85 23.48 -4.10 4.12
N PRO A 86 24.59 -4.20 3.38
CA PRO A 86 25.51 -3.07 3.18
C PRO A 86 24.91 -1.97 2.31
N SER A 87 24.90 -0.75 2.82
CA SER A 87 24.35 0.39 2.10
C SER A 87 24.64 1.69 2.82
N SER A 88 25.54 2.49 2.25
CA SER A 88 25.91 3.77 2.85
C SER A 88 26.08 4.84 1.78
N GLY A 89 26.25 6.09 2.22
CA GLY A 89 26.42 7.18 1.28
C GLY A 89 25.83 8.48 1.80
N GLY A 1 -21.92 -14.26 -1.94
CA GLY A 1 -21.02 -15.34 -1.56
C GLY A 1 -19.62 -15.15 -2.12
N SER A 2 -19.10 -13.93 -2.00
CA SER A 2 -17.77 -13.62 -2.49
C SER A 2 -17.65 -13.94 -3.98
N SER A 3 -18.67 -13.56 -4.74
CA SER A 3 -18.69 -13.81 -6.18
C SER A 3 -18.44 -12.52 -6.96
N GLY A 4 -19.10 -11.44 -6.54
CA GLY A 4 -18.94 -10.17 -7.21
C GLY A 4 -18.54 -9.05 -6.25
N SER A 5 -17.82 -8.06 -6.76
CA SER A 5 -17.39 -6.94 -5.94
C SER A 5 -16.98 -5.75 -6.81
N SER A 6 -17.64 -4.62 -6.59
CA SER A 6 -17.36 -3.41 -7.36
C SER A 6 -17.34 -2.19 -6.45
N GLY A 7 -16.74 -1.11 -6.94
CA GLY A 7 -16.65 0.11 -6.17
C GLY A 7 -15.29 0.77 -6.26
N SER A 8 -15.18 1.78 -7.12
CA SER A 8 -13.92 2.50 -7.31
C SER A 8 -13.42 3.06 -5.98
N ILE A 9 -14.30 3.75 -5.27
CA ILE A 9 -13.94 4.34 -3.98
C ILE A 9 -13.50 3.28 -2.99
N LEU A 10 -14.40 2.36 -2.67
CA LEU A 10 -14.09 1.28 -1.73
C LEU A 10 -12.79 0.59 -2.10
N LYS A 11 -12.63 0.29 -3.38
CA LYS A 11 -11.43 -0.37 -3.88
C LYS A 11 -10.17 0.37 -3.41
N ILE A 12 -10.13 1.67 -3.67
CA ILE A 12 -8.98 2.49 -3.28
C ILE A 12 -8.88 2.59 -1.76
N GLU A 13 -10.03 2.61 -1.09
CA GLU A 13 -10.07 2.70 0.36
C GLU A 13 -9.25 1.58 1.00
N LYS A 14 -9.61 0.34 0.68
CA LYS A 14 -8.92 -0.83 1.23
C LYS A 14 -7.42 -0.69 1.05
N VAL A 15 -7.00 -0.36 -0.18
CA VAL A 15 -5.58 -0.19 -0.48
C VAL A 15 -4.85 0.53 0.65
N LEU A 16 -5.41 1.65 1.08
CA LEU A 16 -4.82 2.44 2.15
C LEU A 16 -5.14 1.83 3.52
N LYS A 17 -6.43 1.58 3.77
CA LYS A 17 -6.85 1.00 5.03
C LYS A 17 -5.82 -0.01 5.54
N ARG A 18 -5.53 -1.03 4.73
CA ARG A 18 -4.57 -2.04 5.10
C ARG A 18 -3.16 -1.46 5.19
N MET A 19 -2.85 -0.55 4.28
CA MET A 19 -1.53 0.08 4.25
C MET A 19 -1.22 0.73 5.59
N ARG A 20 -2.09 1.65 6.02
CA ARG A 20 -1.90 2.34 7.29
C ARG A 20 -1.69 1.35 8.43
N GLU A 21 -2.49 0.29 8.44
CA GLU A 21 -2.39 -0.73 9.48
C GLU A 21 -1.02 -1.41 9.44
N ILE A 22 -0.70 -2.00 8.30
CA ILE A 22 0.58 -2.69 8.13
C ILE A 22 1.75 -1.75 8.37
N LYS A 23 1.48 -0.45 8.28
CA LYS A 23 2.51 0.56 8.49
C LYS A 23 2.73 0.82 9.97
N ASN A 24 1.64 0.87 10.73
CA ASN A 24 1.70 1.10 12.16
C ASN A 24 2.15 -0.16 12.90
N GLU A 25 1.89 -1.32 12.30
CA GLU A 25 2.26 -2.59 12.90
C GLU A 25 3.76 -2.85 12.73
N LEU A 26 4.32 -2.33 11.64
CA LEU A 26 5.74 -2.51 11.36
C LEU A 26 6.58 -1.57 12.22
N LEU A 27 6.04 -0.40 12.52
CA LEU A 27 6.75 0.58 13.35
C LEU A 27 6.79 0.13 14.81
N GLN A 28 5.62 -0.16 15.37
CA GLN A 28 5.53 -0.60 16.75
C GLN A 28 6.22 -1.94 16.95
N ALA A 29 5.97 -2.87 16.02
CA ALA A 29 6.57 -4.20 16.10
C ALA A 29 7.97 -4.13 16.68
N GLN A 30 8.33 -5.13 17.49
CA GLN A 30 9.65 -5.19 18.10
C GLN A 30 10.66 -5.82 17.16
N ASN A 31 10.34 -7.02 16.67
CA ASN A 31 11.22 -7.73 15.76
C ASN A 31 10.62 -7.81 14.36
N PRO A 32 10.58 -6.65 13.68
CA PRO A 32 10.03 -6.57 12.32
C PRO A 32 10.91 -7.26 11.28
N SER A 33 12.00 -7.87 11.76
CA SER A 33 12.92 -8.56 10.87
C SER A 33 12.17 -9.35 9.81
N GLU A 34 11.17 -10.12 10.24
CA GLU A 34 10.38 -10.93 9.32
C GLU A 34 9.31 -10.07 8.63
N LEU A 35 8.78 -9.10 9.36
CA LEU A 35 7.75 -8.22 8.83
C LEU A 35 8.26 -7.49 7.59
N TYR A 36 9.58 -7.28 7.53
CA TYR A 36 10.19 -6.60 6.39
C TYR A 36 9.73 -7.21 5.07
N LEU A 37 9.74 -8.54 5.01
CA LEU A 37 9.33 -9.25 3.81
C LEU A 37 7.84 -9.52 3.81
N SER A 38 7.36 -10.20 4.86
CA SER A 38 5.95 -10.52 4.99
C SER A 38 5.08 -9.32 4.62
N SER A 39 5.34 -8.20 5.28
CA SER A 39 4.57 -6.98 5.04
C SER A 39 4.69 -6.56 3.58
N LYS A 40 5.92 -6.33 3.13
CA LYS A 40 6.17 -5.91 1.75
C LYS A 40 5.31 -6.72 0.78
N THR A 41 5.53 -8.04 0.76
CA THR A 41 4.78 -8.91 -0.13
C THR A 41 3.32 -8.48 -0.24
N GLU A 42 2.67 -8.33 0.90
CA GLU A 42 1.27 -7.91 0.94
C GLU A 42 1.11 -6.53 0.34
N LEU A 43 1.78 -5.54 0.93
CA LEU A 43 1.71 -4.16 0.46
C LEU A 43 1.62 -4.11 -1.06
N GLN A 44 2.59 -4.74 -1.73
CA GLN A 44 2.61 -4.77 -3.19
C GLN A 44 1.27 -5.20 -3.75
N GLY A 45 0.65 -6.19 -3.11
CA GLY A 45 -0.63 -6.68 -3.56
C GLY A 45 -1.70 -5.59 -3.57
N LEU A 46 -1.92 -4.99 -2.40
CA LEU A 46 -2.92 -3.93 -2.28
C LEU A 46 -2.86 -2.98 -3.47
N ILE A 47 -1.66 -2.52 -3.79
CA ILE A 47 -1.47 -1.60 -4.92
C ILE A 47 -2.16 -2.12 -6.17
N GLY A 48 -2.03 -3.42 -6.42
CA GLY A 48 -2.65 -4.02 -7.58
C GLY A 48 -4.08 -3.58 -7.77
N GLN A 49 -4.77 -3.30 -6.67
CA GLN A 49 -6.15 -2.85 -6.73
C GLN A 49 -6.27 -1.49 -7.40
N LEU A 50 -5.30 -0.63 -7.15
CA LEU A 50 -5.30 0.71 -7.73
C LEU A 50 -5.30 0.64 -9.25
N ASP A 51 -4.36 -0.12 -9.81
CA ASP A 51 -4.25 -0.28 -11.25
C ASP A 51 -5.63 -0.36 -11.89
N GLU A 52 -6.54 -1.07 -11.23
CA GLU A 52 -7.90 -1.23 -11.73
C GLU A 52 -8.57 0.13 -11.93
N VAL A 53 -8.52 0.97 -10.89
CA VAL A 53 -9.12 2.29 -10.96
C VAL A 53 -8.36 3.19 -11.92
N SER A 54 -9.11 3.94 -12.73
CA SER A 54 -8.51 4.84 -13.71
C SER A 54 -9.28 6.16 -13.76
N LEU A 55 -8.81 7.07 -14.62
CA LEU A 55 -9.45 8.37 -14.78
C LEU A 55 -10.94 8.21 -15.08
N GLU A 56 -11.78 8.54 -14.09
CA GLU A 56 -13.22 8.43 -14.26
C GLU A 56 -13.83 9.79 -14.58
N LYS A 57 -13.01 10.68 -15.14
CA LYS A 57 -13.48 12.02 -15.50
C LYS A 57 -13.67 12.88 -14.25
N ASN A 58 -12.89 12.59 -13.21
CA ASN A 58 -12.98 13.34 -11.97
C ASN A 58 -11.59 13.58 -11.39
N PRO A 59 -11.37 14.79 -10.85
CA PRO A 59 -10.09 15.19 -10.26
C PRO A 59 -9.81 14.45 -8.95
N CYS A 60 -10.81 13.72 -8.46
CA CYS A 60 -10.67 12.97 -7.22
C CYS A 60 -10.03 11.61 -7.48
N ILE A 61 -10.42 10.98 -8.58
CA ILE A 61 -9.89 9.67 -8.94
C ILE A 61 -8.43 9.77 -9.38
N ARG A 62 -8.08 10.90 -10.00
CA ARG A 62 -6.72 11.12 -10.47
C ARG A 62 -5.78 11.39 -9.30
N GLU A 63 -6.34 11.86 -8.20
CA GLU A 63 -5.55 12.16 -7.01
C GLU A 63 -5.52 10.97 -6.06
N ALA A 64 -6.69 10.53 -5.63
CA ALA A 64 -6.80 9.40 -4.72
C ALA A 64 -5.89 8.26 -5.15
N ARG A 65 -5.82 8.02 -6.45
CA ARG A 65 -4.98 6.96 -7.00
C ARG A 65 -3.50 7.28 -6.80
N ARG A 66 -3.02 8.30 -7.52
CA ARG A 66 -1.63 8.70 -7.44
C ARG A 66 -1.18 8.81 -5.98
N ARG A 67 -1.91 9.60 -5.21
CA ARG A 67 -1.60 9.79 -3.79
C ARG A 67 -1.36 8.45 -3.10
N ALA A 68 -2.30 7.52 -3.27
CA ALA A 68 -2.19 6.20 -2.67
C ALA A 68 -0.91 5.51 -3.10
N VAL A 69 -0.70 5.41 -4.41
CA VAL A 69 0.49 4.77 -4.95
C VAL A 69 1.73 5.14 -4.14
N ILE A 70 1.87 6.43 -3.84
CA ILE A 70 3.01 6.91 -3.07
C ILE A 70 2.89 6.50 -1.60
N GLU A 71 1.79 6.89 -0.97
CA GLU A 71 1.55 6.56 0.43
C GLU A 71 1.86 5.09 0.70
N VAL A 72 1.67 4.26 -0.31
CA VAL A 72 1.93 2.83 -0.17
C VAL A 72 3.39 2.49 -0.50
N GLN A 73 3.82 2.92 -1.68
CA GLN A 73 5.19 2.67 -2.11
C GLN A 73 6.20 3.16 -1.08
N THR A 74 5.81 4.19 -0.34
CA THR A 74 6.67 4.76 0.69
C THR A 74 7.27 3.67 1.58
N LEU A 75 6.43 2.73 1.97
CA LEU A 75 6.86 1.63 2.83
C LEU A 75 7.83 0.71 2.08
N ILE A 76 7.39 0.20 0.93
CA ILE A 76 8.22 -0.68 0.13
C ILE A 76 9.66 -0.20 0.09
N THR A 77 9.85 1.10 -0.04
CA THR A 77 11.18 1.69 -0.09
C THR A 77 11.83 1.68 1.29
N TYR A 78 11.06 2.07 2.30
CA TYR A 78 11.56 2.13 3.67
C TYR A 78 12.14 0.77 4.09
N ILE A 79 11.45 -0.30 3.70
CA ILE A 79 11.90 -1.64 4.03
C ILE A 79 13.17 -2.00 3.27
N ASP A 80 13.18 -1.70 1.97
CA ASP A 80 14.33 -1.99 1.13
C ASP A 80 15.62 -1.44 1.75
N LEU A 81 15.54 -0.23 2.28
CA LEU A 81 16.69 0.41 2.90
C LEU A 81 17.09 -0.33 4.17
N LYS A 82 16.14 -0.47 5.09
CA LYS A 82 16.40 -1.16 6.35
C LYS A 82 16.99 -2.54 6.11
N GLU A 83 16.48 -3.23 5.09
CA GLU A 83 16.94 -4.56 4.76
C GLU A 83 18.47 -4.61 4.74
N SER A 84 19.09 -3.56 4.24
CA SER A 84 20.54 -3.48 4.16
C SER A 84 21.16 -3.48 5.55
N GLY A 85 21.75 -4.60 5.94
CA GLY A 85 22.37 -4.71 7.24
C GLY A 85 23.74 -5.38 7.18
N PRO A 86 23.77 -6.69 7.44
CA PRO A 86 25.02 -7.47 7.43
C PRO A 86 25.58 -7.63 6.02
N SER A 87 24.79 -7.24 5.02
CA SER A 87 25.20 -7.35 3.63
C SER A 87 26.13 -6.19 3.25
N SER A 88 27.44 -6.47 3.24
CA SER A 88 28.43 -5.46 2.89
C SER A 88 28.06 -4.76 1.59
N GLY A 89 28.31 -3.45 1.54
CA GLY A 89 28.00 -2.69 0.34
C GLY A 89 28.65 -3.26 -0.90
N GLY A 1 -30.50 -5.49 2.62
CA GLY A 1 -31.23 -5.05 1.44
C GLY A 1 -30.32 -4.59 0.33
N SER A 2 -29.28 -3.85 0.68
CA SER A 2 -28.33 -3.35 -0.30
C SER A 2 -28.05 -4.40 -1.37
N SER A 3 -28.51 -4.12 -2.59
CA SER A 3 -28.30 -5.05 -3.71
C SER A 3 -26.98 -4.78 -4.40
N GLY A 4 -25.93 -4.53 -3.60
CA GLY A 4 -24.62 -4.27 -4.16
C GLY A 4 -24.34 -2.79 -4.29
N SER A 5 -23.38 -2.30 -3.50
CA SER A 5 -23.01 -0.89 -3.52
C SER A 5 -21.51 -0.72 -3.54
N SER A 6 -20.93 -0.69 -4.74
CA SER A 6 -19.48 -0.55 -4.90
C SER A 6 -19.17 0.36 -6.09
N GLY A 7 -17.89 0.73 -6.21
CA GLY A 7 -17.47 1.58 -7.30
C GLY A 7 -15.97 1.65 -7.44
N SER A 8 -15.46 2.81 -7.83
CA SER A 8 -14.03 3.01 -8.00
C SER A 8 -13.40 3.62 -6.75
N ILE A 9 -14.04 4.66 -6.23
CA ILE A 9 -13.54 5.34 -5.03
C ILE A 9 -13.15 4.32 -3.96
N LEU A 10 -13.90 3.23 -3.88
CA LEU A 10 -13.63 2.18 -2.90
C LEU A 10 -12.31 1.48 -3.20
N LYS A 11 -12.15 1.04 -4.44
CA LYS A 11 -10.94 0.36 -4.86
C LYS A 11 -9.71 0.95 -4.17
N ILE A 12 -9.51 2.25 -4.36
CA ILE A 12 -8.38 2.94 -3.75
C ILE A 12 -8.50 2.96 -2.23
N GLU A 13 -9.62 3.46 -1.73
CA GLU A 13 -9.86 3.53 -0.30
C GLU A 13 -9.37 2.27 0.40
N LYS A 14 -9.46 1.14 -0.29
CA LYS A 14 -9.02 -0.13 0.26
C LYS A 14 -7.50 -0.21 0.31
N VAL A 15 -6.86 0.01 -0.83
CA VAL A 15 -5.41 -0.03 -0.92
C VAL A 15 -4.76 0.76 0.22
N LEU A 16 -5.48 1.77 0.70
CA LEU A 16 -4.98 2.61 1.79
C LEU A 16 -5.49 2.11 3.13
N LYS A 17 -6.72 1.61 3.13
CA LYS A 17 -7.34 1.09 4.36
C LYS A 17 -6.37 0.22 5.13
N ARG A 18 -5.88 -0.84 4.48
CA ARG A 18 -4.94 -1.76 5.11
C ARG A 18 -3.58 -1.09 5.32
N MET A 19 -3.11 -0.38 4.29
CA MET A 19 -1.84 0.30 4.36
C MET A 19 -1.57 0.82 5.76
N ARG A 20 -2.60 1.37 6.39
CA ARG A 20 -2.49 1.90 7.74
C ARG A 20 -2.06 0.82 8.73
N GLU A 21 -2.77 -0.30 8.71
CA GLU A 21 -2.46 -1.42 9.60
C GLU A 21 -1.02 -1.88 9.41
N ILE A 22 -0.76 -2.50 8.27
CA ILE A 22 0.58 -3.00 7.96
C ILE A 22 1.66 -2.08 8.54
N LYS A 23 1.48 -0.78 8.35
CA LYS A 23 2.44 0.20 8.86
C LYS A 23 2.51 0.15 10.38
N ASN A 24 1.38 0.40 11.03
CA ASN A 24 1.32 0.38 12.49
C ASN A 24 1.92 -0.91 13.04
N GLU A 25 1.56 -2.03 12.43
CA GLU A 25 2.06 -3.32 12.86
C GLU A 25 3.59 -3.34 12.85
N LEU A 26 4.18 -2.64 11.91
CA LEU A 26 5.64 -2.57 11.79
C LEU A 26 6.21 -1.57 12.79
N LEU A 27 5.51 -0.47 12.99
CA LEU A 27 5.95 0.57 13.92
C LEU A 27 6.03 0.02 15.34
N GLN A 28 5.07 -0.83 15.69
CA GLN A 28 5.02 -1.43 17.02
C GLN A 28 6.02 -2.58 17.14
N ALA A 29 6.00 -3.47 16.16
CA ALA A 29 6.90 -4.61 16.16
C ALA A 29 8.32 -4.20 16.54
N GLN A 30 8.89 -4.91 17.50
CA GLN A 30 10.24 -4.62 17.96
C GLN A 30 11.28 -5.30 17.08
N ASN A 31 10.96 -6.51 16.63
CA ASN A 31 11.88 -7.27 15.77
C ASN A 31 11.30 -7.42 14.37
N PRO A 32 11.20 -6.30 13.65
CA PRO A 32 10.68 -6.29 12.28
C PRO A 32 11.61 -6.97 11.29
N SER A 33 12.75 -7.43 11.78
CA SER A 33 13.74 -8.10 10.94
C SER A 33 13.08 -9.22 10.12
N GLU A 34 11.92 -9.66 10.57
CA GLU A 34 11.18 -10.72 9.88
C GLU A 34 9.94 -10.17 9.19
N LEU A 35 9.42 -9.07 9.73
CA LEU A 35 8.22 -8.44 9.17
C LEU A 35 8.52 -7.80 7.82
N TYR A 36 9.72 -7.25 7.68
CA TYR A 36 10.13 -6.61 6.43
C TYR A 36 9.69 -7.43 5.24
N LEU A 37 9.82 -8.75 5.34
CA LEU A 37 9.43 -9.65 4.26
C LEU A 37 7.92 -9.61 4.03
N SER A 38 7.16 -9.81 5.11
CA SER A 38 5.70 -9.80 5.02
C SER A 38 5.20 -8.40 4.68
N SER A 39 5.47 -7.45 5.57
CA SER A 39 5.04 -6.07 5.37
C SER A 39 5.09 -5.69 3.89
N LYS A 40 6.25 -5.88 3.29
CA LYS A 40 6.44 -5.57 1.88
C LYS A 40 5.56 -6.44 1.00
N THR A 41 5.62 -7.75 1.21
CA THR A 41 4.83 -8.70 0.45
C THR A 41 3.37 -8.28 0.40
N GLU A 42 2.75 -8.15 1.57
CA GLU A 42 1.35 -7.76 1.66
C GLU A 42 1.08 -6.52 0.81
N LEU A 43 1.87 -5.47 1.04
CA LEU A 43 1.72 -4.23 0.30
C LEU A 43 1.53 -4.49 -1.19
N GLN A 44 2.57 -5.05 -1.81
CA GLN A 44 2.53 -5.37 -3.24
C GLN A 44 1.13 -5.85 -3.65
N GLY A 45 0.46 -6.53 -2.73
CA GLY A 45 -0.87 -7.04 -3.02
C GLY A 45 -1.92 -5.94 -3.01
N LEU A 46 -1.86 -5.07 -2.01
CA LEU A 46 -2.81 -3.98 -1.89
C LEU A 46 -2.85 -3.15 -3.17
N ILE A 47 -1.68 -2.80 -3.67
CA ILE A 47 -1.57 -2.00 -4.90
C ILE A 47 -2.31 -2.68 -6.05
N GLY A 48 -2.26 -4.01 -6.08
CA GLY A 48 -2.93 -4.75 -7.13
C GLY A 48 -4.34 -4.25 -7.39
N GLN A 49 -4.95 -3.66 -6.37
CA GLN A 49 -6.30 -3.13 -6.49
C GLN A 49 -6.33 -1.86 -7.33
N LEU A 50 -5.34 -1.01 -7.11
CA LEU A 50 -5.24 0.25 -7.85
C LEU A 50 -5.15 0.00 -9.35
N ASP A 51 -4.32 -0.97 -9.74
CA ASP A 51 -4.16 -1.31 -11.14
C ASP A 51 -5.48 -1.19 -11.90
N GLU A 52 -6.57 -1.54 -11.23
CA GLU A 52 -7.89 -1.47 -11.83
C GLU A 52 -8.24 -0.04 -12.21
N VAL A 53 -8.42 0.81 -11.20
CA VAL A 53 -8.76 2.21 -11.43
C VAL A 53 -7.70 2.90 -12.28
N SER A 54 -8.11 3.94 -12.99
CA SER A 54 -7.19 4.69 -13.85
C SER A 54 -7.66 6.13 -14.00
N LEU A 55 -6.76 6.99 -14.50
CA LEU A 55 -7.08 8.40 -14.70
C LEU A 55 -8.39 8.56 -15.46
N GLU A 56 -9.23 9.47 -14.99
CA GLU A 56 -10.52 9.73 -15.64
C GLU A 56 -11.01 11.14 -15.32
N LYS A 57 -12.22 11.44 -15.79
CA LYS A 57 -12.82 12.75 -15.55
C LYS A 57 -13.34 12.87 -14.12
N ASN A 58 -12.42 12.98 -13.17
CA ASN A 58 -12.80 13.09 -11.76
C ASN A 58 -11.56 13.34 -10.90
N PRO A 59 -11.68 14.26 -9.94
CA PRO A 59 -10.59 14.61 -9.02
C PRO A 59 -10.29 13.49 -8.03
N CYS A 60 -11.33 12.99 -7.38
CA CYS A 60 -11.18 11.92 -6.40
C CYS A 60 -10.20 10.85 -6.90
N ILE A 61 -10.61 10.13 -7.93
CA ILE A 61 -9.77 9.08 -8.50
C ILE A 61 -8.33 9.57 -8.67
N ARG A 62 -8.14 10.49 -9.62
CA ARG A 62 -6.82 11.04 -9.89
C ARG A 62 -6.06 11.28 -8.59
N GLU A 63 -6.44 12.34 -7.89
CA GLU A 63 -5.79 12.69 -6.62
C GLU A 63 -5.62 11.46 -5.74
N ALA A 64 -6.74 10.89 -5.30
CA ALA A 64 -6.71 9.70 -4.45
C ALA A 64 -5.56 8.78 -4.83
N ARG A 65 -5.45 8.49 -6.12
CA ARG A 65 -4.39 7.61 -6.62
C ARG A 65 -3.01 8.21 -6.35
N ARG A 66 -2.69 9.28 -7.07
CA ARG A 66 -1.42 9.95 -6.91
C ARG A 66 -0.98 9.95 -5.45
N ARG A 67 -1.92 10.18 -4.55
CA ARG A 67 -1.64 10.20 -3.12
C ARG A 67 -1.48 8.78 -2.57
N ALA A 68 -2.33 7.87 -3.05
CA ALA A 68 -2.28 6.48 -2.61
C ALA A 68 -1.04 5.78 -3.15
N VAL A 69 -0.96 5.69 -4.48
CA VAL A 69 0.18 5.05 -5.13
C VAL A 69 1.49 5.35 -4.39
N ILE A 70 1.69 6.62 -4.06
CA ILE A 70 2.89 7.04 -3.35
C ILE A 70 2.83 6.65 -1.88
N GLU A 71 1.68 6.87 -1.26
CA GLU A 71 1.49 6.54 0.15
C GLU A 71 1.71 5.04 0.38
N VAL A 72 1.70 4.27 -0.69
CA VAL A 72 1.89 2.83 -0.60
C VAL A 72 3.27 2.43 -1.12
N GLN A 73 3.75 3.11 -2.15
CA GLN A 73 5.05 2.82 -2.73
C GLN A 73 6.16 3.34 -1.83
N THR A 74 5.83 4.31 -0.97
CA THR A 74 6.81 4.90 -0.06
C THR A 74 7.24 3.89 1.00
N LEU A 75 6.32 3.01 1.38
CA LEU A 75 6.60 1.99 2.39
C LEU A 75 7.45 0.87 1.81
N ILE A 76 7.07 0.40 0.62
CA ILE A 76 7.79 -0.68 -0.04
C ILE A 76 9.28 -0.36 -0.13
N THR A 77 9.60 0.91 -0.35
CA THR A 77 10.99 1.34 -0.45
C THR A 77 11.66 1.38 0.92
N TYR A 78 11.01 2.01 1.88
CA TYR A 78 11.53 2.12 3.23
C TYR A 78 12.04 0.77 3.72
N ILE A 79 11.34 -0.29 3.32
CA ILE A 79 11.72 -1.64 3.72
C ILE A 79 12.95 -2.13 2.96
N ASP A 80 12.88 -2.06 1.63
CA ASP A 80 13.99 -2.48 0.78
C ASP A 80 15.33 -2.08 1.40
N LEU A 81 15.41 -0.84 1.88
CA LEU A 81 16.63 -0.32 2.49
C LEU A 81 16.95 -1.08 3.77
N LYS A 82 15.99 -1.12 4.69
CA LYS A 82 16.17 -1.81 5.96
C LYS A 82 16.55 -3.26 5.74
N GLU A 83 15.62 -4.05 5.21
CA GLU A 83 15.86 -5.46 4.95
C GLU A 83 17.30 -5.68 4.47
N SER A 84 17.66 -5.02 3.38
CA SER A 84 19.00 -5.15 2.81
C SER A 84 20.04 -5.28 3.91
N GLY A 85 20.08 -4.29 4.80
CA GLY A 85 21.03 -4.31 5.89
C GLY A 85 20.59 -5.19 7.04
N PRO A 86 21.56 -5.74 7.79
CA PRO A 86 21.27 -6.60 8.93
C PRO A 86 20.67 -5.85 10.10
N SER A 87 20.52 -6.53 11.23
CA SER A 87 19.94 -5.92 12.43
C SER A 87 20.22 -6.77 13.66
N SER A 88 20.34 -6.12 14.81
CA SER A 88 20.61 -6.82 16.07
C SER A 88 19.36 -7.53 16.56
N GLY A 89 19.45 -8.86 16.67
CA GLY A 89 18.32 -9.65 17.13
C GLY A 89 18.69 -11.08 17.42
N GLY A 1 -18.99 -10.07 -5.28
CA GLY A 1 -19.89 -11.15 -4.92
C GLY A 1 -20.34 -11.07 -3.47
N SER A 2 -20.13 -12.16 -2.73
CA SER A 2 -20.53 -12.21 -1.33
C SER A 2 -19.92 -11.05 -0.55
N SER A 3 -20.74 -10.04 -0.27
CA SER A 3 -20.29 -8.86 0.47
C SER A 3 -19.28 -8.07 -0.36
N GLY A 4 -19.56 -7.91 -1.65
CA GLY A 4 -18.68 -7.17 -2.52
C GLY A 4 -19.37 -6.01 -3.21
N SER A 5 -19.16 -4.80 -2.69
CA SER A 5 -19.78 -3.61 -3.26
C SER A 5 -18.91 -3.02 -4.37
N SER A 6 -19.55 -2.50 -5.40
CA SER A 6 -18.84 -1.91 -6.53
C SER A 6 -18.48 -0.46 -6.24
N GLY A 7 -17.57 0.10 -7.05
CA GLY A 7 -17.16 1.47 -6.87
C GLY A 7 -15.67 1.65 -7.02
N SER A 8 -15.21 2.89 -6.92
CA SER A 8 -13.79 3.19 -7.05
C SER A 8 -13.24 3.83 -5.78
N ILE A 9 -13.96 4.82 -5.25
CA ILE A 9 -13.55 5.50 -4.03
C ILE A 9 -13.14 4.50 -2.96
N LEU A 10 -13.93 3.43 -2.82
CA LEU A 10 -13.65 2.39 -1.83
C LEU A 10 -12.36 1.65 -2.17
N LYS A 11 -12.09 1.51 -3.47
CA LYS A 11 -10.89 0.81 -3.92
C LYS A 11 -9.64 1.44 -3.33
N ILE A 12 -9.57 2.77 -3.38
CA ILE A 12 -8.43 3.49 -2.84
C ILE A 12 -8.40 3.44 -1.32
N GLU A 13 -9.57 3.63 -0.71
CA GLU A 13 -9.69 3.62 0.74
C GLU A 13 -9.22 2.28 1.31
N LYS A 14 -9.44 1.21 0.56
CA LYS A 14 -9.04 -0.12 0.98
C LYS A 14 -7.53 -0.30 0.84
N VAL A 15 -7.00 0.01 -0.33
CA VAL A 15 -5.58 -0.11 -0.59
C VAL A 15 -4.76 0.52 0.54
N LEU A 16 -5.33 1.55 1.17
CA LEU A 16 -4.65 2.23 2.26
C LEU A 16 -5.14 1.73 3.61
N LYS A 17 -6.43 1.40 3.68
CA LYS A 17 -7.02 0.90 4.91
C LYS A 17 -6.14 -0.18 5.54
N ARG A 18 -5.52 -0.99 4.70
CA ARG A 18 -4.66 -2.07 5.18
C ARG A 18 -3.21 -1.58 5.31
N MET A 19 -2.74 -0.89 4.28
CA MET A 19 -1.37 -0.37 4.27
C MET A 19 -1.00 0.16 5.65
N ARG A 20 -1.97 0.74 6.35
CA ARG A 20 -1.72 1.28 7.68
C ARG A 20 -1.38 0.18 8.67
N GLU A 21 -2.23 -0.85 8.74
CA GLU A 21 -2.03 -1.97 9.65
C GLU A 21 -0.58 -2.45 9.57
N ILE A 22 0.07 -2.19 8.44
CA ILE A 22 1.46 -2.61 8.25
C ILE A 22 2.41 -1.64 8.94
N LYS A 23 2.15 -0.35 8.80
CA LYS A 23 2.98 0.67 9.41
C LYS A 23 2.84 0.66 10.93
N ASN A 24 1.60 0.60 11.41
CA ASN A 24 1.32 0.58 12.83
C ASN A 24 1.97 -0.63 13.49
N GLU A 25 1.87 -1.78 12.83
CA GLU A 25 2.45 -3.02 13.36
C GLU A 25 3.96 -3.00 13.24
N LEU A 26 4.45 -2.56 12.09
CA LEU A 26 5.89 -2.50 11.85
C LEU A 26 6.57 -1.53 12.81
N LEU A 27 5.88 -0.44 13.11
CA LEU A 27 6.40 0.57 14.03
C LEU A 27 6.43 0.05 15.46
N GLN A 28 5.43 -0.75 15.82
CA GLN A 28 5.34 -1.32 17.15
C GLN A 28 5.52 -2.83 17.12
N ALA A 29 6.46 -3.29 16.30
CA ALA A 29 6.74 -4.71 16.18
C ALA A 29 8.00 -5.10 16.94
N GLN A 30 7.96 -6.25 17.60
CA GLN A 30 9.10 -6.72 18.38
C GLN A 30 10.18 -7.29 17.46
N ASN A 31 9.75 -7.87 16.35
CA ASN A 31 10.68 -8.45 15.38
C ASN A 31 10.38 -7.97 13.97
N PRO A 32 10.75 -6.71 13.67
CA PRO A 32 10.53 -6.10 12.37
C PRO A 32 11.41 -6.72 11.28
N SER A 33 12.23 -7.69 11.67
CA SER A 33 13.13 -8.36 10.74
C SER A 33 12.36 -9.33 9.86
N GLU A 34 11.45 -10.09 10.47
CA GLU A 34 10.65 -11.06 9.74
C GLU A 34 9.48 -10.39 9.04
N LEU A 35 9.28 -9.11 9.33
CA LEU A 35 8.19 -8.34 8.72
C LEU A 35 8.65 -7.68 7.43
N TYR A 36 9.90 -7.23 7.41
CA TYR A 36 10.46 -6.57 6.24
C TYR A 36 10.16 -7.38 4.97
N LEU A 37 9.98 -8.68 5.14
CA LEU A 37 9.69 -9.57 4.02
C LEU A 37 8.19 -9.67 3.78
N SER A 38 7.45 -9.91 4.86
CA SER A 38 6.00 -10.03 4.77
C SER A 38 5.35 -8.68 4.54
N SER A 39 5.55 -7.76 5.48
CA SER A 39 4.99 -6.42 5.38
C SER A 39 4.98 -5.93 3.94
N LYS A 40 6.06 -6.23 3.22
CA LYS A 40 6.18 -5.82 1.82
C LYS A 40 5.30 -6.69 0.92
N THR A 41 5.64 -7.98 0.82
CA THR A 41 4.87 -8.90 0.00
C THR A 41 3.39 -8.57 0.01
N GLU A 42 2.85 -8.36 1.22
CA GLU A 42 1.44 -8.02 1.37
C GLU A 42 1.12 -6.68 0.71
N LEU A 43 1.71 -5.61 1.23
CA LEU A 43 1.49 -4.29 0.70
C LEU A 43 1.33 -4.32 -0.82
N GLN A 44 2.35 -4.84 -1.50
CA GLN A 44 2.32 -4.93 -2.96
C GLN A 44 0.91 -5.22 -3.45
N GLY A 45 0.40 -6.40 -3.13
CA GLY A 45 -0.94 -6.78 -3.56
C GLY A 45 -1.89 -5.61 -3.56
N LEU A 46 -2.08 -5.00 -2.39
CA LEU A 46 -2.98 -3.86 -2.26
C LEU A 46 -2.89 -2.95 -3.48
N ILE A 47 -1.68 -2.42 -3.74
CA ILE A 47 -1.47 -1.53 -4.87
C ILE A 47 -2.16 -2.06 -6.12
N GLY A 48 -1.96 -3.34 -6.40
CA GLY A 48 -2.58 -3.95 -7.58
C GLY A 48 -4.02 -3.53 -7.76
N GLN A 49 -4.76 -3.47 -6.65
CA GLN A 49 -6.16 -3.07 -6.69
C GLN A 49 -6.33 -1.71 -7.34
N LEU A 50 -5.44 -0.78 -6.99
CA LEU A 50 -5.49 0.58 -7.55
C LEU A 50 -5.52 0.53 -9.07
N ASP A 51 -4.54 -0.15 -9.66
CA ASP A 51 -4.45 -0.26 -11.11
C ASP A 51 -5.84 -0.37 -11.73
N GLU A 52 -6.61 -1.35 -11.28
CA GLU A 52 -7.95 -1.57 -11.79
C GLU A 52 -8.66 -0.24 -12.04
N VAL A 53 -8.95 0.48 -10.96
CA VAL A 53 -9.62 1.77 -11.06
C VAL A 53 -9.08 2.59 -12.22
N SER A 54 -9.97 3.07 -13.07
CA SER A 54 -9.59 3.86 -14.23
C SER A 54 -9.76 5.35 -13.95
N LEU A 55 -8.99 6.17 -14.66
CA LEU A 55 -9.06 7.62 -14.49
C LEU A 55 -10.41 8.16 -14.93
N GLU A 56 -11.29 8.42 -13.95
CA GLU A 56 -12.61 8.93 -14.24
C GLU A 56 -12.54 10.35 -14.79
N LYS A 57 -13.70 10.94 -15.09
CA LYS A 57 -13.77 12.28 -15.63
C LYS A 57 -13.78 13.32 -14.51
N ASN A 58 -13.02 13.04 -13.44
CA ASN A 58 -12.95 13.96 -12.31
C ASN A 58 -11.56 13.92 -11.67
N PRO A 59 -11.11 15.08 -11.18
CA PRO A 59 -9.79 15.20 -10.53
C PRO A 59 -9.74 14.49 -9.19
N CYS A 60 -10.84 13.86 -8.82
CA CYS A 60 -10.91 13.13 -7.55
C CYS A 60 -10.25 11.75 -7.67
N ILE A 61 -10.79 10.93 -8.56
CA ILE A 61 -10.25 9.59 -8.77
C ILE A 61 -8.89 9.64 -9.46
N ARG A 62 -8.71 10.64 -10.32
CA ARG A 62 -7.45 10.80 -11.04
C ARG A 62 -6.29 11.01 -10.07
N GLU A 63 -6.56 11.72 -8.98
CA GLU A 63 -5.55 12.01 -7.98
C GLU A 63 -5.45 10.86 -6.97
N ALA A 64 -6.51 10.69 -6.18
CA ALA A 64 -6.56 9.64 -5.18
C ALA A 64 -5.81 8.38 -5.66
N ARG A 65 -6.14 7.95 -6.87
CA ARG A 65 -5.51 6.76 -7.45
C ARG A 65 -3.99 6.89 -7.42
N ARG A 66 -3.47 7.99 -7.97
CA ARG A 66 -2.04 8.23 -8.01
C ARG A 66 -1.48 8.39 -6.60
N ARG A 67 -1.83 9.51 -5.96
CA ARG A 67 -1.35 9.80 -4.61
C ARG A 67 -1.25 8.51 -3.79
N ALA A 68 -2.23 7.63 -3.96
CA ALA A 68 -2.26 6.37 -3.24
C ALA A 68 -1.03 5.52 -3.56
N VAL A 69 -0.80 5.28 -4.85
CA VAL A 69 0.34 4.49 -5.28
C VAL A 69 1.60 4.89 -4.53
N ILE A 70 1.90 6.19 -4.52
CA ILE A 70 3.07 6.70 -3.83
C ILE A 70 2.97 6.48 -2.33
N GLU A 71 1.84 6.89 -1.75
CA GLU A 71 1.63 6.75 -0.32
C GLU A 71 2.00 5.34 0.15
N VAL A 72 1.42 4.33 -0.50
CA VAL A 72 1.68 2.94 -0.15
C VAL A 72 3.12 2.57 -0.47
N GLN A 73 3.63 3.07 -1.59
CA GLN A 73 4.99 2.79 -2.02
C GLN A 73 5.99 3.33 -1.01
N THR A 74 5.62 4.41 -0.34
CA THR A 74 6.50 5.02 0.66
C THR A 74 7.03 3.99 1.65
N LEU A 75 6.28 2.91 1.82
CA LEU A 75 6.67 1.84 2.73
C LEU A 75 7.62 0.87 2.05
N ILE A 76 7.25 0.42 0.86
CA ILE A 76 8.08 -0.52 0.10
C ILE A 76 9.52 -0.03 0.01
N THR A 77 9.68 1.30 -0.10
CA THR A 77 11.00 1.89 -0.20
C THR A 77 11.67 1.98 1.17
N TYR A 78 10.90 2.36 2.18
CA TYR A 78 11.42 2.49 3.54
C TYR A 78 11.96 1.15 4.04
N ILE A 79 11.29 0.07 3.66
CA ILE A 79 11.69 -1.26 4.07
C ILE A 79 12.97 -1.69 3.36
N ASP A 80 13.04 -1.42 2.05
CA ASP A 80 14.20 -1.77 1.25
C ASP A 80 15.46 -1.12 1.81
N LEU A 81 15.33 0.13 2.25
CA LEU A 81 16.46 0.87 2.81
C LEU A 81 16.94 0.22 4.11
N LYS A 82 16.01 0.06 5.06
CA LYS A 82 16.34 -0.53 6.34
C LYS A 82 16.93 -1.93 6.17
N GLU A 83 16.29 -2.73 5.32
CA GLU A 83 16.76 -4.09 5.05
C GLU A 83 18.23 -4.08 4.62
N SER A 84 18.51 -3.35 3.55
CA SER A 84 19.87 -3.26 3.02
C SER A 84 20.39 -4.65 2.64
N GLY A 85 19.49 -5.51 2.18
CA GLY A 85 19.87 -6.85 1.79
C GLY A 85 20.76 -6.86 0.56
N PRO A 86 20.81 -8.03 -0.12
CA PRO A 86 21.62 -8.19 -1.33
C PRO A 86 21.07 -7.39 -2.51
N SER A 87 19.78 -7.09 -2.46
CA SER A 87 19.13 -6.33 -3.53
C SER A 87 20.04 -5.22 -4.03
N SER A 88 20.57 -4.42 -3.10
CA SER A 88 21.44 -3.32 -3.44
C SER A 88 22.89 -3.77 -3.49
N GLY A 89 23.70 -3.07 -4.27
CA GLY A 89 25.10 -3.41 -4.40
C GLY A 89 25.93 -2.29 -5.00
N GLY A 1 -29.20 6.57 8.42
CA GLY A 1 -29.01 5.82 7.19
C GLY A 1 -27.67 5.13 7.13
N SER A 2 -27.68 3.80 7.12
CA SER A 2 -26.46 3.02 7.08
C SER A 2 -25.66 3.35 5.82
N SER A 3 -24.40 2.91 5.79
CA SER A 3 -23.54 3.15 4.65
C SER A 3 -24.00 2.37 3.43
N GLY A 4 -24.01 3.03 2.27
CA GLY A 4 -24.44 2.39 1.04
C GLY A 4 -23.85 3.03 -0.19
N SER A 5 -22.61 2.69 -0.50
CA SER A 5 -21.92 3.25 -1.65
C SER A 5 -20.79 2.33 -2.11
N SER A 6 -20.79 2.01 -3.40
CA SER A 6 -19.76 1.13 -3.96
C SER A 6 -19.15 1.76 -5.22
N GLY A 7 -17.92 2.25 -5.08
CA GLY A 7 -17.25 2.85 -6.22
C GLY A 7 -15.77 3.06 -5.96
N SER A 8 -15.05 3.55 -6.97
CA SER A 8 -13.62 3.79 -6.86
C SER A 8 -13.27 4.27 -5.45
N ILE A 9 -13.98 5.28 -4.97
CA ILE A 9 -13.73 5.82 -3.64
C ILE A 9 -13.40 4.71 -2.65
N LEU A 10 -14.25 3.70 -2.59
CA LEU A 10 -14.05 2.57 -1.68
C LEU A 10 -12.89 1.70 -2.15
N LYS A 11 -12.96 1.26 -3.41
CA LYS A 11 -11.92 0.42 -3.98
C LYS A 11 -10.53 0.97 -3.65
N ILE A 12 -10.46 2.26 -3.35
CA ILE A 12 -9.21 2.90 -3.02
C ILE A 12 -8.99 2.93 -1.51
N GLU A 13 -10.06 3.22 -0.77
CA GLU A 13 -9.98 3.28 0.69
C GLU A 13 -9.38 2.00 1.25
N LYS A 14 -9.49 0.91 0.50
CA LYS A 14 -8.95 -0.38 0.92
C LYS A 14 -7.44 -0.42 0.77
N VAL A 15 -6.97 -0.22 -0.47
CA VAL A 15 -5.54 -0.23 -0.75
C VAL A 15 -4.76 0.48 0.35
N LEU A 16 -5.36 1.52 0.91
CA LEU A 16 -4.71 2.28 1.97
C LEU A 16 -5.11 1.74 3.35
N LYS A 17 -6.40 1.44 3.51
CA LYS A 17 -6.90 0.91 4.77
C LYS A 17 -5.88 -0.02 5.42
N ARG A 18 -5.48 -1.05 4.69
CA ARG A 18 -4.51 -2.02 5.19
C ARG A 18 -3.12 -1.38 5.32
N MET A 19 -2.66 -0.76 4.23
CA MET A 19 -1.36 -0.12 4.22
C MET A 19 -1.06 0.53 5.57
N ARG A 20 -2.05 1.26 6.10
CA ARG A 20 -1.89 1.93 7.39
C ARG A 20 -1.70 0.91 8.51
N GLU A 21 -2.69 0.06 8.70
CA GLU A 21 -2.64 -0.95 9.74
C GLU A 21 -1.28 -1.65 9.77
N ILE A 22 -0.92 -2.26 8.65
CA ILE A 22 0.36 -2.95 8.54
C ILE A 22 1.50 -2.10 9.09
N LYS A 23 1.50 -0.82 8.71
CA LYS A 23 2.53 0.11 9.17
C LYS A 23 2.63 0.11 10.69
N ASN A 24 1.56 0.50 11.35
CA ASN A 24 1.53 0.55 12.81
C ASN A 24 1.99 -0.79 13.40
N GLU A 25 1.56 -1.87 12.78
CA GLU A 25 1.92 -3.21 13.24
C GLU A 25 3.42 -3.46 13.07
N LEU A 26 4.01 -2.81 12.06
CA LEU A 26 5.44 -2.97 11.78
C LEU A 26 6.26 -2.13 12.75
N LEU A 27 5.77 -0.94 13.06
CA LEU A 27 6.47 -0.04 13.98
C LEU A 27 6.43 -0.57 15.40
N GLN A 28 5.22 -0.77 15.93
CA GLN A 28 5.05 -1.28 17.28
C GLN A 28 5.83 -2.58 17.47
N ALA A 29 5.83 -3.41 16.44
CA ALA A 29 6.54 -4.69 16.50
C ALA A 29 7.93 -4.52 17.12
N GLN A 30 8.44 -5.61 17.69
CA GLN A 30 9.76 -5.59 18.33
C GLN A 30 10.81 -6.24 17.43
N ASN A 31 10.38 -7.23 16.66
CA ASN A 31 11.29 -7.93 15.76
C ASN A 31 10.84 -7.78 14.30
N PRO A 32 10.97 -6.55 13.78
CA PRO A 32 10.58 -6.24 12.40
C PRO A 32 11.52 -6.88 11.37
N SER A 33 12.61 -7.47 11.87
CA SER A 33 13.58 -8.13 11.00
C SER A 33 12.92 -9.21 10.15
N GLU A 34 11.76 -9.68 10.61
CA GLU A 34 11.03 -10.72 9.90
C GLU A 34 9.79 -10.15 9.21
N LEU A 35 9.49 -8.88 9.51
CA LEU A 35 8.33 -8.22 8.91
C LEU A 35 8.74 -7.45 7.66
N TYR A 36 10.04 -7.24 7.50
CA TYR A 36 10.55 -6.51 6.34
C TYR A 36 10.05 -7.14 5.04
N LEU A 37 9.97 -8.47 5.03
CA LEU A 37 9.50 -9.18 3.85
C LEU A 37 7.98 -9.20 3.79
N SER A 38 7.35 -9.82 4.77
CA SER A 38 5.89 -9.91 4.83
C SER A 38 5.26 -8.59 4.39
N SER A 39 5.51 -7.53 5.17
CA SER A 39 4.96 -6.22 4.85
C SER A 39 5.14 -5.88 3.38
N LYS A 40 6.41 -5.74 2.98
CA LYS A 40 6.73 -5.42 1.59
C LYS A 40 5.90 -6.26 0.63
N THR A 41 5.71 -7.53 0.98
CA THR A 41 4.94 -8.45 0.14
C THR A 41 3.47 -8.02 0.06
N GLU A 42 2.77 -8.13 1.19
CA GLU A 42 1.37 -7.76 1.24
C GLU A 42 1.13 -6.43 0.54
N LEU A 43 1.87 -5.41 0.93
CA LEU A 43 1.75 -4.08 0.35
C LEU A 43 1.60 -4.18 -1.17
N GLN A 44 2.65 -4.63 -1.83
CA GLN A 44 2.64 -4.77 -3.28
C GLN A 44 1.29 -5.29 -3.77
N GLY A 45 0.82 -6.37 -3.14
CA GLY A 45 -0.45 -6.95 -3.52
C GLY A 45 -1.56 -5.92 -3.58
N LEU A 46 -1.76 -5.19 -2.50
CA LEU A 46 -2.80 -4.17 -2.44
C LEU A 46 -2.74 -3.26 -3.66
N ILE A 47 -1.58 -2.65 -3.88
CA ILE A 47 -1.40 -1.76 -5.02
C ILE A 47 -2.10 -2.30 -6.27
N GLY A 48 -1.97 -3.61 -6.49
CA GLY A 48 -2.59 -4.23 -7.65
C GLY A 48 -3.98 -3.70 -7.91
N GLN A 49 -4.78 -3.57 -6.85
CA GLN A 49 -6.14 -3.08 -6.97
C GLN A 49 -6.17 -1.72 -7.67
N LEU A 50 -5.29 -0.82 -7.25
CA LEU A 50 -5.21 0.51 -7.84
C LEU A 50 -5.48 0.46 -9.34
N ASP A 51 -4.78 -0.45 -10.02
CA ASP A 51 -4.94 -0.60 -11.47
C ASP A 51 -6.42 -0.55 -11.86
N GLU A 52 -7.25 -1.30 -11.14
CA GLU A 52 -8.68 -1.34 -11.42
C GLU A 52 -9.29 0.06 -11.32
N VAL A 53 -9.23 0.64 -10.14
CA VAL A 53 -9.77 1.98 -9.91
C VAL A 53 -9.55 2.87 -11.12
N SER A 54 -10.64 3.37 -11.70
CA SER A 54 -10.57 4.23 -12.86
C SER A 54 -10.34 5.68 -12.45
N LEU A 55 -10.08 6.53 -13.44
CA LEU A 55 -9.84 7.95 -13.18
C LEU A 55 -10.58 8.82 -14.19
N GLU A 56 -11.55 9.58 -13.71
CA GLU A 56 -12.33 10.46 -14.58
C GLU A 56 -11.77 11.88 -14.56
N LYS A 57 -12.40 12.77 -15.32
CA LYS A 57 -11.97 14.16 -15.40
C LYS A 57 -11.68 14.71 -14.00
N ASN A 58 -12.57 14.44 -13.05
CA ASN A 58 -12.40 14.91 -11.69
C ASN A 58 -10.95 14.76 -11.24
N PRO A 59 -10.44 15.79 -10.56
CA PRO A 59 -9.06 15.82 -10.06
C PRO A 59 -8.85 14.84 -8.91
N CYS A 60 -9.78 14.83 -7.96
CA CYS A 60 -9.70 13.93 -6.82
C CYS A 60 -9.56 12.48 -7.26
N ILE A 61 -10.66 11.90 -7.72
CA ILE A 61 -10.66 10.51 -8.18
C ILE A 61 -9.41 10.20 -8.98
N ARG A 62 -8.94 11.18 -9.76
CA ARG A 62 -7.74 11.00 -10.57
C ARG A 62 -6.50 10.94 -9.69
N GLU A 63 -6.44 11.83 -8.70
CA GLU A 63 -5.29 11.88 -7.80
C GLU A 63 -5.31 10.69 -6.83
N ALA A 64 -6.41 10.56 -6.09
CA ALA A 64 -6.56 9.47 -5.13
C ALA A 64 -5.86 8.21 -5.62
N ARG A 65 -5.95 7.97 -6.93
CA ARG A 65 -5.32 6.79 -7.52
C ARG A 65 -3.80 6.90 -7.48
N ARG A 66 -3.27 7.96 -8.08
CA ARG A 66 -1.83 8.18 -8.11
C ARG A 66 -1.27 8.32 -6.70
N ARG A 67 -1.73 9.34 -5.98
CA ARG A 67 -1.26 9.58 -4.62
C ARG A 67 -1.12 8.28 -3.86
N ALA A 68 -2.10 7.39 -4.01
CA ALA A 68 -2.08 6.10 -3.34
C ALA A 68 -0.83 5.30 -3.73
N VAL A 69 -0.50 5.32 -5.01
CA VAL A 69 0.67 4.60 -5.52
C VAL A 69 1.92 4.97 -4.74
N ILE A 70 2.09 6.26 -4.48
CA ILE A 70 3.25 6.75 -3.75
C ILE A 70 3.12 6.47 -2.25
N GLU A 71 2.00 6.90 -1.68
CA GLU A 71 1.75 6.68 -0.25
C GLU A 71 2.07 5.25 0.15
N VAL A 72 1.51 4.30 -0.61
CA VAL A 72 1.73 2.88 -0.33
C VAL A 72 3.19 2.50 -0.57
N GLN A 73 3.66 2.69 -1.80
CA GLN A 73 5.03 2.36 -2.16
C GLN A 73 6.01 2.84 -1.09
N THR A 74 5.73 4.03 -0.55
CA THR A 74 6.58 4.61 0.49
C THR A 74 7.10 3.53 1.44
N LEU A 75 6.18 2.81 2.07
CA LEU A 75 6.54 1.75 3.00
C LEU A 75 7.44 0.71 2.33
N ILE A 76 6.91 0.09 1.28
CA ILE A 76 7.66 -0.93 0.55
C ILE A 76 9.13 -0.51 0.37
N THR A 77 9.34 0.77 0.12
CA THR A 77 10.68 1.30 -0.08
C THR A 77 11.41 1.43 1.26
N TYR A 78 10.71 1.93 2.26
CA TYR A 78 11.30 2.12 3.59
C TYR A 78 12.09 0.88 4.01
N ILE A 79 11.51 -0.29 3.80
CA ILE A 79 12.16 -1.55 4.16
C ILE A 79 13.48 -1.70 3.41
N ASP A 80 13.41 -1.74 2.08
CA ASP A 80 14.60 -1.88 1.26
C ASP A 80 15.79 -1.15 1.88
N LEU A 81 15.58 0.11 2.24
CA LEU A 81 16.63 0.91 2.86
C LEU A 81 17.17 0.23 4.12
N LYS A 82 16.27 -0.18 4.99
CA LYS A 82 16.65 -0.84 6.24
C LYS A 82 17.26 -2.21 5.95
N GLU A 83 16.48 -3.09 5.35
CA GLU A 83 16.96 -4.43 5.02
C GLU A 83 18.43 -4.40 4.63
N SER A 84 18.79 -3.49 3.75
CA SER A 84 20.17 -3.36 3.28
C SER A 84 20.69 -1.95 3.52
N GLY A 85 21.23 -1.72 4.72
CA GLY A 85 21.76 -0.41 5.05
C GLY A 85 21.48 -0.03 6.49
N PRO A 86 21.78 1.23 6.85
CA PRO A 86 21.56 1.75 8.20
C PRO A 86 20.09 1.91 8.53
N SER A 87 19.81 2.36 9.74
CA SER A 87 18.43 2.55 10.20
C SER A 87 18.19 4.01 10.61
N SER A 88 17.65 4.80 9.68
CA SER A 88 17.37 6.20 9.95
C SER A 88 16.37 6.35 11.09
N GLY A 89 15.33 5.52 11.06
CA GLY A 89 14.31 5.58 12.10
C GLY A 89 12.91 5.60 11.54
N GLY A 1 -21.79 -6.35 1.90
CA GLY A 1 -21.36 -5.66 0.69
C GLY A 1 -19.92 -5.19 0.79
N SER A 2 -19.58 -4.14 0.04
CA SER A 2 -18.24 -3.59 0.04
C SER A 2 -17.20 -4.69 -0.17
N SER A 3 -17.49 -5.59 -1.12
CA SER A 3 -16.59 -6.69 -1.42
C SER A 3 -15.46 -6.23 -2.34
N GLY A 4 -15.82 -5.68 -3.49
CA GLY A 4 -14.83 -5.21 -4.44
C GLY A 4 -15.19 -5.55 -5.87
N SER A 5 -16.41 -5.24 -6.26
CA SER A 5 -16.88 -5.52 -7.61
C SER A 5 -17.36 -4.24 -8.30
N SER A 6 -18.29 -3.53 -7.65
CA SER A 6 -18.82 -2.30 -8.21
C SER A 6 -18.46 -1.11 -7.32
N GLY A 7 -17.72 -0.16 -7.88
CA GLY A 7 -17.32 1.02 -7.12
C GLY A 7 -15.83 1.26 -7.18
N SER A 8 -15.44 2.46 -7.61
CA SER A 8 -14.03 2.81 -7.72
C SER A 8 -13.50 3.31 -6.38
N ILE A 9 -14.02 4.45 -5.92
CA ILE A 9 -13.59 5.02 -4.66
C ILE A 9 -13.34 3.95 -3.61
N LEU A 10 -14.37 3.14 -3.34
CA LEU A 10 -14.26 2.06 -2.37
C LEU A 10 -13.08 1.14 -2.69
N LYS A 11 -12.85 0.93 -3.98
CA LYS A 11 -11.75 0.08 -4.44
C LYS A 11 -10.40 0.69 -4.08
N ILE A 12 -10.36 2.02 -4.01
CA ILE A 12 -9.13 2.72 -3.67
C ILE A 12 -9.06 3.04 -2.18
N GLU A 13 -10.07 2.58 -1.45
CA GLU A 13 -10.13 2.82 -0.01
C GLU A 13 -9.31 1.79 0.75
N LYS A 14 -9.47 0.53 0.37
CA LYS A 14 -8.74 -0.56 1.02
C LYS A 14 -7.23 -0.39 0.84
N VAL A 15 -6.82 -0.02 -0.36
CA VAL A 15 -5.41 0.19 -0.66
C VAL A 15 -4.75 1.08 0.38
N LEU A 16 -5.52 2.01 0.93
CA LEU A 16 -5.02 2.93 1.94
C LEU A 16 -5.27 2.40 3.34
N LYS A 17 -6.51 1.96 3.59
CA LYS A 17 -6.89 1.42 4.89
C LYS A 17 -5.83 0.45 5.40
N ARG A 18 -5.69 -0.68 4.73
CA ARG A 18 -4.71 -1.69 5.11
C ARG A 18 -3.31 -1.09 5.22
N MET A 19 -2.90 -0.35 4.19
CA MET A 19 -1.60 0.29 4.18
C MET A 19 -1.25 0.85 5.56
N ARG A 20 -2.22 1.53 6.16
CA ARG A 20 -2.01 2.12 7.48
C ARG A 20 -1.76 1.05 8.53
N GLU A 21 -2.78 0.23 8.78
CA GLU A 21 -2.67 -0.85 9.76
C GLU A 21 -1.30 -1.52 9.69
N ILE A 22 -0.89 -1.87 8.47
CA ILE A 22 0.40 -2.52 8.27
C ILE A 22 1.53 -1.74 8.93
N LYS A 23 1.46 -0.42 8.83
CA LYS A 23 2.47 0.45 9.42
C LYS A 23 2.51 0.27 10.93
N ASN A 24 1.51 0.82 11.62
CA ASN A 24 1.43 0.73 13.08
C ASN A 24 1.97 -0.62 13.56
N GLU A 25 1.63 -1.68 12.84
CA GLU A 25 2.08 -3.02 13.20
C GLU A 25 3.61 -3.10 13.18
N LEU A 26 4.20 -2.75 12.04
CA LEU A 26 5.65 -2.79 11.88
C LEU A 26 6.33 -1.96 12.98
N LEU A 27 5.76 -0.79 13.26
CA LEU A 27 6.31 0.09 14.28
C LEU A 27 6.22 -0.55 15.66
N GLN A 28 5.15 -1.28 15.90
CA GLN A 28 4.96 -1.95 17.19
C GLN A 28 5.99 -3.06 17.39
N ALA A 29 6.04 -3.99 16.43
CA ALA A 29 6.98 -5.10 16.50
C ALA A 29 8.38 -4.62 16.87
N GLN A 30 9.04 -5.36 17.75
CA GLN A 30 10.39 -5.01 18.19
C GLN A 30 11.43 -5.58 17.25
N ASN A 31 11.16 -6.78 16.72
CA ASN A 31 12.08 -7.44 15.81
C ASN A 31 11.46 -7.59 14.42
N PRO A 32 11.26 -6.45 13.74
CA PRO A 32 10.67 -6.43 12.40
C PRO A 32 11.61 -7.01 11.34
N SER A 33 12.76 -7.49 11.79
CA SER A 33 13.75 -8.07 10.89
C SER A 33 13.13 -9.19 10.05
N GLU A 34 11.98 -9.68 10.50
CA GLU A 34 11.28 -10.75 9.78
C GLU A 34 10.01 -10.23 9.13
N LEU A 35 9.39 -9.23 9.76
CA LEU A 35 8.15 -8.65 9.25
C LEU A 35 8.39 -7.96 7.91
N TYR A 36 9.59 -7.40 7.75
CA TYR A 36 9.96 -6.71 6.52
C TYR A 36 9.38 -7.42 5.30
N LEU A 37 9.73 -8.70 5.17
CA LEU A 37 9.25 -9.50 4.04
C LEU A 37 7.74 -9.36 3.87
N SER A 38 7.01 -9.62 4.96
CA SER A 38 5.55 -9.53 4.93
C SER A 38 5.10 -8.11 4.62
N SER A 39 5.38 -7.18 5.54
CA SER A 39 5.01 -5.79 5.36
C SER A 39 5.16 -5.37 3.90
N LYS A 40 6.27 -5.76 3.29
CA LYS A 40 6.55 -5.42 1.90
C LYS A 40 5.60 -6.17 0.96
N THR A 41 5.68 -7.49 0.98
CA THR A 41 4.84 -8.32 0.13
C THR A 41 3.41 -7.80 0.11
N GLU A 42 2.73 -7.90 1.25
CA GLU A 42 1.36 -7.43 1.37
C GLU A 42 1.16 -6.11 0.66
N LEU A 43 1.86 -5.07 1.13
CA LEU A 43 1.78 -3.75 0.53
C LEU A 43 1.59 -3.83 -0.97
N GLN A 44 2.43 -4.65 -1.62
CA GLN A 44 2.37 -4.83 -3.07
C GLN A 44 0.96 -5.20 -3.50
N GLY A 45 0.51 -6.38 -3.10
CA GLY A 45 -0.82 -6.83 -3.47
C GLY A 45 -1.83 -5.70 -3.52
N LEU A 46 -1.90 -4.92 -2.44
CA LEU A 46 -2.83 -3.79 -2.38
C LEU A 46 -2.75 -2.95 -3.65
N ILE A 47 -1.57 -2.43 -3.94
CA ILE A 47 -1.36 -1.61 -5.12
C ILE A 47 -2.18 -2.14 -6.31
N GLY A 48 -2.40 -3.44 -6.32
CA GLY A 48 -3.17 -4.06 -7.40
C GLY A 48 -4.50 -3.35 -7.63
N GLN A 49 -5.24 -3.14 -6.55
CA GLN A 49 -6.54 -2.49 -6.63
C GLN A 49 -6.45 -1.21 -7.45
N LEU A 50 -5.25 -0.64 -7.52
CA LEU A 50 -5.03 0.60 -8.27
C LEU A 50 -4.80 0.30 -9.74
N ASP A 51 -5.46 -0.73 -10.26
CA ASP A 51 -5.33 -1.12 -11.66
C ASP A 51 -6.65 -0.97 -12.39
N GLU A 52 -6.63 -0.24 -13.50
CA GLU A 52 -7.84 -0.02 -14.30
C GLU A 52 -8.79 0.94 -13.59
N VAL A 53 -8.23 1.81 -12.76
CA VAL A 53 -9.03 2.78 -12.02
C VAL A 53 -8.84 4.19 -12.59
N SER A 54 -9.26 4.37 -13.83
CA SER A 54 -9.14 5.67 -14.49
C SER A 54 -10.09 6.69 -13.87
N LEU A 55 -10.07 7.90 -14.39
CA LEU A 55 -10.93 8.97 -13.89
C LEU A 55 -12.39 8.56 -13.94
N GLU A 56 -13.12 8.79 -12.84
CA GLU A 56 -14.53 8.44 -12.76
C GLU A 56 -15.39 9.70 -12.66
N LYS A 57 -15.06 10.70 -13.47
CA LYS A 57 -15.81 11.95 -13.48
C LYS A 57 -15.72 12.64 -12.12
N ASN A 58 -14.65 12.36 -11.39
CA ASN A 58 -14.44 12.96 -10.07
C ASN A 58 -12.96 13.26 -9.84
N PRO A 59 -12.68 14.41 -9.20
CA PRO A 59 -11.31 14.83 -8.90
C PRO A 59 -10.66 13.97 -7.83
N CYS A 60 -11.41 13.00 -7.32
CA CYS A 60 -10.90 12.10 -6.29
C CYS A 60 -9.98 11.05 -6.90
N ILE A 61 -10.50 10.30 -7.86
CA ILE A 61 -9.73 9.25 -8.52
C ILE A 61 -8.38 9.78 -9.00
N ARG A 62 -8.41 10.94 -9.66
CA ARG A 62 -7.19 11.56 -10.17
C ARG A 62 -6.17 11.76 -9.05
N GLU A 63 -6.65 11.71 -7.81
CA GLU A 63 -5.79 11.88 -6.65
C GLU A 63 -5.51 10.55 -5.96
N ALA A 64 -6.56 9.97 -5.38
CA ALA A 64 -6.44 8.68 -4.70
C ALA A 64 -5.50 7.74 -5.46
N ARG A 65 -5.70 7.67 -6.77
CA ARG A 65 -4.88 6.80 -7.61
C ARG A 65 -3.40 7.06 -7.38
N ARG A 66 -2.96 8.27 -7.71
CA ARG A 66 -1.56 8.65 -7.54
C ARG A 66 -1.16 8.62 -6.07
N ARG A 67 -1.79 9.49 -5.27
CA ARG A 67 -1.50 9.56 -3.85
C ARG A 67 -1.25 8.17 -3.27
N ALA A 68 -2.22 7.28 -3.46
CA ALA A 68 -2.10 5.92 -2.95
C ALA A 68 -0.76 5.30 -3.35
N VAL A 69 -0.51 5.24 -4.66
CA VAL A 69 0.73 4.66 -5.17
C VAL A 69 1.90 5.01 -4.26
N ILE A 70 2.03 6.28 -3.90
CA ILE A 70 3.10 6.73 -3.04
C ILE A 70 2.89 6.26 -1.61
N GLU A 71 1.67 6.43 -1.11
CA GLU A 71 1.33 6.02 0.25
C GLU A 71 1.65 4.55 0.48
N VAL A 72 1.84 3.82 -0.62
CA VAL A 72 2.16 2.39 -0.54
C VAL A 72 3.57 2.12 -1.05
N GLN A 73 4.02 2.92 -2.00
CA GLN A 73 5.35 2.76 -2.57
C GLN A 73 6.42 3.32 -1.62
N THR A 74 5.98 4.13 -0.67
CA THR A 74 6.89 4.74 0.30
C THR A 74 7.37 3.71 1.32
N LEU A 75 6.46 2.84 1.74
CA LEU A 75 6.78 1.80 2.72
C LEU A 75 7.66 0.73 2.10
N ILE A 76 7.37 0.37 0.85
CA ILE A 76 8.13 -0.65 0.15
C ILE A 76 9.61 -0.25 0.04
N THR A 77 9.84 1.03 -0.21
CA THR A 77 11.21 1.54 -0.34
C THR A 77 11.91 1.60 1.01
N TYR A 78 11.17 2.02 2.04
CA TYR A 78 11.71 2.12 3.38
C TYR A 78 12.11 0.75 3.91
N ILE A 79 11.29 -0.25 3.62
CA ILE A 79 11.56 -1.62 4.06
C ILE A 79 12.67 -2.26 3.24
N ASP A 80 12.82 -1.80 2.00
CA ASP A 80 13.85 -2.33 1.12
C ASP A 80 15.24 -1.90 1.58
N LEU A 81 15.38 -0.64 1.95
CA LEU A 81 16.65 -0.11 2.41
C LEU A 81 17.08 -0.77 3.72
N LYS A 82 16.21 -0.68 4.73
CA LYS A 82 16.49 -1.27 6.03
C LYS A 82 16.91 -2.74 5.89
N GLU A 83 16.17 -3.48 5.06
CA GLU A 83 16.46 -4.89 4.84
C GLU A 83 17.95 -5.10 4.59
N SER A 84 18.47 -4.45 3.56
CA SER A 84 19.87 -4.57 3.20
C SER A 84 20.24 -6.02 2.92
N GLY A 85 19.31 -6.76 2.33
CA GLY A 85 19.55 -8.16 2.01
C GLY A 85 19.40 -8.46 0.54
N PRO A 86 19.92 -9.62 0.11
CA PRO A 86 19.85 -10.04 -1.29
C PRO A 86 18.43 -10.38 -1.73
N SER A 87 17.99 -9.78 -2.83
CA SER A 87 16.66 -10.02 -3.36
C SER A 87 16.72 -10.57 -4.78
N SER A 88 16.00 -11.65 -5.03
CA SER A 88 15.97 -12.27 -6.35
C SER A 88 14.92 -11.61 -7.23
N GLY A 89 13.69 -11.56 -6.75
CA GLY A 89 12.61 -10.96 -7.52
C GLY A 89 11.60 -11.97 -7.99
N GLY A 1 -16.30 -11.70 -17.91
CA GLY A 1 -16.49 -10.88 -16.73
C GLY A 1 -16.65 -9.41 -17.07
N SER A 2 -17.86 -8.89 -16.92
CA SER A 2 -18.13 -7.49 -17.22
C SER A 2 -17.48 -6.59 -16.18
N SER A 3 -16.61 -5.69 -16.66
CA SER A 3 -15.91 -4.77 -15.78
C SER A 3 -16.82 -3.63 -15.35
N GLY A 4 -16.86 -3.37 -14.04
CA GLY A 4 -17.70 -2.31 -13.52
C GLY A 4 -17.03 -1.54 -12.40
N SER A 5 -16.95 -0.23 -12.54
CA SER A 5 -16.32 0.62 -11.53
C SER A 5 -16.69 0.15 -10.13
N SER A 6 -17.99 0.18 -9.83
CA SER A 6 -18.48 -0.23 -8.51
C SER A 6 -17.89 0.64 -7.41
N GLY A 7 -17.89 1.95 -7.65
CA GLY A 7 -17.35 2.88 -6.66
C GLY A 7 -15.84 2.87 -6.62
N SER A 8 -15.21 3.25 -7.74
CA SER A 8 -13.76 3.27 -7.82
C SER A 8 -13.14 3.75 -6.51
N ILE A 9 -13.89 4.60 -5.80
CA ILE A 9 -13.41 5.14 -4.52
C ILE A 9 -13.33 4.05 -3.46
N LEU A 10 -14.38 3.25 -3.35
CA LEU A 10 -14.43 2.17 -2.37
C LEU A 10 -13.36 1.13 -2.67
N LYS A 11 -12.76 1.22 -3.85
CA LYS A 11 -11.71 0.29 -4.25
C LYS A 11 -10.35 0.74 -3.72
N ILE A 12 -10.18 2.04 -3.57
CA ILE A 12 -8.93 2.60 -3.07
C ILE A 12 -8.95 2.69 -1.55
N GLU A 13 -10.12 2.96 -0.98
CA GLU A 13 -10.27 3.07 0.47
C GLU A 13 -9.47 1.97 1.18
N LYS A 14 -9.52 0.76 0.64
CA LYS A 14 -8.81 -0.37 1.21
C LYS A 14 -7.32 -0.23 1.00
N VAL A 15 -6.91 -0.01 -0.25
CA VAL A 15 -5.50 0.14 -0.59
C VAL A 15 -4.74 0.86 0.52
N LEU A 16 -5.39 1.86 1.11
CA LEU A 16 -4.78 2.63 2.19
C LEU A 16 -5.13 2.04 3.56
N LYS A 17 -6.39 1.64 3.70
CA LYS A 17 -6.86 1.06 4.96
C LYS A 17 -5.80 0.15 5.56
N ARG A 18 -5.48 -0.93 4.87
CA ARG A 18 -4.48 -1.88 5.34
C ARG A 18 -3.11 -1.22 5.46
N MET A 19 -2.70 -0.52 4.40
CA MET A 19 -1.42 0.17 4.39
C MET A 19 -1.08 0.71 5.78
N ARG A 20 -2.02 1.40 6.40
CA ARG A 20 -1.81 1.97 7.72
C ARG A 20 -1.70 0.86 8.77
N GLU A 21 -2.68 -0.03 8.78
CA GLU A 21 -2.69 -1.14 9.74
C GLU A 21 -1.36 -1.90 9.71
N ILE A 22 -1.03 -2.45 8.55
CA ILE A 22 0.21 -3.20 8.39
C ILE A 22 1.41 -2.37 8.84
N LYS A 23 1.41 -1.09 8.49
CA LYS A 23 2.50 -0.19 8.86
C LYS A 23 2.62 -0.09 10.38
N ASN A 24 1.51 0.22 11.05
CA ASN A 24 1.50 0.35 12.50
C ASN A 24 2.04 -0.91 13.16
N GLU A 25 1.49 -2.06 12.78
CA GLU A 25 1.91 -3.35 13.33
C GLU A 25 3.42 -3.53 13.16
N LEU A 26 3.98 -2.90 12.14
CA LEU A 26 5.41 -3.00 11.87
C LEU A 26 6.19 -2.00 12.72
N LEU A 27 5.62 -0.83 12.92
CA LEU A 27 6.26 0.22 13.72
C LEU A 27 6.42 -0.22 15.16
N GLN A 28 5.38 -0.86 15.70
CA GLN A 28 5.41 -1.35 17.07
C GLN A 28 6.38 -2.51 17.23
N ALA A 29 6.26 -3.49 16.34
CA ALA A 29 7.12 -4.67 16.38
C ALA A 29 8.53 -4.30 16.83
N GLN A 30 9.14 -5.17 17.64
CA GLN A 30 10.48 -4.93 18.14
C GLN A 30 11.52 -5.51 17.19
N ASN A 31 11.24 -6.68 16.64
CA ASN A 31 12.16 -7.34 15.72
C ASN A 31 11.47 -7.64 14.38
N PRO A 32 11.12 -6.57 13.66
CA PRO A 32 10.45 -6.68 12.35
C PRO A 32 11.38 -7.25 11.28
N SER A 33 12.60 -7.59 11.67
CA SER A 33 13.57 -8.14 10.74
C SER A 33 12.90 -9.03 9.70
N GLU A 34 11.93 -9.82 10.14
CA GLU A 34 11.20 -10.72 9.26
C GLU A 34 9.94 -10.05 8.73
N LEU A 35 9.30 -9.24 9.57
CA LEU A 35 8.09 -8.54 9.19
C LEU A 35 8.31 -7.71 7.93
N TYR A 36 9.55 -7.32 7.68
CA TYR A 36 9.89 -6.52 6.52
C TYR A 36 9.37 -7.17 5.25
N LEU A 37 9.47 -8.50 5.18
CA LEU A 37 9.00 -9.24 4.01
C LEU A 37 7.48 -9.21 3.91
N SER A 38 6.80 -9.76 4.92
CA SER A 38 5.35 -9.80 4.94
C SER A 38 4.77 -8.44 4.55
N SER A 39 5.04 -7.43 5.37
CA SER A 39 4.54 -6.08 5.10
C SER A 39 4.77 -5.68 3.64
N LYS A 40 5.95 -6.02 3.13
CA LYS A 40 6.30 -5.71 1.75
C LYS A 40 5.40 -6.46 0.78
N THR A 41 5.52 -7.79 0.75
CA THR A 41 4.71 -8.62 -0.13
C THR A 41 3.26 -8.16 -0.14
N GLU A 42 2.64 -8.15 1.04
CA GLU A 42 1.25 -7.74 1.17
C GLU A 42 1.04 -6.34 0.59
N LEU A 43 1.75 -5.36 1.16
CA LEU A 43 1.64 -3.98 0.70
C LEU A 43 1.62 -3.92 -0.82
N GLN A 44 2.58 -4.58 -1.45
CA GLN A 44 2.66 -4.60 -2.91
C GLN A 44 1.35 -5.05 -3.53
N GLY A 45 0.69 -6.02 -2.89
CA GLY A 45 -0.57 -6.52 -3.39
C GLY A 45 -1.64 -5.45 -3.45
N LEU A 46 -1.87 -4.78 -2.32
CA LEU A 46 -2.88 -3.73 -2.24
C LEU A 46 -2.81 -2.83 -3.46
N ILE A 47 -1.61 -2.38 -3.81
CA ILE A 47 -1.42 -1.51 -4.97
C ILE A 47 -2.06 -2.11 -6.22
N GLY A 48 -1.88 -3.41 -6.40
CA GLY A 48 -2.46 -4.08 -7.55
C GLY A 48 -3.87 -3.63 -7.84
N GLN A 49 -4.64 -3.38 -6.78
CA GLN A 49 -6.03 -2.94 -6.93
C GLN A 49 -6.10 -1.62 -7.69
N LEU A 50 -5.15 -0.73 -7.39
CA LEU A 50 -5.11 0.59 -8.05
C LEU A 50 -5.05 0.43 -9.56
N ASP A 51 -4.46 -0.67 -10.02
CA ASP A 51 -4.33 -0.92 -11.45
C ASP A 51 -5.71 -1.09 -12.09
N GLU A 52 -6.73 -1.24 -11.26
CA GLU A 52 -8.10 -1.41 -11.75
C GLU A 52 -8.85 -0.09 -11.71
N VAL A 53 -8.39 0.83 -10.88
CA VAL A 53 -9.02 2.14 -10.75
C VAL A 53 -8.30 3.18 -11.59
N SER A 54 -7.81 2.76 -12.76
CA SER A 54 -7.10 3.67 -13.66
C SER A 54 -7.63 5.08 -13.54
N LEU A 55 -6.90 5.93 -12.82
CA LEU A 55 -7.31 7.31 -12.63
C LEU A 55 -7.84 7.91 -13.92
N GLU A 56 -8.54 9.04 -13.81
CA GLU A 56 -9.10 9.71 -14.99
C GLU A 56 -9.00 11.23 -14.84
N LYS A 57 -9.57 11.93 -15.81
CA LYS A 57 -9.55 13.40 -15.79
C LYS A 57 -10.01 13.94 -14.44
N ASN A 58 -11.15 13.44 -13.97
CA ASN A 58 -11.71 13.88 -12.70
C ASN A 58 -10.60 14.20 -11.70
N PRO A 59 -10.87 15.15 -10.79
CA PRO A 59 -9.91 15.56 -9.77
C PRO A 59 -9.67 14.49 -8.72
N CYS A 60 -10.76 13.97 -8.16
CA CYS A 60 -10.66 12.94 -7.14
C CYS A 60 -9.94 11.71 -7.67
N ILE A 61 -10.60 10.99 -8.57
CA ILE A 61 -10.01 9.79 -9.15
C ILE A 61 -8.58 10.04 -9.61
N ARG A 62 -8.33 11.24 -10.12
CA ARG A 62 -7.00 11.60 -10.59
C ARG A 62 -6.00 11.63 -9.42
N GLU A 63 -6.45 12.11 -8.27
CA GLU A 63 -5.59 12.19 -7.09
C GLU A 63 -5.50 10.83 -6.40
N ALA A 64 -6.65 10.30 -5.98
CA ALA A 64 -6.69 9.01 -5.31
C ALA A 64 -5.62 8.07 -5.86
N ARG A 65 -5.73 7.75 -7.14
CA ARG A 65 -4.77 6.86 -7.79
C ARG A 65 -3.34 7.18 -7.36
N ARG A 66 -2.81 8.29 -7.88
CA ARG A 66 -1.46 8.71 -7.55
C ARG A 66 -1.22 8.66 -6.05
N ARG A 67 -1.93 9.50 -5.31
CA ARG A 67 -1.80 9.56 -3.86
C ARG A 67 -1.55 8.17 -3.29
N ALA A 68 -2.54 7.28 -3.44
CA ALA A 68 -2.43 5.92 -2.94
C ALA A 68 -1.10 5.29 -3.37
N VAL A 69 -0.89 5.21 -4.68
CA VAL A 69 0.33 4.61 -5.21
C VAL A 69 1.54 5.00 -4.37
N ILE A 70 1.84 6.30 -4.32
CA ILE A 70 2.98 6.79 -3.55
C ILE A 70 2.82 6.46 -2.07
N GLU A 71 1.77 7.00 -1.46
CA GLU A 71 1.50 6.76 -0.04
C GLU A 71 1.89 5.34 0.36
N VAL A 72 1.70 4.40 -0.57
CA VAL A 72 2.03 3.00 -0.32
C VAL A 72 3.50 2.73 -0.62
N GLN A 73 3.89 2.94 -1.88
CA GLN A 73 5.27 2.70 -2.30
C GLN A 73 6.24 3.30 -1.28
N THR A 74 5.78 4.27 -0.51
CA THR A 74 6.61 4.91 0.50
C THR A 74 7.20 3.88 1.47
N LEU A 75 6.36 2.95 1.91
CA LEU A 75 6.80 1.91 2.84
C LEU A 75 7.71 0.91 2.14
N ILE A 76 7.17 0.21 1.16
CA ILE A 76 7.95 -0.78 0.41
C ILE A 76 9.39 -0.33 0.23
N THR A 77 9.58 0.98 0.04
CA THR A 77 10.92 1.53 -0.14
C THR A 77 11.67 1.58 1.18
N TYR A 78 10.98 2.00 2.24
CA TYR A 78 11.60 2.11 3.56
C TYR A 78 12.02 0.73 4.07
N ILE A 79 11.31 -0.31 3.62
CA ILE A 79 11.61 -1.67 4.03
C ILE A 79 12.90 -2.17 3.38
N ASP A 80 13.04 -1.89 2.09
CA ASP A 80 14.23 -2.31 1.36
C ASP A 80 15.49 -1.69 1.97
N LEU A 81 15.48 -0.38 2.13
CA LEU A 81 16.62 0.33 2.71
C LEU A 81 17.11 -0.36 3.98
N LYS A 82 16.17 -0.68 4.86
CA LYS A 82 16.50 -1.35 6.11
C LYS A 82 17.12 -2.72 5.86
N GLU A 83 16.32 -3.65 5.35
CA GLU A 83 16.79 -4.99 5.07
C GLU A 83 18.21 -4.97 4.51
N SER A 84 18.42 -4.16 3.46
CA SER A 84 19.72 -4.05 2.83
C SER A 84 20.34 -2.68 3.12
N GLY A 85 21.13 -2.62 4.20
CA GLY A 85 21.77 -1.37 4.56
C GLY A 85 22.26 -0.59 3.36
N PRO A 86 22.21 0.75 3.46
CA PRO A 86 22.64 1.64 2.38
C PRO A 86 24.15 1.62 2.19
N SER A 87 24.58 1.54 0.93
CA SER A 87 26.00 1.51 0.61
C SER A 87 26.26 2.07 -0.79
N SER A 88 27.26 2.94 -0.89
CA SER A 88 27.61 3.56 -2.17
C SER A 88 28.18 2.52 -3.14
N GLY A 89 27.39 2.17 -4.15
CA GLY A 89 27.85 1.20 -5.13
C GLY A 89 28.21 -0.13 -4.50
N GLY A 1 -23.71 -16.65 -1.19
CA GLY A 1 -22.52 -16.31 -1.94
C GLY A 1 -22.63 -14.96 -2.62
N SER A 2 -22.88 -13.92 -1.84
CA SER A 2 -23.01 -12.58 -2.37
C SER A 2 -21.66 -12.05 -2.88
N SER A 3 -21.44 -12.20 -4.17
CA SER A 3 -20.19 -11.75 -4.78
C SER A 3 -20.38 -10.43 -5.50
N GLY A 4 -19.29 -9.68 -5.66
CA GLY A 4 -19.36 -8.39 -6.33
C GLY A 4 -19.70 -7.25 -5.39
N SER A 5 -20.45 -6.28 -5.88
CA SER A 5 -20.84 -5.14 -5.07
C SER A 5 -19.62 -4.33 -4.66
N SER A 6 -18.75 -4.03 -5.61
CA SER A 6 -17.53 -3.28 -5.34
C SER A 6 -17.31 -2.20 -6.40
N GLY A 7 -16.79 -1.05 -5.97
CA GLY A 7 -16.55 0.04 -6.90
C GLY A 7 -15.10 0.48 -6.91
N SER A 8 -14.87 1.75 -7.22
CA SER A 8 -13.52 2.30 -7.26
C SER A 8 -13.14 2.92 -5.92
N ILE A 9 -13.98 3.82 -5.44
CA ILE A 9 -13.73 4.49 -4.17
C ILE A 9 -13.26 3.51 -3.11
N LEU A 10 -14.02 2.43 -2.93
CA LEU A 10 -13.69 1.40 -1.94
C LEU A 10 -12.37 0.73 -2.31
N LYS A 11 -12.30 0.19 -3.52
CA LYS A 11 -11.10 -0.48 -3.99
C LYS A 11 -9.84 0.29 -3.58
N ILE A 12 -9.90 1.60 -3.69
CA ILE A 12 -8.77 2.45 -3.33
C ILE A 12 -8.70 2.65 -1.82
N GLU A 13 -9.86 2.64 -1.17
CA GLU A 13 -9.93 2.83 0.27
C GLU A 13 -9.30 1.64 1.00
N LYS A 14 -9.41 0.46 0.40
CA LYS A 14 -8.85 -0.75 0.98
C LYS A 14 -7.34 -0.82 0.78
N VAL A 15 -6.88 -0.20 -0.30
CA VAL A 15 -5.45 -0.19 -0.62
C VAL A 15 -4.69 0.72 0.35
N LEU A 16 -5.40 1.64 0.97
CA LEU A 16 -4.79 2.56 1.92
C LEU A 16 -5.05 2.12 3.36
N LYS A 17 -6.31 1.96 3.70
CA LYS A 17 -6.70 1.53 5.04
C LYS A 17 -5.68 0.56 5.62
N ARG A 18 -5.46 -0.56 4.93
CA ARG A 18 -4.50 -1.56 5.37
C ARG A 18 -3.12 -0.95 5.55
N MET A 19 -2.70 -0.16 4.57
CA MET A 19 -1.39 0.49 4.61
C MET A 19 -1.13 1.10 5.99
N ARG A 20 -2.00 2.01 6.40
CA ARG A 20 -1.88 2.67 7.69
C ARG A 20 -1.58 1.65 8.79
N GLU A 21 -2.49 0.70 8.98
CA GLU A 21 -2.32 -0.33 9.99
C GLU A 21 -0.95 -1.00 9.88
N ILE A 22 -0.72 -1.67 8.75
CA ILE A 22 0.54 -2.35 8.51
C ILE A 22 1.73 -1.49 8.96
N LYS A 23 1.67 -0.20 8.65
CA LYS A 23 2.72 0.73 9.03
C LYS A 23 2.90 0.77 10.55
N ASN A 24 1.88 1.29 11.23
CA ASN A 24 1.92 1.40 12.69
C ASN A 24 2.34 0.07 13.31
N GLU A 25 1.78 -1.03 12.81
CA GLU A 25 2.10 -2.35 13.32
C GLU A 25 3.59 -2.66 13.15
N LEU A 26 4.12 -2.36 11.97
CA LEU A 26 5.53 -2.60 11.69
C LEU A 26 6.42 -1.74 12.58
N LEU A 27 5.96 -0.53 12.88
CA LEU A 27 6.72 0.38 13.72
C LEU A 27 6.65 -0.05 15.18
N GLN A 28 5.51 -0.59 15.60
CA GLN A 28 5.33 -1.04 16.96
C GLN A 28 5.47 -2.57 17.05
N ALA A 29 6.25 -3.14 16.14
CA ALA A 29 6.46 -4.58 16.12
C ALA A 29 7.64 -4.97 17.01
N GLN A 30 7.65 -6.23 17.45
CA GLN A 30 8.71 -6.72 18.30
C GLN A 30 9.85 -7.33 17.48
N ASN A 31 9.48 -8.08 16.44
CA ASN A 31 10.46 -8.71 15.57
C ASN A 31 10.17 -8.40 14.11
N PRO A 32 10.56 -7.20 13.66
CA PRO A 32 10.34 -6.75 12.29
C PRO A 32 11.22 -7.52 11.29
N SER A 33 11.99 -8.47 11.81
CA SER A 33 12.88 -9.27 10.96
C SER A 33 12.09 -9.99 9.87
N GLU A 34 10.98 -10.61 10.26
CA GLU A 34 10.13 -11.33 9.32
C GLU A 34 9.20 -10.38 8.58
N LEU A 35 8.70 -9.38 9.29
CA LEU A 35 7.79 -8.40 8.70
C LEU A 35 8.42 -7.75 7.48
N TYR A 36 9.68 -7.34 7.61
CA TYR A 36 10.39 -6.69 6.52
C TYR A 36 10.00 -7.31 5.18
N LEU A 37 9.82 -8.62 5.17
CA LEU A 37 9.46 -9.34 3.95
C LEU A 37 7.94 -9.37 3.79
N SER A 38 7.26 -9.90 4.79
CA SER A 38 5.79 -10.00 4.76
C SER A 38 5.17 -8.66 4.41
N SER A 39 5.44 -7.65 5.24
CA SER A 39 4.90 -6.31 5.03
C SER A 39 5.06 -5.89 3.57
N LYS A 40 6.30 -5.93 3.09
CA LYS A 40 6.59 -5.55 1.71
C LYS A 40 5.69 -6.31 0.73
N THR A 41 5.77 -7.64 0.77
CA THR A 41 4.95 -8.47 -0.11
C THR A 41 3.49 -8.05 -0.07
N GLU A 42 2.90 -8.06 1.12
CA GLU A 42 1.51 -7.67 1.29
C GLU A 42 1.25 -6.29 0.70
N LEU A 43 2.16 -5.35 0.97
CA LEU A 43 2.03 -3.99 0.48
C LEU A 43 1.90 -3.98 -1.05
N GLN A 44 2.85 -4.62 -1.73
CA GLN A 44 2.85 -4.68 -3.17
C GLN A 44 1.52 -5.23 -3.69
N GLY A 45 1.04 -6.30 -3.07
CA GLY A 45 -0.21 -6.90 -3.48
C GLY A 45 -1.34 -5.89 -3.59
N LEU A 46 -1.66 -5.23 -2.48
CA LEU A 46 -2.72 -4.24 -2.45
C LEU A 46 -2.62 -3.31 -3.66
N ILE A 47 -1.48 -2.65 -3.80
CA ILE A 47 -1.26 -1.73 -4.91
C ILE A 47 -1.97 -2.22 -6.18
N GLY A 48 -1.70 -3.47 -6.55
CA GLY A 48 -2.32 -4.04 -7.73
C GLY A 48 -3.74 -3.56 -7.93
N GLN A 49 -4.59 -3.80 -6.94
CA GLN A 49 -5.99 -3.37 -7.02
C GLN A 49 -6.10 -2.01 -7.69
N LEU A 50 -5.42 -1.02 -7.13
CA LEU A 50 -5.44 0.34 -7.67
C LEU A 50 -5.44 0.32 -9.19
N ASP A 51 -4.51 -0.47 -9.76
CA ASP A 51 -4.40 -0.57 -11.21
C ASP A 51 -5.77 -0.80 -11.85
N GLU A 52 -6.57 -1.66 -11.23
CA GLU A 52 -7.90 -1.96 -11.74
C GLU A 52 -8.72 -0.68 -11.93
N VAL A 53 -8.68 0.19 -10.93
CA VAL A 53 -9.42 1.45 -10.97
C VAL A 53 -8.94 2.31 -12.13
N SER A 54 -9.87 2.98 -12.80
CA SER A 54 -9.54 3.84 -13.93
C SER A 54 -10.07 5.25 -13.70
N LEU A 55 -9.38 6.23 -14.28
CA LEU A 55 -9.77 7.63 -14.14
C LEU A 55 -11.11 7.88 -14.83
N GLU A 56 -12.04 8.51 -14.10
CA GLU A 56 -13.35 8.81 -14.65
C GLU A 56 -13.57 10.32 -14.73
N LYS A 57 -12.86 10.96 -15.66
CA LYS A 57 -12.98 12.41 -15.85
C LYS A 57 -13.28 13.10 -14.52
N ASN A 58 -12.51 12.77 -13.49
CA ASN A 58 -12.70 13.36 -12.18
C ASN A 58 -11.36 13.53 -11.47
N PRO A 59 -11.21 14.67 -10.77
CA PRO A 59 -9.98 14.98 -10.03
C PRO A 59 -9.80 14.10 -8.81
N CYS A 60 -10.90 13.82 -8.11
CA CYS A 60 -10.86 12.98 -6.92
C CYS A 60 -10.27 11.62 -7.23
N ILE A 61 -11.02 10.80 -7.97
CA ILE A 61 -10.56 9.46 -8.34
C ILE A 61 -9.20 9.51 -9.02
N ARG A 62 -8.90 10.65 -9.65
CA ARG A 62 -7.62 10.83 -10.33
C ARG A 62 -6.48 10.93 -9.34
N GLU A 63 -6.62 11.84 -8.37
CA GLU A 63 -5.59 12.03 -7.36
C GLU A 63 -5.58 10.87 -6.36
N ALA A 64 -6.75 10.59 -5.78
CA ALA A 64 -6.87 9.51 -4.82
C ALA A 64 -6.13 8.25 -5.29
N ARG A 65 -6.30 7.92 -6.57
CA ARG A 65 -5.65 6.76 -7.15
C ARG A 65 -4.13 6.93 -7.19
N ARG A 66 -3.70 8.09 -7.68
CA ARG A 66 -2.27 8.38 -7.77
C ARG A 66 -1.66 8.53 -6.38
N ARG A 67 -2.07 9.57 -5.66
CA ARG A 67 -1.55 9.83 -4.33
C ARG A 67 -1.28 8.51 -3.59
N ALA A 68 -2.29 7.66 -3.50
CA ALA A 68 -2.16 6.38 -2.83
C ALA A 68 -0.87 5.68 -3.23
N VAL A 69 -0.63 5.59 -4.54
CA VAL A 69 0.57 4.94 -5.06
C VAL A 69 1.81 5.38 -4.28
N ILE A 70 1.96 6.68 -4.10
CA ILE A 70 3.10 7.21 -3.37
C ILE A 70 2.98 6.94 -1.88
N GLU A 71 1.79 7.14 -1.34
CA GLU A 71 1.53 6.91 0.08
C GLU A 71 1.80 5.45 0.45
N VAL A 72 1.73 4.57 -0.54
CA VAL A 72 1.97 3.15 -0.33
C VAL A 72 3.39 2.76 -0.73
N GLN A 73 3.88 3.40 -1.80
CA GLN A 73 5.22 3.11 -2.29
C GLN A 73 6.28 3.56 -1.29
N THR A 74 6.07 4.74 -0.70
CA THR A 74 7.01 5.28 0.28
C THR A 74 7.44 4.21 1.27
N LEU A 75 6.51 3.35 1.67
CA LEU A 75 6.81 2.28 2.62
C LEU A 75 7.76 1.26 2.00
N ILE A 76 7.40 0.76 0.82
CA ILE A 76 8.23 -0.22 0.12
C ILE A 76 9.71 0.18 0.16
N THR A 77 9.98 1.44 -0.16
CA THR A 77 11.34 1.95 -0.17
C THR A 77 11.95 1.91 1.23
N TYR A 78 11.17 2.32 2.22
CA TYR A 78 11.63 2.33 3.61
C TYR A 78 12.23 0.98 3.99
N ILE A 79 11.47 -0.08 3.75
CA ILE A 79 11.92 -1.43 4.08
C ILE A 79 13.09 -1.85 3.19
N ASP A 80 12.91 -1.68 1.88
CA ASP A 80 13.95 -2.04 0.92
C ASP A 80 15.33 -1.73 1.48
N LEU A 81 15.50 -0.54 2.04
CA LEU A 81 16.77 -0.13 2.61
C LEU A 81 17.11 -0.96 3.84
N LYS A 82 16.26 -0.87 4.86
CA LYS A 82 16.46 -1.62 6.10
C LYS A 82 16.76 -3.08 5.81
N GLU A 83 15.83 -3.76 5.15
CA GLU A 83 16.00 -5.16 4.81
C GLU A 83 17.45 -5.47 4.46
N SER A 84 18.01 -4.67 3.56
CA SER A 84 19.39 -4.86 3.13
C SER A 84 20.34 -4.76 4.32
N GLY A 85 21.44 -5.51 4.25
CA GLY A 85 22.42 -5.49 5.33
C GLY A 85 23.73 -6.13 4.92
N PRO A 86 23.90 -7.42 5.26
CA PRO A 86 25.12 -8.16 4.93
C PRO A 86 25.26 -8.44 3.44
N SER A 87 26.28 -7.83 2.83
CA SER A 87 26.52 -8.00 1.40
C SER A 87 27.98 -8.33 1.13
N SER A 88 28.23 -9.54 0.66
CA SER A 88 29.60 -9.98 0.37
C SER A 88 30.52 -9.70 1.55
N GLY A 89 30.04 -9.98 2.75
CA GLY A 89 30.84 -9.74 3.95
C GLY A 89 30.26 -10.42 5.17
N GLY A 1 -15.59 -8.56 2.71
CA GLY A 1 -16.48 -7.68 3.45
C GLY A 1 -17.91 -7.74 2.94
N SER A 2 -18.18 -7.00 1.86
CA SER A 2 -19.51 -6.96 1.28
C SER A 2 -19.56 -7.78 -0.01
N SER A 3 -20.77 -8.02 -0.50
CA SER A 3 -20.96 -8.78 -1.73
C SER A 3 -20.42 -8.04 -2.94
N GLY A 4 -19.46 -8.65 -3.63
CA GLY A 4 -18.88 -8.02 -4.80
C GLY A 4 -18.13 -6.75 -4.46
N SER A 5 -16.87 -6.68 -4.88
CA SER A 5 -16.04 -5.51 -4.61
C SER A 5 -16.24 -4.45 -5.68
N SER A 6 -17.07 -3.46 -5.39
CA SER A 6 -17.34 -2.39 -6.33
C SER A 6 -17.15 -1.03 -5.67
N GLY A 7 -17.30 0.03 -6.46
CA GLY A 7 -17.14 1.38 -5.94
C GLY A 7 -15.70 1.86 -5.99
N SER A 8 -15.35 2.58 -7.05
CA SER A 8 -14.00 3.09 -7.23
C SER A 8 -13.43 3.56 -5.90
N ILE A 9 -14.23 4.32 -5.15
CA ILE A 9 -13.81 4.85 -3.86
C ILE A 9 -13.20 3.75 -3.00
N LEU A 10 -13.95 2.67 -2.78
CA LEU A 10 -13.48 1.56 -1.97
C LEU A 10 -12.29 0.87 -2.65
N LYS A 11 -12.30 0.84 -3.97
CA LYS A 11 -11.22 0.22 -4.73
C LYS A 11 -9.91 0.95 -4.52
N ILE A 12 -9.99 2.13 -3.89
CA ILE A 12 -8.81 2.93 -3.62
C ILE A 12 -8.63 3.17 -2.12
N GLU A 13 -9.74 3.18 -1.39
CA GLU A 13 -9.71 3.41 0.04
C GLU A 13 -9.08 2.22 0.76
N LYS A 14 -9.32 1.02 0.24
CA LYS A 14 -8.78 -0.20 0.83
C LYS A 14 -7.27 -0.28 0.61
N VAL A 15 -6.83 0.16 -0.57
CA VAL A 15 -5.41 0.13 -0.90
C VAL A 15 -4.59 0.94 0.10
N LEU A 16 -5.29 1.71 0.93
CA LEU A 16 -4.62 2.53 1.94
C LEU A 16 -4.99 2.07 3.35
N LYS A 17 -6.30 1.91 3.59
CA LYS A 17 -6.79 1.48 4.89
C LYS A 17 -5.85 0.44 5.50
N ARG A 18 -5.54 -0.60 4.74
CA ARG A 18 -4.66 -1.66 5.21
C ARG A 18 -3.22 -1.17 5.31
N MET A 19 -2.79 -0.40 4.31
CA MET A 19 -1.44 0.14 4.30
C MET A 19 -1.11 0.85 5.61
N ARG A 20 -2.11 1.53 6.17
CA ARG A 20 -1.94 2.25 7.43
C ARG A 20 -1.70 1.28 8.58
N GLU A 21 -2.58 0.30 8.71
CA GLU A 21 -2.47 -0.69 9.78
C GLU A 21 -1.12 -1.40 9.72
N ILE A 22 -0.78 -1.94 8.55
CA ILE A 22 0.49 -2.63 8.37
C ILE A 22 1.65 -1.83 8.96
N LYS A 23 1.59 -0.51 8.80
CA LYS A 23 2.63 0.36 9.32
C LYS A 23 2.72 0.27 10.84
N ASN A 24 1.63 0.61 11.52
CA ASN A 24 1.57 0.56 12.97
C ASN A 24 2.09 -0.78 13.49
N GLU A 25 1.69 -1.86 12.83
CA GLU A 25 2.10 -3.20 13.23
C GLU A 25 3.62 -3.33 13.16
N LEU A 26 4.22 -2.68 12.16
CA LEU A 26 5.68 -2.73 11.98
C LEU A 26 6.38 -1.85 13.01
N LEU A 27 5.85 -0.65 13.22
CA LEU A 27 6.43 0.29 14.17
C LEU A 27 6.40 -0.29 15.59
N GLN A 28 5.28 -0.93 15.94
CA GLN A 28 5.15 -1.53 17.27
C GLN A 28 5.96 -2.81 17.37
N ALA A 29 5.84 -3.67 16.37
CA ALA A 29 6.57 -4.93 16.34
C ALA A 29 7.98 -4.76 16.90
N GLN A 30 8.35 -5.62 17.85
CA GLN A 30 9.66 -5.56 18.46
C GLN A 30 10.74 -6.03 17.50
N ASN A 31 10.59 -7.26 17.00
CA ASN A 31 11.54 -7.82 16.07
C ASN A 31 10.94 -7.96 14.67
N PRO A 32 10.80 -6.83 13.97
CA PRO A 32 10.23 -6.80 12.62
C PRO A 32 11.15 -7.45 11.59
N SER A 33 12.29 -7.94 12.05
CA SER A 33 13.25 -8.58 11.17
C SER A 33 12.55 -9.35 10.06
N GLU A 34 11.57 -10.16 10.44
CA GLU A 34 10.82 -10.95 9.47
C GLU A 34 9.74 -10.11 8.80
N LEU A 35 9.05 -9.29 9.59
CA LEU A 35 8.00 -8.43 9.10
C LEU A 35 8.43 -7.71 7.82
N TYR A 36 9.65 -7.18 7.85
CA TYR A 36 10.20 -6.45 6.70
C TYR A 36 9.78 -7.12 5.40
N LEU A 37 9.94 -8.43 5.32
CA LEU A 37 9.57 -9.19 4.13
C LEU A 37 8.06 -9.17 3.91
N SER A 38 7.33 -9.76 4.84
CA SER A 38 5.87 -9.80 4.75
C SER A 38 5.31 -8.42 4.45
N SER A 39 5.47 -7.50 5.41
CA SER A 39 4.97 -6.15 5.25
C SER A 39 5.16 -5.65 3.82
N LYS A 40 6.42 -5.64 3.37
CA LYS A 40 6.74 -5.20 2.02
C LYS A 40 5.90 -5.94 0.98
N THR A 41 5.97 -7.28 1.02
CA THR A 41 5.23 -8.10 0.09
C THR A 41 3.76 -7.68 0.03
N GLU A 42 3.03 -7.92 1.13
CA GLU A 42 1.62 -7.57 1.19
C GLU A 42 1.37 -6.21 0.53
N LEU A 43 2.04 -5.18 1.03
CA LEU A 43 1.89 -3.83 0.48
C LEU A 43 1.74 -3.87 -1.03
N GLN A 44 2.62 -4.61 -1.69
CA GLN A 44 2.58 -4.74 -3.15
C GLN A 44 1.19 -5.15 -3.62
N GLY A 45 0.68 -6.22 -3.05
CA GLY A 45 -0.64 -6.71 -3.44
C GLY A 45 -1.64 -5.58 -3.60
N LEU A 46 -1.88 -4.85 -2.52
CA LEU A 46 -2.83 -3.73 -2.55
C LEU A 46 -2.65 -2.90 -3.82
N ILE A 47 -1.44 -2.35 -3.99
CA ILE A 47 -1.14 -1.53 -5.15
C ILE A 47 -1.75 -2.13 -6.42
N GLY A 48 -1.90 -3.45 -6.44
CA GLY A 48 -2.47 -4.12 -7.59
C GLY A 48 -3.90 -3.70 -7.85
N GLN A 49 -4.69 -3.61 -6.78
CA GLN A 49 -6.09 -3.22 -6.90
C GLN A 49 -6.23 -1.85 -7.55
N LEU A 50 -5.12 -1.10 -7.56
CA LEU A 50 -5.11 0.24 -8.15
C LEU A 50 -4.83 0.17 -9.65
N ASP A 51 -5.29 -0.91 -10.28
CA ASP A 51 -5.09 -1.09 -11.71
C ASP A 51 -6.41 -0.97 -12.46
N GLU A 52 -7.45 -1.63 -11.95
CA GLU A 52 -8.75 -1.59 -12.58
C GLU A 52 -9.33 -0.18 -12.56
N VAL A 53 -9.38 0.42 -11.37
CA VAL A 53 -9.90 1.77 -11.20
C VAL A 53 -9.47 2.66 -12.36
N SER A 54 -10.44 3.30 -13.01
CA SER A 54 -10.16 4.18 -14.13
C SER A 54 -10.39 5.64 -13.75
N LEU A 55 -9.65 6.53 -14.40
CA LEU A 55 -9.79 7.96 -14.13
C LEU A 55 -11.23 8.42 -14.28
N GLU A 56 -11.84 8.80 -13.16
CA GLU A 56 -13.22 9.27 -13.17
C GLU A 56 -13.28 10.78 -13.29
N LYS A 57 -14.37 11.27 -13.88
CA LYS A 57 -14.55 12.71 -14.07
C LYS A 57 -14.06 13.48 -12.85
N ASN A 58 -14.63 13.18 -11.68
CA ASN A 58 -14.24 13.85 -10.45
C ASN A 58 -12.75 13.67 -10.19
N PRO A 59 -12.13 14.72 -9.61
CA PRO A 59 -10.71 14.72 -9.29
C PRO A 59 -10.36 13.77 -8.15
N CYS A 60 -11.22 13.76 -7.13
CA CYS A 60 -11.01 12.89 -5.97
C CYS A 60 -10.46 11.53 -6.40
N ILE A 61 -10.78 11.13 -7.62
CA ILE A 61 -10.32 9.85 -8.15
C ILE A 61 -8.96 9.99 -8.82
N ARG A 62 -8.79 11.07 -9.59
CA ARG A 62 -7.53 11.33 -10.28
C ARG A 62 -6.36 11.39 -9.30
N GLU A 63 -6.54 12.14 -8.22
CA GLU A 63 -5.51 12.29 -7.21
C GLU A 63 -5.42 11.03 -6.35
N ALA A 64 -6.48 10.74 -5.61
CA ALA A 64 -6.52 9.56 -4.74
C ALA A 64 -5.76 8.40 -5.36
N ARG A 65 -6.19 7.98 -6.54
CA ARG A 65 -5.55 6.87 -7.25
C ARG A 65 -4.02 6.97 -7.13
N ARG A 66 -3.47 8.04 -7.69
CA ARG A 66 -2.03 8.25 -7.66
C ARG A 66 -1.52 8.35 -6.22
N ARG A 67 -1.97 9.36 -5.50
CA ARG A 67 -1.57 9.57 -4.12
C ARG A 67 -1.37 8.23 -3.40
N ALA A 68 -2.34 7.34 -3.56
CA ALA A 68 -2.28 6.02 -2.93
C ALA A 68 -1.04 5.26 -3.38
N VAL A 69 -0.83 5.19 -4.69
CA VAL A 69 0.33 4.50 -5.24
C VAL A 69 1.61 4.91 -4.54
N ILE A 70 1.83 6.21 -4.42
CA ILE A 70 3.02 6.74 -3.76
C ILE A 70 2.99 6.44 -2.26
N GLU A 71 1.90 6.81 -1.61
CA GLU A 71 1.76 6.58 -0.18
C GLU A 71 2.21 5.17 0.19
N VAL A 72 1.62 4.17 -0.47
CA VAL A 72 1.97 2.78 -0.21
C VAL A 72 3.43 2.50 -0.55
N GLN A 73 3.78 2.63 -1.82
CA GLN A 73 5.14 2.40 -2.26
C GLN A 73 6.15 2.92 -1.24
N THR A 74 5.96 4.16 -0.81
CA THR A 74 6.85 4.78 0.17
C THR A 74 7.31 3.77 1.21
N LEU A 75 6.36 3.02 1.75
CA LEU A 75 6.66 2.01 2.76
C LEU A 75 7.51 0.89 2.18
N ILE A 76 7.07 0.35 1.04
CA ILE A 76 7.79 -0.72 0.38
C ILE A 76 9.26 -0.37 0.19
N THR A 77 9.50 0.87 -0.23
CA THR A 77 10.86 1.35 -0.45
C THR A 77 11.64 1.44 0.85
N TYR A 78 10.99 1.96 1.88
CA TYR A 78 11.61 2.11 3.19
C TYR A 78 12.11 0.78 3.71
N ILE A 79 11.27 -0.25 3.59
CA ILE A 79 11.63 -1.59 4.05
C ILE A 79 12.81 -2.14 3.26
N ASP A 80 12.82 -1.89 1.96
CA ASP A 80 13.90 -2.36 1.09
C ASP A 80 15.25 -1.85 1.59
N LEU A 81 15.34 -0.55 1.86
CA LEU A 81 16.57 0.06 2.34
C LEU A 81 17.03 -0.60 3.64
N LYS A 82 16.22 -0.45 4.68
CA LYS A 82 16.55 -1.04 5.98
C LYS A 82 17.02 -2.48 5.83
N GLU A 83 16.22 -3.29 5.13
CA GLU A 83 16.55 -4.69 4.92
C GLU A 83 18.00 -4.84 4.46
N SER A 84 18.31 -4.29 3.28
CA SER A 84 19.64 -4.37 2.73
C SER A 84 20.66 -3.71 3.66
N GLY A 85 21.82 -4.35 3.82
CA GLY A 85 22.84 -3.81 4.69
C GLY A 85 23.05 -2.32 4.48
N PRO A 86 23.74 -1.68 5.45
CA PRO A 86 24.01 -0.25 5.40
C PRO A 86 25.03 0.11 4.31
N SER A 87 25.68 -0.91 3.77
CA SER A 87 26.68 -0.70 2.73
C SER A 87 26.25 0.41 1.77
N SER A 88 27.18 1.27 1.41
CA SER A 88 26.89 2.38 0.50
C SER A 88 26.88 1.91 -0.94
N GLY A 89 26.18 2.64 -1.79
CA GLY A 89 26.09 2.28 -3.20
C GLY A 89 26.01 0.78 -3.40
N GLY A 1 -22.88 -9.91 -7.20
CA GLY A 1 -22.59 -10.11 -8.61
C GLY A 1 -22.54 -8.80 -9.38
N SER A 2 -21.53 -8.65 -10.22
CA SER A 2 -21.36 -7.44 -11.03
C SER A 2 -22.53 -7.27 -11.99
N SER A 3 -23.57 -6.57 -11.53
CA SER A 3 -24.76 -6.33 -12.34
C SER A 3 -24.41 -5.46 -13.56
N GLY A 4 -23.37 -4.64 -13.41
CA GLY A 4 -22.96 -3.77 -14.50
C GLY A 4 -22.82 -2.33 -14.07
N SER A 5 -21.97 -2.08 -13.08
CA SER A 5 -21.76 -0.74 -12.57
C SER A 5 -20.30 -0.52 -12.17
N SER A 6 -19.73 0.59 -12.61
CA SER A 6 -18.34 0.91 -12.31
C SER A 6 -18.25 2.02 -11.27
N GLY A 7 -17.21 1.96 -10.45
CA GLY A 7 -17.01 2.97 -9.42
C GLY A 7 -15.55 3.25 -9.14
N SER A 8 -14.81 2.21 -8.78
CA SER A 8 -13.39 2.35 -8.49
C SER A 8 -13.17 3.32 -7.33
N ILE A 9 -13.98 3.18 -6.28
CA ILE A 9 -13.87 4.04 -5.12
C ILE A 9 -13.31 3.28 -3.92
N LEU A 10 -14.00 2.22 -3.51
CA LEU A 10 -13.57 1.41 -2.39
C LEU A 10 -12.22 0.74 -2.67
N LYS A 11 -12.02 0.35 -3.92
CA LYS A 11 -10.78 -0.29 -4.33
C LYS A 11 -9.57 0.53 -3.89
N ILE A 12 -9.65 1.84 -4.11
CA ILE A 12 -8.56 2.74 -3.73
C ILE A 12 -8.52 2.95 -2.22
N GLU A 13 -9.69 2.92 -1.60
CA GLU A 13 -9.80 3.11 -0.15
C GLU A 13 -8.98 2.05 0.60
N LYS A 14 -9.31 0.79 0.36
CA LYS A 14 -8.62 -0.31 1.01
C LYS A 14 -7.11 -0.19 0.81
N VAL A 15 -6.69 0.10 -0.41
CA VAL A 15 -5.27 0.25 -0.72
C VAL A 15 -4.56 1.11 0.32
N LEU A 16 -5.32 2.02 0.94
CA LEU A 16 -4.77 2.91 1.95
C LEU A 16 -5.11 2.41 3.35
N LYS A 17 -6.40 2.22 3.61
CA LYS A 17 -6.86 1.74 4.90
C LYS A 17 -5.87 0.72 5.49
N ARG A 18 -5.74 -0.41 4.82
CA ARG A 18 -4.83 -1.46 5.27
C ARG A 18 -3.40 -0.92 5.41
N MET A 19 -2.92 -0.28 4.36
CA MET A 19 -1.56 0.29 4.36
C MET A 19 -1.25 0.93 5.71
N ARG A 20 -2.16 1.80 6.16
CA ARG A 20 -1.97 2.49 7.44
C ARG A 20 -1.70 1.49 8.56
N GLU A 21 -2.62 0.55 8.75
CA GLU A 21 -2.47 -0.47 9.79
C GLU A 21 -1.08 -1.11 9.73
N ILE A 22 -0.82 -1.83 8.65
CA ILE A 22 0.46 -2.49 8.46
C ILE A 22 1.60 -1.67 9.05
N LYS A 23 1.72 -0.43 8.60
CA LYS A 23 2.76 0.46 9.08
C LYS A 23 2.81 0.47 10.62
N ASN A 24 1.66 0.74 11.23
CA ASN A 24 1.57 0.78 12.68
C ASN A 24 2.16 -0.49 13.29
N GLU A 25 1.83 -1.64 12.71
CA GLU A 25 2.32 -2.91 13.19
C GLU A 25 3.85 -2.98 13.10
N LEU A 26 4.38 -2.63 11.94
CA LEU A 26 5.82 -2.64 11.72
C LEU A 26 6.53 -1.67 12.65
N LEU A 27 5.87 -0.56 12.96
CA LEU A 27 6.43 0.46 13.85
C LEU A 27 6.50 -0.06 15.28
N GLN A 28 5.40 -0.65 15.75
CA GLN A 28 5.34 -1.19 17.10
C GLN A 28 5.41 -2.71 17.09
N ALA A 29 6.27 -3.25 16.23
CA ALA A 29 6.43 -4.70 16.12
C ALA A 29 7.60 -5.19 16.97
N GLN A 30 7.47 -6.39 17.52
CA GLN A 30 8.51 -6.97 18.35
C GLN A 30 9.65 -7.53 17.49
N ASN A 31 9.28 -8.32 16.48
CA ASN A 31 10.27 -8.91 15.58
C ASN A 31 10.11 -8.37 14.16
N PRO A 32 10.45 -7.09 13.97
CA PRO A 32 10.35 -6.44 12.67
C PRO A 32 11.38 -6.97 11.68
N SER A 33 12.32 -7.77 12.17
CA SER A 33 13.36 -8.34 11.32
C SER A 33 12.76 -9.32 10.32
N GLU A 34 11.70 -10.00 10.72
CA GLU A 34 11.04 -10.97 9.86
C GLU A 34 9.84 -10.34 9.16
N LEU A 35 9.53 -9.10 9.52
CA LEU A 35 8.40 -8.39 8.93
C LEU A 35 8.82 -7.65 7.66
N TYR A 36 10.11 -7.32 7.57
CA TYR A 36 10.63 -6.61 6.40
C TYR A 36 10.27 -7.35 5.11
N LEU A 37 10.27 -8.68 5.18
CA LEU A 37 9.95 -9.50 4.02
C LEU A 37 8.46 -9.81 3.97
N SER A 38 7.86 -10.01 5.13
CA SER A 38 6.44 -10.31 5.22
C SER A 38 5.60 -9.11 4.80
N SER A 39 5.64 -8.06 5.59
CA SER A 39 4.87 -6.84 5.29
C SER A 39 5.00 -6.48 3.83
N LYS A 40 6.22 -6.23 3.38
CA LYS A 40 6.48 -5.86 1.99
C LYS A 40 5.60 -6.68 1.05
N THR A 41 5.72 -8.00 1.13
CA THR A 41 4.93 -8.89 0.28
C THR A 41 3.46 -8.48 0.26
N GLU A 42 2.90 -8.23 1.44
CA GLU A 42 1.51 -7.82 1.56
C GLU A 42 1.27 -6.48 0.88
N LEU A 43 2.16 -5.52 1.16
CA LEU A 43 2.05 -4.19 0.58
C LEU A 43 1.76 -4.27 -0.92
N GLN A 44 2.68 -4.90 -1.65
CA GLN A 44 2.54 -5.04 -3.10
C GLN A 44 1.13 -5.51 -3.46
N GLY A 45 0.57 -6.39 -2.62
CA GLY A 45 -0.76 -6.91 -2.87
C GLY A 45 -1.79 -5.81 -2.95
N LEU A 46 -1.80 -4.92 -1.97
CA LEU A 46 -2.75 -3.82 -1.93
C LEU A 46 -2.74 -3.04 -3.24
N ILE A 47 -1.55 -2.64 -3.68
CA ILE A 47 -1.41 -1.90 -4.93
C ILE A 47 -2.23 -2.53 -6.04
N GLY A 48 -2.37 -3.86 -5.99
CA GLY A 48 -3.14 -4.55 -7.00
C GLY A 48 -4.53 -3.98 -7.18
N GLN A 49 -5.16 -3.59 -6.07
CA GLN A 49 -6.49 -3.02 -6.11
C GLN A 49 -6.54 -1.77 -6.98
N LEU A 50 -5.37 -1.15 -7.17
CA LEU A 50 -5.28 0.06 -7.98
C LEU A 50 -5.08 -0.29 -9.45
N ASP A 51 -5.66 -1.40 -9.88
CA ASP A 51 -5.55 -1.84 -11.26
C ASP A 51 -6.64 -1.21 -12.13
N GLU A 52 -6.30 -0.89 -13.37
CA GLU A 52 -7.25 -0.29 -14.30
C GLU A 52 -8.17 0.68 -13.57
N VAL A 53 -7.59 1.48 -12.68
CA VAL A 53 -8.37 2.46 -11.91
C VAL A 53 -8.11 3.88 -12.43
N SER A 54 -8.19 4.05 -13.74
CA SER A 54 -7.97 5.36 -14.35
C SER A 54 -8.92 6.40 -13.77
N LEU A 55 -8.52 7.67 -13.86
CA LEU A 55 -9.33 8.76 -13.34
C LEU A 55 -10.81 8.54 -13.66
N GLU A 56 -11.67 9.28 -12.98
CA GLU A 56 -13.11 9.16 -13.20
C GLU A 56 -13.77 10.55 -13.26
N LYS A 57 -15.07 10.57 -13.50
CA LYS A 57 -15.81 11.82 -13.59
C LYS A 57 -15.55 12.69 -12.36
N ASN A 58 -15.27 12.06 -11.23
CA ASN A 58 -15.01 12.78 -9.99
C ASN A 58 -13.56 13.25 -9.94
N PRO A 59 -13.37 14.51 -9.50
CA PRO A 59 -12.04 15.11 -9.38
C PRO A 59 -11.20 14.47 -8.28
N CYS A 60 -11.82 13.59 -7.51
CA CYS A 60 -11.12 12.92 -6.42
C CYS A 60 -10.35 11.71 -6.93
N ILE A 61 -11.08 10.65 -7.28
CA ILE A 61 -10.46 9.43 -7.78
C ILE A 61 -9.20 9.75 -8.59
N ARG A 62 -9.35 10.59 -9.61
CA ARG A 62 -8.23 10.98 -10.45
C ARG A 62 -6.99 11.24 -9.61
N GLU A 63 -7.14 12.05 -8.56
CA GLU A 63 -6.02 12.37 -7.68
C GLU A 63 -5.78 11.27 -6.67
N ALA A 64 -6.82 10.94 -5.90
CA ALA A 64 -6.72 9.90 -4.89
C ALA A 64 -5.77 8.78 -5.33
N ARG A 65 -5.78 8.50 -6.63
CA ARG A 65 -4.92 7.46 -7.19
C ARG A 65 -3.45 7.79 -6.97
N ARG A 66 -3.01 8.92 -7.51
CA ARG A 66 -1.63 9.34 -7.37
C ARG A 66 -1.18 9.25 -5.91
N ARG A 67 -1.91 9.92 -5.03
CA ARG A 67 -1.58 9.92 -3.61
C ARG A 67 -1.44 8.49 -3.09
N ALA A 68 -2.47 7.68 -3.34
CA ALA A 68 -2.46 6.29 -2.89
C ALA A 68 -1.20 5.56 -3.37
N VAL A 69 -1.06 5.45 -4.69
CA VAL A 69 0.09 4.77 -5.28
C VAL A 69 1.36 5.09 -4.50
N ILE A 70 1.75 6.37 -4.50
CA ILE A 70 2.95 6.81 -3.80
C ILE A 70 2.87 6.45 -2.31
N GLU A 71 1.89 7.02 -1.62
CA GLU A 71 1.71 6.76 -0.20
C GLU A 71 1.99 5.30 0.13
N VAL A 72 1.77 4.42 -0.84
CA VAL A 72 2.00 3.00 -0.66
C VAL A 72 3.43 2.62 -1.04
N GLN A 73 3.91 3.20 -2.14
CA GLN A 73 5.26 2.93 -2.61
C GLN A 73 6.30 3.42 -1.61
N THR A 74 5.96 4.46 -0.86
CA THR A 74 6.86 5.02 0.13
C THR A 74 7.28 3.98 1.16
N LEU A 75 6.38 3.06 1.46
CA LEU A 75 6.65 1.99 2.42
C LEU A 75 7.66 0.98 1.85
N ILE A 76 7.33 0.44 0.68
CA ILE A 76 8.19 -0.53 0.04
C ILE A 76 9.65 -0.09 0.08
N THR A 77 9.89 1.18 -0.26
CA THR A 77 11.23 1.72 -0.25
C THR A 77 11.83 1.71 1.15
N TYR A 78 11.11 2.30 2.11
CA TYR A 78 11.58 2.36 3.49
C TYR A 78 12.20 1.03 3.91
N ILE A 79 11.55 -0.07 3.54
CA ILE A 79 12.04 -1.40 3.86
C ILE A 79 13.31 -1.73 3.09
N ASP A 80 13.21 -1.70 1.77
CA ASP A 80 14.35 -1.99 0.91
C ASP A 80 15.65 -1.47 1.53
N LEU A 81 15.66 -0.20 1.91
CA LEU A 81 16.82 0.41 2.51
C LEU A 81 17.30 -0.39 3.72
N LYS A 82 16.39 -0.60 4.67
CA LYS A 82 16.72 -1.36 5.88
C LYS A 82 17.19 -2.76 5.53
N GLU A 83 16.25 -3.61 5.10
CA GLU A 83 16.57 -4.98 4.73
C GLU A 83 17.96 -5.06 4.07
N SER A 84 18.24 -4.12 3.19
CA SER A 84 19.52 -4.08 2.50
C SER A 84 19.87 -5.45 1.91
N GLY A 85 18.88 -6.08 1.27
CA GLY A 85 19.09 -7.39 0.68
C GLY A 85 19.26 -7.32 -0.83
N PRO A 86 18.16 -7.54 -1.56
CA PRO A 86 18.17 -7.51 -3.02
C PRO A 86 18.36 -6.10 -3.58
N SER A 87 18.75 -6.01 -4.84
CA SER A 87 18.99 -4.72 -5.48
C SER A 87 17.90 -4.43 -6.52
N SER A 88 17.55 -3.16 -6.66
CA SER A 88 16.53 -2.74 -7.62
C SER A 88 16.82 -1.35 -8.16
N GLY A 89 16.27 -1.06 -9.33
CA GLY A 89 16.49 0.24 -9.95
C GLY A 89 15.41 0.59 -10.97
N GLY A 1 -29.31 -4.57 -8.14
CA GLY A 1 -29.48 -5.84 -7.45
C GLY A 1 -28.53 -5.99 -6.28
N SER A 2 -27.94 -7.17 -6.14
CA SER A 2 -27.02 -7.44 -5.04
C SER A 2 -26.08 -6.26 -4.82
N SER A 3 -25.51 -5.75 -5.90
CA SER A 3 -24.58 -4.62 -5.83
C SER A 3 -25.35 -3.32 -5.68
N GLY A 4 -25.19 -2.67 -4.52
CA GLY A 4 -25.87 -1.41 -4.27
C GLY A 4 -24.99 -0.21 -4.55
N SER A 5 -24.36 0.32 -3.51
CA SER A 5 -23.49 1.48 -3.65
C SER A 5 -22.03 1.06 -3.70
N SER A 6 -21.43 1.13 -4.88
CA SER A 6 -20.04 0.74 -5.07
C SER A 6 -19.52 1.22 -6.42
N GLY A 7 -18.20 1.13 -6.61
CA GLY A 7 -17.60 1.55 -7.86
C GLY A 7 -16.09 1.53 -7.81
N SER A 8 -15.49 2.71 -7.65
CA SER A 8 -14.04 2.83 -7.59
C SER A 8 -13.61 3.62 -6.37
N ILE A 9 -14.30 3.39 -5.25
CA ILE A 9 -13.98 4.09 -4.01
C ILE A 9 -13.31 3.15 -3.01
N LEU A 10 -14.11 2.26 -2.41
CA LEU A 10 -13.60 1.31 -1.45
C LEU A 10 -12.32 0.65 -1.95
N LYS A 11 -12.20 0.52 -3.27
CA LYS A 11 -11.02 -0.09 -3.87
C LYS A 11 -9.77 0.70 -3.53
N ILE A 12 -9.87 2.03 -3.57
CA ILE A 12 -8.73 2.89 -3.26
C ILE A 12 -8.59 3.09 -1.75
N GLU A 13 -9.72 3.28 -1.08
CA GLU A 13 -9.72 3.48 0.37
C GLU A 13 -9.09 2.28 1.08
N LYS A 14 -9.35 1.09 0.57
CA LYS A 14 -8.80 -0.14 1.15
C LYS A 14 -7.29 -0.19 0.98
N VAL A 15 -6.84 0.03 -0.25
CA VAL A 15 -5.41 0.01 -0.55
C VAL A 15 -4.61 0.77 0.51
N LEU A 16 -5.21 1.81 1.06
CA LEU A 16 -4.56 2.62 2.08
C LEU A 16 -4.96 2.16 3.47
N LYS A 17 -6.23 1.84 3.65
CA LYS A 17 -6.75 1.37 4.93
C LYS A 17 -5.84 0.31 5.53
N ARG A 18 -5.63 -0.77 4.77
CA ARG A 18 -4.78 -1.87 5.23
C ARG A 18 -3.33 -1.41 5.38
N MET A 19 -2.84 -0.68 4.38
CA MET A 19 -1.47 -0.18 4.40
C MET A 19 -1.14 0.43 5.75
N ARG A 20 -2.02 1.31 6.22
CA ARG A 20 -1.82 1.98 7.51
C ARG A 20 -1.64 0.95 8.63
N GLU A 21 -2.71 0.21 8.91
CA GLU A 21 -2.68 -0.81 9.95
C GLU A 21 -1.31 -1.50 10.00
N ILE A 22 -0.83 -1.93 8.84
CA ILE A 22 0.46 -2.60 8.75
C ILE A 22 1.57 -1.74 9.35
N LYS A 23 1.67 -0.51 8.88
CA LYS A 23 2.69 0.42 9.38
C LYS A 23 2.82 0.32 10.90
N ASN A 24 1.70 0.45 11.60
CA ASN A 24 1.71 0.37 13.05
C ASN A 24 2.22 -0.98 13.53
N GLU A 25 1.81 -2.04 12.85
CA GLU A 25 2.24 -3.39 13.20
C GLU A 25 3.74 -3.55 13.01
N LEU A 26 4.28 -2.89 11.99
CA LEU A 26 5.71 -2.96 11.70
C LEU A 26 6.49 -2.04 12.63
N LEU A 27 5.89 -0.91 13.00
CA LEU A 27 6.53 0.04 13.88
C LEU A 27 6.55 -0.48 15.33
N GLN A 28 5.48 -1.16 15.72
CA GLN A 28 5.39 -1.72 17.06
C GLN A 28 6.26 -2.95 17.21
N ALA A 29 6.10 -3.90 16.29
CA ALA A 29 6.88 -5.13 16.32
C ALA A 29 8.30 -4.88 16.79
N GLN A 30 8.74 -5.62 17.79
CA GLN A 30 10.09 -5.48 18.33
C GLN A 30 11.14 -5.96 17.33
N ASN A 31 10.97 -7.20 16.87
CA ASN A 31 11.90 -7.79 15.92
C ASN A 31 11.23 -7.97 14.55
N PRO A 32 11.00 -6.85 13.85
CA PRO A 32 10.36 -6.87 12.53
C PRO A 32 11.27 -7.46 11.46
N SER A 33 12.48 -7.85 11.86
CA SER A 33 13.44 -8.44 10.94
C SER A 33 12.73 -9.31 9.90
N GLU A 34 11.70 -10.00 10.33
CA GLU A 34 10.94 -10.88 9.44
C GLU A 34 9.77 -10.12 8.80
N LEU A 35 9.13 -9.27 9.58
CA LEU A 35 8.00 -8.48 9.09
C LEU A 35 8.37 -7.73 7.82
N TYR A 36 9.60 -7.20 7.78
CA TYR A 36 10.08 -6.46 6.62
C TYR A 36 9.57 -7.09 5.33
N LEU A 37 9.67 -8.41 5.24
CA LEU A 37 9.23 -9.13 4.05
C LEU A 37 7.71 -9.27 4.03
N SER A 38 7.18 -10.11 4.92
CA SER A 38 5.74 -10.32 5.00
C SER A 38 4.98 -9.03 4.70
N SER A 39 5.22 -8.01 5.52
CA SER A 39 4.56 -6.72 5.36
C SER A 39 4.63 -6.26 3.90
N LYS A 40 5.85 -6.23 3.35
CA LYS A 40 6.06 -5.81 1.98
C LYS A 40 5.27 -6.68 1.02
N THR A 41 5.56 -7.98 1.01
CA THR A 41 4.88 -8.91 0.13
C THR A 41 3.41 -8.53 -0.05
N GLU A 42 2.80 -8.02 1.01
CA GLU A 42 1.41 -7.60 0.96
C GLU A 42 1.27 -6.22 0.32
N LEU A 43 1.97 -5.24 0.90
CA LEU A 43 1.92 -3.88 0.38
C LEU A 43 1.83 -3.86 -1.13
N GLN A 44 2.62 -4.72 -1.77
CA GLN A 44 2.62 -4.81 -3.24
C GLN A 44 1.24 -5.16 -3.76
N GLY A 45 0.61 -6.16 -3.15
CA GLY A 45 -0.71 -6.58 -3.58
C GLY A 45 -1.69 -5.43 -3.64
N LEU A 46 -1.95 -4.81 -2.50
CA LEU A 46 -2.88 -3.68 -2.43
C LEU A 46 -2.79 -2.83 -3.69
N ILE A 47 -1.59 -2.29 -3.96
CA ILE A 47 -1.38 -1.45 -5.12
C ILE A 47 -2.21 -1.95 -6.31
N GLY A 48 -2.06 -3.21 -6.64
CA GLY A 48 -2.80 -3.80 -7.75
C GLY A 48 -4.20 -3.22 -7.87
N GLN A 49 -4.93 -3.21 -6.75
CA GLN A 49 -6.29 -2.69 -6.74
C GLN A 49 -6.37 -1.34 -7.45
N LEU A 50 -5.39 -0.49 -7.18
CA LEU A 50 -5.35 0.84 -7.80
C LEU A 50 -5.45 0.74 -9.32
N ASP A 51 -4.56 -0.07 -9.91
CA ASP A 51 -4.55 -0.25 -11.35
C ASP A 51 -5.98 -0.32 -11.90
N GLU A 52 -6.73 -1.33 -11.47
CA GLU A 52 -8.11 -1.51 -11.92
C GLU A 52 -8.82 -0.16 -12.04
N VAL A 53 -8.73 0.65 -11.00
CA VAL A 53 -9.36 1.97 -11.00
C VAL A 53 -8.61 2.94 -11.89
N SER A 54 -9.34 3.61 -12.78
CA SER A 54 -8.74 4.56 -13.70
C SER A 54 -9.44 5.91 -13.63
N LEU A 55 -10.64 5.98 -14.21
CA LEU A 55 -11.42 7.21 -14.21
C LEU A 55 -12.91 6.90 -14.34
N GLU A 56 -13.69 7.36 -13.36
CA GLU A 56 -15.13 7.13 -13.36
C GLU A 56 -15.88 8.43 -13.66
N LYS A 57 -15.29 9.25 -14.52
CA LYS A 57 -15.90 10.53 -14.90
C LYS A 57 -15.79 11.55 -13.76
N ASN A 58 -14.58 11.69 -13.23
CA ASN A 58 -14.34 12.63 -12.14
C ASN A 58 -12.83 12.82 -11.91
N PRO A 59 -12.44 14.07 -11.62
CA PRO A 59 -11.03 14.41 -11.38
C PRO A 59 -10.52 13.84 -10.07
N CYS A 60 -11.26 14.07 -8.99
CA CYS A 60 -10.88 13.58 -7.67
C CYS A 60 -10.42 12.12 -7.75
N ILE A 61 -10.86 11.43 -8.80
CA ILE A 61 -10.51 10.02 -8.98
C ILE A 61 -9.11 9.89 -9.59
N ARG A 62 -8.78 10.80 -10.49
CA ARG A 62 -7.47 10.78 -11.15
C ARG A 62 -6.39 11.31 -10.21
N GLU A 63 -6.80 11.76 -9.03
CA GLU A 63 -5.86 12.29 -8.04
C GLU A 63 -5.67 11.31 -6.89
N ALA A 64 -6.78 10.74 -6.41
CA ALA A 64 -6.73 9.78 -5.32
C ALA A 64 -5.94 8.53 -5.71
N ARG A 65 -6.25 7.98 -6.87
CA ARG A 65 -5.57 6.79 -7.35
C ARG A 65 -4.06 6.94 -7.25
N ARG A 66 -3.53 8.01 -7.83
CA ARG A 66 -2.10 8.28 -7.80
C ARG A 66 -1.60 8.41 -6.37
N ARG A 67 -2.15 9.39 -5.64
CA ARG A 67 -1.76 9.62 -4.26
C ARG A 67 -1.48 8.31 -3.54
N ALA A 68 -2.40 7.37 -3.66
CA ALA A 68 -2.25 6.06 -3.03
C ALA A 68 -0.97 5.37 -3.49
N VAL A 69 -0.77 5.33 -4.80
CA VAL A 69 0.41 4.70 -5.37
C VAL A 69 1.68 5.15 -4.66
N ILE A 70 1.69 6.40 -4.22
CA ILE A 70 2.85 6.96 -3.52
C ILE A 70 2.74 6.70 -2.01
N GLU A 71 1.52 6.59 -1.52
CA GLU A 71 1.29 6.34 -0.10
C GLU A 71 1.63 4.90 0.26
N VAL A 72 1.76 4.06 -0.75
CA VAL A 72 2.09 2.65 -0.55
C VAL A 72 3.52 2.35 -0.96
N GLN A 73 3.98 3.03 -2.01
CA GLN A 73 5.34 2.83 -2.51
C GLN A 73 6.37 3.30 -1.48
N THR A 74 6.06 4.40 -0.79
CA THR A 74 6.95 4.96 0.20
C THR A 74 7.42 3.89 1.18
N LEU A 75 6.49 3.03 1.59
CA LEU A 75 6.81 1.94 2.53
C LEU A 75 7.67 0.88 1.85
N ILE A 76 7.23 0.44 0.67
CA ILE A 76 7.96 -0.58 -0.07
C ILE A 76 9.45 -0.26 -0.13
N THR A 77 9.77 1.03 -0.14
CA THR A 77 11.15 1.47 -0.20
C THR A 77 11.76 1.58 1.20
N TYR A 78 11.07 2.28 2.09
CA TYR A 78 11.54 2.45 3.46
C TYR A 78 12.10 1.15 4.02
N ILE A 79 11.44 0.05 3.68
CA ILE A 79 11.87 -1.26 4.14
C ILE A 79 13.20 -1.66 3.52
N ASP A 80 13.25 -1.66 2.19
CA ASP A 80 14.46 -2.01 1.47
C ASP A 80 15.69 -1.51 2.19
N LEU A 81 15.63 -0.26 2.66
CA LEU A 81 16.75 0.35 3.37
C LEU A 81 17.05 -0.40 4.66
N LYS A 82 16.04 -0.53 5.51
CA LYS A 82 16.18 -1.22 6.79
C LYS A 82 16.63 -2.67 6.56
N GLU A 83 15.80 -3.44 5.88
CA GLU A 83 16.11 -4.84 5.60
C GLU A 83 17.60 -5.02 5.33
N SER A 84 18.11 -4.28 4.35
CA SER A 84 19.52 -4.36 3.98
C SER A 84 20.41 -4.21 5.21
N GLY A 85 21.56 -4.88 5.19
CA GLY A 85 22.47 -4.82 6.31
C GLY A 85 23.91 -4.59 5.88
N PRO A 86 24.68 -5.68 5.76
CA PRO A 86 26.09 -5.63 5.34
C PRO A 86 26.24 -5.25 3.87
N SER A 87 26.72 -4.03 3.64
CA SER A 87 26.91 -3.54 2.28
C SER A 87 28.35 -3.08 2.07
N SER A 88 28.97 -3.61 1.01
CA SER A 88 30.36 -3.27 0.71
C SER A 88 30.71 -3.70 -0.72
N GLY A 89 31.68 -3.01 -1.32
CA GLY A 89 32.10 -3.32 -2.67
C GLY A 89 31.04 -2.99 -3.69
N GLY A 1 -18.99 -5.10 -10.79
CA GLY A 1 -19.35 -4.15 -11.84
C GLY A 1 -18.58 -4.40 -13.12
N SER A 2 -19.26 -4.95 -14.13
CA SER A 2 -18.64 -5.24 -15.41
C SER A 2 -18.19 -3.96 -16.10
N SER A 3 -16.88 -3.74 -16.12
CA SER A 3 -16.31 -2.55 -16.74
C SER A 3 -17.04 -1.29 -16.27
N GLY A 4 -17.34 -1.24 -14.97
CA GLY A 4 -18.03 -0.09 -14.42
C GLY A 4 -17.34 0.46 -13.18
N SER A 5 -18.00 1.38 -12.50
CA SER A 5 -17.45 1.99 -11.30
C SER A 5 -17.04 0.93 -10.29
N SER A 6 -17.99 0.06 -9.94
CA SER A 6 -17.74 -1.01 -8.99
C SER A 6 -17.22 -0.44 -7.67
N GLY A 7 -17.60 0.80 -7.37
CA GLY A 7 -17.15 1.44 -6.15
C GLY A 7 -15.70 1.87 -6.21
N SER A 8 -15.35 2.66 -7.23
CA SER A 8 -14.00 3.14 -7.41
C SER A 8 -13.43 3.66 -6.09
N ILE A 9 -14.10 4.65 -5.51
CA ILE A 9 -13.67 5.23 -4.25
C ILE A 9 -13.33 4.15 -3.24
N LEU A 10 -14.32 3.35 -2.87
CA LEU A 10 -14.12 2.27 -1.91
C LEU A 10 -12.82 1.53 -2.20
N LYS A 11 -12.79 0.82 -3.31
CA LYS A 11 -11.60 0.06 -3.70
C LYS A 11 -10.32 0.77 -3.28
N ILE A 12 -10.21 2.04 -3.65
CA ILE A 12 -9.05 2.84 -3.30
C ILE A 12 -8.86 2.92 -1.80
N GLU A 13 -9.95 3.15 -1.08
CA GLU A 13 -9.90 3.25 0.38
C GLU A 13 -9.32 1.97 0.98
N LYS A 14 -9.43 0.87 0.24
CA LYS A 14 -8.90 -0.41 0.71
C LYS A 14 -7.38 -0.45 0.61
N VAL A 15 -6.85 0.02 -0.53
CA VAL A 15 -5.41 0.04 -0.75
C VAL A 15 -4.69 0.78 0.38
N LEU A 16 -5.43 1.65 1.06
CA LEU A 16 -4.86 2.42 2.16
C LEU A 16 -5.23 1.81 3.51
N LYS A 17 -6.47 1.37 3.63
CA LYS A 17 -6.96 0.76 4.87
C LYS A 17 -5.93 -0.22 5.43
N ARG A 18 -5.38 -1.06 4.54
CA ARG A 18 -4.39 -2.05 4.95
C ARG A 18 -3.03 -1.39 5.17
N MET A 19 -2.62 -0.56 4.21
CA MET A 19 -1.34 0.12 4.30
C MET A 19 -1.13 0.72 5.69
N ARG A 20 -2.06 1.57 6.11
CA ARG A 20 -1.98 2.21 7.42
C ARG A 20 -1.90 1.16 8.53
N GLU A 21 -2.92 0.31 8.60
CA GLU A 21 -2.96 -0.75 9.62
C GLU A 21 -1.63 -1.48 9.69
N ILE A 22 -1.27 -2.16 8.60
CA ILE A 22 -0.03 -2.92 8.55
C ILE A 22 1.14 -2.09 9.11
N LYS A 23 1.22 -0.84 8.69
CA LYS A 23 2.28 0.06 9.14
C LYS A 23 2.42 -0.01 10.66
N ASN A 24 1.36 0.36 11.38
CA ASN A 24 1.38 0.34 12.83
C ASN A 24 1.89 -1.00 13.35
N GLU A 25 1.37 -2.09 12.79
CA GLU A 25 1.78 -3.43 13.19
C GLU A 25 3.29 -3.61 13.07
N LEU A 26 3.87 -2.99 12.05
CA LEU A 26 5.31 -3.08 11.82
C LEU A 26 6.06 -2.12 12.74
N LEU A 27 5.48 -0.95 12.96
CA LEU A 27 6.10 0.06 13.83
C LEU A 27 6.15 -0.43 15.27
N GLN A 28 5.08 -1.07 15.72
CA GLN A 28 5.01 -1.58 17.08
C GLN A 28 5.86 -2.83 17.24
N ALA A 29 5.71 -3.77 16.30
CA ALA A 29 6.48 -5.01 16.34
C ALA A 29 7.87 -4.77 16.91
N GLN A 30 8.37 -5.76 17.65
CA GLN A 30 9.70 -5.66 18.25
C GLN A 30 10.77 -6.18 17.30
N ASN A 31 10.53 -7.38 16.75
CA ASN A 31 11.47 -7.99 15.83
C ASN A 31 10.92 -7.98 14.41
N PRO A 32 10.92 -6.80 13.78
CA PRO A 32 10.43 -6.63 12.41
C PRO A 32 11.33 -7.28 11.38
N SER A 33 12.46 -7.82 11.83
CA SER A 33 13.42 -8.47 10.95
C SER A 33 12.71 -9.35 9.93
N GLU A 34 11.61 -9.96 10.36
CA GLU A 34 10.83 -10.83 9.48
C GLU A 34 9.70 -10.06 8.81
N LEU A 35 9.25 -9.00 9.47
CA LEU A 35 8.17 -8.17 8.94
C LEU A 35 8.64 -7.35 7.75
N TYR A 36 9.95 -7.33 7.53
CA TYR A 36 10.53 -6.58 6.43
C TYR A 36 10.16 -7.22 5.09
N LEU A 37 10.18 -8.54 5.05
CA LEU A 37 9.84 -9.27 3.83
C LEU A 37 8.38 -9.71 3.84
N SER A 38 7.79 -9.75 5.03
CA SER A 38 6.39 -10.14 5.18
C SER A 38 5.46 -9.01 4.77
N SER A 39 5.42 -7.96 5.58
CA SER A 39 4.57 -6.81 5.30
C SER A 39 4.75 -6.32 3.87
N LYS A 40 6.00 -6.01 3.52
CA LYS A 40 6.31 -5.53 2.18
C LYS A 40 5.55 -6.33 1.12
N THR A 41 5.66 -7.65 1.18
CA THR A 41 4.99 -8.53 0.22
C THR A 41 3.51 -8.16 0.12
N GLU A 42 2.83 -8.12 1.25
CA GLU A 42 1.41 -7.79 1.27
C GLU A 42 1.16 -6.42 0.64
N LEU A 43 1.87 -5.41 1.13
CA LEU A 43 1.74 -4.05 0.62
C LEU A 43 1.60 -4.05 -0.89
N GLN A 44 2.57 -4.66 -1.57
CA GLN A 44 2.55 -4.73 -3.03
C GLN A 44 1.18 -5.17 -3.54
N GLY A 45 0.61 -6.18 -2.88
CA GLY A 45 -0.69 -6.69 -3.29
C GLY A 45 -1.75 -5.59 -3.33
N LEU A 46 -1.87 -4.84 -2.24
CA LEU A 46 -2.84 -3.76 -2.16
C LEU A 46 -2.82 -2.91 -3.43
N ILE A 47 -1.61 -2.49 -3.83
CA ILE A 47 -1.45 -1.67 -5.02
C ILE A 47 -2.26 -2.23 -6.19
N GLY A 48 -2.13 -3.54 -6.42
CA GLY A 48 -2.86 -4.17 -7.50
C GLY A 48 -4.27 -3.65 -7.64
N GLN A 49 -4.95 -3.49 -6.51
CA GLN A 49 -6.32 -2.99 -6.51
C GLN A 49 -6.43 -1.68 -7.26
N LEU A 50 -5.59 -0.71 -6.88
CA LEU A 50 -5.59 0.60 -7.52
C LEU A 50 -5.72 0.47 -9.03
N ASP A 51 -4.81 -0.28 -9.64
CA ASP A 51 -4.83 -0.50 -11.08
C ASP A 51 -6.26 -0.61 -11.60
N GLU A 52 -6.99 -1.59 -11.07
CA GLU A 52 -8.37 -1.81 -11.48
C GLU A 52 -9.12 -0.49 -11.60
N VAL A 53 -8.96 0.38 -10.61
CA VAL A 53 -9.61 1.67 -10.60
C VAL A 53 -9.10 2.56 -11.73
N SER A 54 -10.01 3.03 -12.58
CA SER A 54 -9.65 3.88 -13.70
C SER A 54 -9.80 5.36 -13.34
N LEU A 55 -9.38 6.23 -14.25
CA LEU A 55 -9.47 7.67 -14.03
C LEU A 55 -10.87 8.18 -14.34
N GLU A 56 -11.69 8.33 -13.31
CA GLU A 56 -13.06 8.81 -13.48
C GLU A 56 -13.06 10.19 -14.12
N LYS A 57 -14.25 10.78 -14.24
CA LYS A 57 -14.41 12.10 -14.84
C LYS A 57 -14.27 13.19 -13.77
N ASN A 58 -13.32 13.01 -12.85
CA ASN A 58 -13.10 13.99 -11.79
C ASN A 58 -11.65 13.95 -11.33
N PRO A 59 -11.12 15.12 -10.93
CA PRO A 59 -9.75 15.25 -10.46
C PRO A 59 -9.53 14.59 -9.10
N CYS A 60 -10.63 14.26 -8.43
CA CYS A 60 -10.57 13.62 -7.12
C CYS A 60 -10.04 12.19 -7.24
N ILE A 61 -10.50 11.47 -8.25
CA ILE A 61 -10.08 10.10 -8.47
C ILE A 61 -8.63 10.04 -8.95
N ARG A 62 -8.35 10.73 -10.05
CA ARG A 62 -7.01 10.76 -10.61
C ARG A 62 -5.97 10.98 -9.52
N GLU A 63 -6.31 11.76 -8.52
CA GLU A 63 -5.41 12.05 -7.41
C GLU A 63 -5.38 10.88 -6.42
N ALA A 64 -6.46 10.72 -5.67
CA ALA A 64 -6.56 9.64 -4.69
C ALA A 64 -5.85 8.39 -5.18
N ARG A 65 -6.13 8.00 -6.42
CA ARG A 65 -5.51 6.81 -7.01
C ARG A 65 -3.99 6.95 -7.04
N ARG A 66 -3.51 7.96 -7.78
CA ARG A 66 -2.07 8.20 -7.90
C ARG A 66 -1.43 8.35 -6.52
N ARG A 67 -1.83 9.40 -5.80
CA ARG A 67 -1.29 9.67 -4.48
C ARG A 67 -1.02 8.37 -3.73
N ALA A 68 -2.04 7.51 -3.65
CA ALA A 68 -1.92 6.23 -2.97
C ALA A 68 -0.69 5.47 -3.46
N VAL A 69 -0.53 5.39 -4.77
CA VAL A 69 0.60 4.70 -5.37
C VAL A 69 1.92 5.12 -4.73
N ILE A 70 2.13 6.43 -4.64
CA ILE A 70 3.35 6.97 -4.04
C ILE A 70 3.39 6.70 -2.53
N GLU A 71 2.30 7.01 -1.85
CA GLU A 71 2.20 6.79 -0.42
C GLU A 71 2.62 5.37 -0.05
N VAL A 72 1.94 4.39 -0.64
CA VAL A 72 2.23 2.99 -0.37
C VAL A 72 3.65 2.63 -0.82
N GLN A 73 3.95 2.91 -2.08
CA GLN A 73 5.27 2.62 -2.62
C GLN A 73 6.37 3.09 -1.68
N THR A 74 6.13 4.23 -1.04
CA THR A 74 7.10 4.80 -0.12
C THR A 74 7.51 3.78 0.95
N LEU A 75 6.55 2.95 1.36
CA LEU A 75 6.80 1.93 2.38
C LEU A 75 7.67 0.82 1.81
N ILE A 76 7.35 0.38 0.61
CA ILE A 76 8.11 -0.68 -0.04
C ILE A 76 9.60 -0.34 -0.11
N THR A 77 9.89 0.92 -0.38
CA THR A 77 11.27 1.39 -0.47
C THR A 77 11.88 1.58 0.91
N TYR A 78 11.14 2.24 1.79
CA TYR A 78 11.61 2.50 3.15
C TYR A 78 12.18 1.22 3.77
N ILE A 79 11.41 0.14 3.71
CA ILE A 79 11.83 -1.14 4.26
C ILE A 79 13.11 -1.63 3.59
N ASP A 80 13.14 -1.55 2.27
CA ASP A 80 14.30 -2.00 1.51
C ASP A 80 15.57 -1.30 1.99
N LEU A 81 15.54 0.03 2.00
CA LEU A 81 16.68 0.82 2.45
C LEU A 81 17.15 0.37 3.83
N LYS A 82 16.22 0.35 4.78
CA LYS A 82 16.54 -0.06 6.15
C LYS A 82 17.14 -1.46 6.17
N GLU A 83 16.53 -2.37 5.42
CA GLU A 83 17.01 -3.75 5.36
C GLU A 83 18.51 -3.79 5.11
N SER A 84 18.95 -3.17 4.02
CA SER A 84 20.36 -3.14 3.66
C SER A 84 20.82 -1.71 3.42
N GLY A 85 21.61 -1.18 4.36
CA GLY A 85 22.11 0.17 4.23
C GLY A 85 23.35 0.41 5.08
N PRO A 86 23.14 0.98 6.28
CA PRO A 86 24.24 1.28 7.21
C PRO A 86 24.85 0.02 7.81
N SER A 87 24.00 -0.91 8.23
CA SER A 87 24.47 -2.16 8.83
C SER A 87 23.75 -3.36 8.20
N SER A 88 24.52 -4.23 7.55
CA SER A 88 23.96 -5.40 6.90
C SER A 88 23.47 -6.40 7.94
N GLY A 89 24.36 -6.79 8.86
CA GLY A 89 24.00 -7.74 9.89
C GLY A 89 24.56 -9.13 9.62
N GLY A 1 -25.98 17.29 -7.73
CA GLY A 1 -27.25 17.03 -7.09
C GLY A 1 -27.62 15.56 -7.12
N SER A 2 -27.05 14.78 -6.21
CA SER A 2 -27.32 13.35 -6.15
C SER A 2 -26.86 12.66 -7.42
N SER A 3 -25.65 12.96 -7.86
CA SER A 3 -25.10 12.37 -9.07
C SER A 3 -23.72 11.78 -8.81
N GLY A 4 -23.43 10.65 -9.46
CA GLY A 4 -22.15 10.00 -9.28
C GLY A 4 -22.19 8.85 -8.29
N SER A 5 -21.09 8.62 -7.59
CA SER A 5 -21.02 7.55 -6.61
C SER A 5 -21.22 6.19 -7.28
N SER A 6 -20.67 6.05 -8.48
CA SER A 6 -20.79 4.80 -9.23
C SER A 6 -19.84 3.74 -8.69
N GLY A 7 -18.54 4.04 -8.72
CA GLY A 7 -17.55 3.10 -8.22
C GLY A 7 -16.15 3.70 -8.20
N SER A 8 -15.15 2.84 -8.06
CA SER A 8 -13.76 3.29 -8.01
C SER A 8 -13.53 4.21 -6.82
N ILE A 9 -14.07 3.82 -5.67
CA ILE A 9 -13.92 4.61 -4.45
C ILE A 9 -13.44 3.75 -3.28
N LEU A 10 -14.14 2.65 -3.04
CA LEU A 10 -13.79 1.74 -1.96
C LEU A 10 -12.48 1.01 -2.27
N LYS A 11 -12.38 0.50 -3.49
CA LYS A 11 -11.18 -0.22 -3.91
C LYS A 11 -9.92 0.52 -3.48
N ILE A 12 -9.92 1.84 -3.66
CA ILE A 12 -8.77 2.65 -3.29
C ILE A 12 -8.69 2.82 -1.77
N GLU A 13 -9.84 3.04 -1.15
CA GLU A 13 -9.90 3.22 0.30
C GLU A 13 -9.19 2.07 1.02
N LYS A 14 -9.41 0.85 0.55
CA LYS A 14 -8.80 -0.32 1.14
C LYS A 14 -7.28 -0.26 1.03
N VAL A 15 -6.79 0.03 -0.17
CA VAL A 15 -5.35 0.13 -0.41
C VAL A 15 -4.67 0.98 0.66
N LEU A 16 -5.36 2.04 1.09
CA LEU A 16 -4.82 2.93 2.10
C LEU A 16 -5.02 2.34 3.50
N LYS A 17 -6.26 1.96 3.80
CA LYS A 17 -6.59 1.39 5.10
C LYS A 17 -5.51 0.40 5.55
N ARG A 18 -5.14 -0.51 4.65
CA ARG A 18 -4.11 -1.50 4.96
C ARG A 18 -2.72 -0.87 4.94
N MET A 19 -2.57 0.20 4.18
CA MET A 19 -1.29 0.89 4.08
C MET A 19 -0.89 1.48 5.42
N ARG A 20 -1.87 1.93 6.18
CA ARG A 20 -1.62 2.51 7.50
C ARG A 20 -1.63 1.45 8.59
N GLU A 21 -2.47 0.44 8.40
CA GLU A 21 -2.59 -0.65 9.37
C GLU A 21 -1.29 -1.46 9.43
N ILE A 22 -0.79 -1.84 8.27
CA ILE A 22 0.45 -2.62 8.19
C ILE A 22 1.61 -1.86 8.82
N LYS A 23 1.70 -0.57 8.53
CA LYS A 23 2.77 0.27 9.08
C LYS A 23 2.87 0.10 10.59
N ASN A 24 1.84 0.55 11.31
CA ASN A 24 1.81 0.45 12.76
C ASN A 24 2.31 -0.90 13.23
N GLU A 25 1.69 -1.96 12.72
CA GLU A 25 2.08 -3.32 13.09
C GLU A 25 3.59 -3.49 13.05
N LEU A 26 4.22 -2.89 12.03
CA LEU A 26 5.66 -2.97 11.88
C LEU A 26 6.36 -2.02 12.85
N LEU A 27 5.80 -0.83 13.03
CA LEU A 27 6.38 0.16 13.93
C LEU A 27 6.42 -0.37 15.36
N GLN A 28 5.38 -1.09 15.76
CA GLN A 28 5.32 -1.65 17.10
C GLN A 28 6.11 -2.95 17.19
N ALA A 29 6.16 -3.68 16.08
CA ALA A 29 6.90 -4.94 16.03
C ALA A 29 8.32 -4.77 16.56
N GLN A 30 8.70 -5.65 17.49
CA GLN A 30 10.03 -5.60 18.08
C GLN A 30 11.09 -6.07 17.09
N ASN A 31 10.95 -7.30 16.63
CA ASN A 31 11.89 -7.87 15.68
C ASN A 31 11.21 -8.16 14.33
N PRO A 32 11.01 -7.10 13.55
CA PRO A 32 10.37 -7.19 12.23
C PRO A 32 11.26 -7.90 11.21
N SER A 33 12.42 -8.36 11.66
CA SER A 33 13.36 -9.06 10.79
C SER A 33 12.61 -9.88 9.73
N GLU A 34 11.63 -10.66 10.18
CA GLU A 34 10.84 -11.49 9.28
C GLU A 34 9.71 -10.68 8.64
N LEU A 35 9.07 -9.84 9.44
CA LEU A 35 7.97 -9.01 8.95
C LEU A 35 8.36 -8.30 7.65
N TYR A 36 9.56 -7.73 7.62
CA TYR A 36 10.04 -7.02 6.44
C TYR A 36 9.55 -7.70 5.17
N LEU A 37 9.66 -9.02 5.13
CA LEU A 37 9.22 -9.78 3.96
C LEU A 37 7.71 -9.66 3.76
N SER A 38 6.95 -10.01 4.79
CA SER A 38 5.50 -9.93 4.72
C SER A 38 5.04 -8.49 4.46
N SER A 39 5.40 -7.60 5.36
CA SER A 39 5.02 -6.18 5.23
C SER A 39 5.12 -5.73 3.78
N LYS A 40 6.27 -5.97 3.17
CA LYS A 40 6.48 -5.58 1.78
C LYS A 40 5.49 -6.29 0.86
N THR A 41 5.53 -7.62 0.85
CA THR A 41 4.63 -8.40 0.02
C THR A 41 3.20 -7.91 0.14
N GLU A 42 2.64 -8.01 1.35
CA GLU A 42 1.27 -7.57 1.59
C GLU A 42 1.02 -6.20 0.97
N LEU A 43 1.88 -5.25 1.29
CA LEU A 43 1.76 -3.89 0.76
C LEU A 43 1.63 -3.91 -0.76
N GLN A 44 2.63 -4.50 -1.42
CA GLN A 44 2.63 -4.58 -2.88
C GLN A 44 1.27 -5.04 -3.40
N GLY A 45 0.72 -6.08 -2.77
CA GLY A 45 -0.57 -6.60 -3.19
C GLY A 45 -1.62 -5.52 -3.29
N LEU A 46 -1.77 -4.74 -2.23
CA LEU A 46 -2.74 -3.65 -2.21
C LEU A 46 -2.65 -2.79 -3.46
N ILE A 47 -1.45 -2.28 -3.72
CA ILE A 47 -1.22 -1.44 -4.90
C ILE A 47 -1.88 -2.04 -6.13
N GLY A 48 -1.48 -3.26 -6.47
CA GLY A 48 -2.04 -3.93 -7.63
C GLY A 48 -3.50 -3.60 -7.84
N GLN A 49 -4.23 -3.45 -6.75
CA GLN A 49 -5.66 -3.13 -6.82
C GLN A 49 -5.89 -1.81 -7.53
N LEU A 50 -5.16 -0.78 -7.11
CA LEU A 50 -5.29 0.54 -7.71
C LEU A 50 -5.39 0.45 -9.23
N ASP A 51 -4.61 -0.46 -9.82
CA ASP A 51 -4.62 -0.66 -11.26
C ASP A 51 -6.05 -0.75 -11.79
N GLU A 52 -6.82 -1.68 -11.20
CA GLU A 52 -8.21 -1.88 -11.61
C GLU A 52 -8.91 -0.54 -11.83
N VAL A 53 -8.75 0.37 -10.87
CA VAL A 53 -9.37 1.69 -10.96
C VAL A 53 -8.87 2.44 -12.19
N SER A 54 -9.81 2.94 -12.99
CA SER A 54 -9.47 3.69 -14.19
C SER A 54 -9.66 5.18 -13.98
N LEU A 55 -8.76 5.97 -14.55
CA LEU A 55 -8.81 7.43 -14.42
C LEU A 55 -10.05 7.98 -15.11
N GLU A 56 -10.90 8.67 -14.35
CA GLU A 56 -12.12 9.25 -14.90
C GLU A 56 -12.10 10.77 -14.79
N LYS A 57 -13.10 11.42 -15.36
CA LYS A 57 -13.20 12.87 -15.32
C LYS A 57 -13.04 13.39 -13.90
N ASN A 58 -13.68 12.72 -12.95
CA ASN A 58 -13.59 13.12 -11.55
C ASN A 58 -12.14 13.23 -11.10
N PRO A 59 -11.82 14.34 -10.40
CA PRO A 59 -10.48 14.59 -9.90
C PRO A 59 -10.08 13.65 -8.77
N CYS A 60 -11.04 13.34 -7.90
CA CYS A 60 -10.79 12.45 -6.78
C CYS A 60 -10.22 11.11 -7.26
N ILE A 61 -10.87 10.52 -8.25
CA ILE A 61 -10.41 9.24 -8.80
C ILE A 61 -9.02 9.36 -9.39
N ARG A 62 -8.81 10.37 -10.21
CA ARG A 62 -7.51 10.60 -10.83
C ARG A 62 -6.42 10.76 -9.79
N GLU A 63 -6.68 11.61 -8.80
CA GLU A 63 -5.72 11.86 -7.72
C GLU A 63 -5.57 10.62 -6.83
N ALA A 64 -6.66 10.28 -6.15
CA ALA A 64 -6.67 9.13 -5.25
C ALA A 64 -5.78 8.01 -5.80
N ARG A 65 -6.01 7.64 -7.05
CA ARG A 65 -5.23 6.58 -7.69
C ARG A 65 -3.74 6.87 -7.61
N ARG A 66 -3.34 8.05 -8.09
CA ARG A 66 -1.94 8.44 -8.07
C ARG A 66 -1.45 8.64 -6.64
N ARG A 67 -2.00 9.62 -5.96
CA ARG A 67 -1.63 9.90 -4.57
C ARG A 67 -1.39 8.61 -3.80
N ALA A 68 -2.34 7.69 -3.89
CA ALA A 68 -2.24 6.41 -3.20
C ALA A 68 -0.92 5.71 -3.54
N VAL A 69 -0.59 5.68 -4.82
CA VAL A 69 0.64 5.04 -5.28
C VAL A 69 1.83 5.50 -4.46
N ILE A 70 1.92 6.80 -4.22
CA ILE A 70 3.02 7.37 -3.44
C ILE A 70 2.83 7.10 -1.96
N GLU A 71 1.60 7.27 -1.48
CA GLU A 71 1.29 7.04 -0.07
C GLU A 71 1.63 5.61 0.33
N VAL A 72 1.44 4.67 -0.59
CA VAL A 72 1.72 3.28 -0.33
C VAL A 72 3.17 2.94 -0.67
N GLN A 73 3.69 3.55 -1.73
CA GLN A 73 5.06 3.31 -2.16
C GLN A 73 6.05 3.76 -1.09
N THR A 74 5.82 4.94 -0.54
CA THR A 74 6.70 5.49 0.50
C THR A 74 7.14 4.40 1.48
N LEU A 75 6.19 3.56 1.87
CA LEU A 75 6.48 2.47 2.80
C LEU A 75 7.46 1.47 2.19
N ILE A 76 7.03 0.83 1.11
CA ILE A 76 7.87 -0.15 0.43
C ILE A 76 9.33 0.28 0.42
N THR A 77 9.56 1.54 0.10
CA THR A 77 10.92 2.09 0.06
C THR A 77 11.59 1.99 1.42
N TYR A 78 10.88 2.37 2.47
CA TYR A 78 11.41 2.33 3.83
C TYR A 78 11.93 0.93 4.15
N ILE A 79 11.09 -0.08 3.93
CA ILE A 79 11.47 -1.47 4.19
C ILE A 79 12.70 -1.85 3.41
N ASP A 80 12.67 -1.62 2.10
CA ASP A 80 13.81 -1.94 1.24
C ASP A 80 15.12 -1.62 1.92
N LEU A 81 15.20 -0.44 2.53
CA LEU A 81 16.41 -0.02 3.23
C LEU A 81 16.75 -0.96 4.38
N LYS A 82 15.79 -1.13 5.29
CA LYS A 82 15.99 -2.02 6.43
C LYS A 82 16.43 -3.40 5.99
N GLU A 83 15.65 -4.01 5.10
CA GLU A 83 15.95 -5.34 4.59
C GLU A 83 17.43 -5.44 4.20
N SER A 84 17.89 -4.52 3.36
CA SER A 84 19.27 -4.52 2.90
C SER A 84 20.22 -4.28 4.07
N GLY A 85 20.05 -3.14 4.74
CA GLY A 85 20.90 -2.82 5.87
C GLY A 85 21.14 -4.01 6.79
N PRO A 86 22.36 -4.13 7.32
CA PRO A 86 22.74 -5.22 8.21
C PRO A 86 22.06 -5.13 9.57
N SER A 87 21.18 -6.07 9.86
CA SER A 87 20.45 -6.10 11.12
C SER A 87 21.40 -6.33 12.29
N SER A 88 21.03 -5.81 13.46
CA SER A 88 21.86 -5.97 14.65
C SER A 88 21.70 -7.36 15.25
N GLY A 89 22.58 -8.27 14.84
CA GLY A 89 22.53 -9.63 15.34
C GLY A 89 23.05 -9.75 16.76
N GLY A 1 -27.97 -14.82 -0.77
CA GLY A 1 -28.11 -13.89 -1.87
C GLY A 1 -26.78 -13.60 -2.56
N SER A 2 -26.74 -13.82 -3.86
CA SER A 2 -25.54 -13.59 -4.64
C SER A 2 -25.45 -12.14 -5.10
N SER A 3 -24.70 -11.33 -4.37
CA SER A 3 -24.54 -9.92 -4.70
C SER A 3 -23.07 -9.55 -4.86
N GLY A 4 -22.80 -8.52 -5.66
CA GLY A 4 -21.43 -8.10 -5.89
C GLY A 4 -21.22 -6.64 -5.55
N SER A 5 -19.96 -6.26 -5.34
CA SER A 5 -19.62 -4.88 -5.00
C SER A 5 -18.56 -4.33 -5.94
N SER A 6 -18.70 -3.06 -6.30
CA SER A 6 -17.74 -2.42 -7.20
C SER A 6 -17.78 -0.90 -7.02
N GLY A 7 -16.59 -0.30 -6.95
CA GLY A 7 -16.51 1.14 -6.78
C GLY A 7 -15.09 1.65 -6.88
N SER A 8 -14.93 2.95 -7.12
CA SER A 8 -13.61 3.56 -7.25
C SER A 8 -13.09 4.02 -5.90
N ILE A 9 -13.90 4.81 -5.19
CA ILE A 9 -13.51 5.32 -3.88
C ILE A 9 -13.40 4.19 -2.87
N LEU A 10 -14.41 3.32 -2.84
CA LEU A 10 -14.42 2.19 -1.92
C LEU A 10 -13.23 1.27 -2.17
N LYS A 11 -12.91 1.06 -3.44
CA LYS A 11 -11.79 0.20 -3.82
C LYS A 11 -10.47 0.81 -3.38
N ILE A 12 -10.27 2.10 -3.70
CA ILE A 12 -9.05 2.80 -3.34
C ILE A 12 -8.91 2.89 -1.83
N GLU A 13 -10.02 3.11 -1.14
CA GLU A 13 -10.01 3.23 0.31
C GLU A 13 -9.19 2.11 0.94
N LYS A 14 -9.62 0.88 0.74
CA LYS A 14 -8.92 -0.29 1.28
C LYS A 14 -7.41 -0.16 1.06
N VAL A 15 -7.01 0.00 -0.20
CA VAL A 15 -5.60 0.14 -0.54
C VAL A 15 -4.84 0.91 0.53
N LEU A 16 -5.48 1.95 1.05
CA LEU A 16 -4.86 2.78 2.08
C LEU A 16 -5.15 2.22 3.47
N LYS A 17 -6.43 1.97 3.75
CA LYS A 17 -6.84 1.44 5.04
C LYS A 17 -5.84 0.41 5.54
N ARG A 18 -5.56 -0.59 4.71
CA ARG A 18 -4.62 -1.65 5.07
C ARG A 18 -3.21 -1.09 5.21
N MET A 19 -2.78 -0.32 4.21
CA MET A 19 -1.45 0.28 4.22
C MET A 19 -1.13 0.87 5.59
N ARG A 20 -2.13 1.50 6.20
CA ARG A 20 -1.94 2.12 7.51
C ARG A 20 -1.81 1.05 8.59
N GLU A 21 -2.79 0.16 8.67
CA GLU A 21 -2.77 -0.91 9.66
C GLU A 21 -1.41 -1.61 9.69
N ILE A 22 -1.04 -2.21 8.57
CA ILE A 22 0.23 -2.91 8.46
C ILE A 22 1.36 -2.09 9.08
N LYS A 23 1.41 -0.81 8.74
CA LYS A 23 2.44 0.09 9.25
C LYS A 23 2.49 0.03 10.78
N ASN A 24 1.41 0.45 11.42
CA ASN A 24 1.33 0.44 12.88
C ASN A 24 1.81 -0.89 13.44
N GLU A 25 1.74 -1.94 12.63
CA GLU A 25 2.17 -3.26 13.05
C GLU A 25 3.69 -3.39 12.94
N LEU A 26 4.27 -2.76 11.93
CA LEU A 26 5.71 -2.80 11.72
C LEU A 26 6.43 -1.84 12.66
N LEU A 27 5.82 -0.69 12.89
CA LEU A 27 6.40 0.32 13.77
C LEU A 27 6.40 -0.16 15.22
N GLN A 28 5.31 -0.78 15.63
CA GLN A 28 5.18 -1.29 16.99
C GLN A 28 5.28 -2.81 17.01
N ALA A 29 6.14 -3.35 16.17
CA ALA A 29 6.32 -4.81 16.09
C ALA A 29 7.46 -5.26 17.00
N GLN A 30 7.41 -6.52 17.41
CA GLN A 30 8.45 -7.08 18.27
C GLN A 30 9.68 -7.48 17.46
N ASN A 31 9.45 -8.25 16.40
CA ASN A 31 10.55 -8.69 15.54
C ASN A 31 10.38 -8.16 14.12
N PRO A 32 10.68 -6.87 13.93
CA PRO A 32 10.58 -6.21 12.62
C PRO A 32 11.63 -6.71 11.65
N SER A 33 12.47 -7.62 12.10
CA SER A 33 13.53 -8.17 11.26
C SER A 33 12.95 -9.04 10.15
N GLU A 34 12.04 -9.93 10.51
CA GLU A 34 11.41 -10.83 9.55
C GLU A 34 10.25 -10.12 8.85
N LEU A 35 9.52 -9.32 9.59
CA LEU A 35 8.37 -8.59 9.05
C LEU A 35 8.78 -7.80 7.82
N TYR A 36 9.96 -7.21 7.86
CA TYR A 36 10.47 -6.41 6.74
C TYR A 36 10.04 -7.02 5.41
N LEU A 37 10.17 -8.35 5.31
CA LEU A 37 9.80 -9.06 4.09
C LEU A 37 8.29 -9.28 4.02
N SER A 38 7.74 -9.92 5.05
CA SER A 38 6.32 -10.19 5.11
C SER A 38 5.51 -8.96 4.71
N SER A 39 5.53 -7.95 5.57
CA SER A 39 4.80 -6.71 5.32
C SER A 39 4.99 -6.26 3.88
N LYS A 40 6.21 -5.84 3.55
CA LYS A 40 6.53 -5.38 2.20
C LYS A 40 5.79 -6.21 1.15
N THR A 41 5.97 -7.53 1.21
CA THR A 41 5.32 -8.43 0.28
C THR A 41 3.82 -8.16 0.20
N GLU A 42 3.17 -8.13 1.37
CA GLU A 42 1.74 -7.88 1.43
C GLU A 42 1.37 -6.56 0.75
N LEU A 43 2.04 -5.49 1.16
CA LEU A 43 1.78 -4.17 0.59
C LEU A 43 1.51 -4.27 -0.91
N GLN A 44 2.51 -4.74 -1.65
CA GLN A 44 2.38 -4.89 -3.10
C GLN A 44 0.98 -5.37 -3.48
N GLY A 45 0.50 -6.40 -2.77
CA GLY A 45 -0.81 -6.94 -3.03
C GLY A 45 -1.87 -5.87 -3.17
N LEU A 46 -1.97 -5.00 -2.16
CA LEU A 46 -2.94 -3.93 -2.16
C LEU A 46 -2.87 -3.12 -3.46
N ILE A 47 -1.69 -2.55 -3.72
CA ILE A 47 -1.49 -1.76 -4.93
C ILE A 47 -2.27 -2.34 -6.11
N GLY A 48 -2.13 -3.64 -6.31
CA GLY A 48 -2.83 -4.30 -7.40
C GLY A 48 -4.21 -3.71 -7.64
N GLN A 49 -5.00 -3.64 -6.59
CA GLN A 49 -6.36 -3.10 -6.69
C GLN A 49 -6.37 -1.81 -7.49
N LEU A 50 -5.41 -0.93 -7.22
CA LEU A 50 -5.31 0.34 -7.92
C LEU A 50 -5.28 0.13 -9.43
N ASP A 51 -4.40 -0.77 -9.87
CA ASP A 51 -4.27 -1.07 -11.29
C ASP A 51 -5.64 -1.09 -11.97
N GLU A 52 -6.62 -1.69 -11.30
CA GLU A 52 -7.97 -1.77 -11.84
C GLU A 52 -8.59 -0.39 -11.98
N VAL A 53 -8.55 0.39 -10.90
CA VAL A 53 -9.11 1.73 -10.90
C VAL A 53 -8.41 2.62 -11.93
N SER A 54 -9.09 2.89 -13.03
CA SER A 54 -8.54 3.72 -14.09
C SER A 54 -8.85 5.20 -13.85
N LEU A 55 -7.90 6.06 -14.19
CA LEU A 55 -8.07 7.49 -14.01
C LEU A 55 -9.35 7.98 -14.70
N GLU A 56 -10.16 8.73 -13.96
CA GLU A 56 -11.42 9.26 -14.49
C GLU A 56 -11.33 10.77 -14.68
N LYS A 57 -12.44 11.37 -15.10
CA LYS A 57 -12.49 12.81 -15.32
C LYS A 57 -12.39 13.57 -14.00
N ASN A 58 -13.09 13.08 -12.99
CA ASN A 58 -13.07 13.72 -11.68
C ASN A 58 -11.65 13.84 -11.15
N PRO A 59 -11.36 14.97 -10.49
CA PRO A 59 -10.03 15.24 -9.91
C PRO A 59 -9.73 14.34 -8.73
N CYS A 60 -10.73 14.12 -7.89
CA CYS A 60 -10.57 13.28 -6.70
C CYS A 60 -10.07 11.88 -7.09
N ILE A 61 -10.68 11.32 -8.12
CA ILE A 61 -10.31 9.99 -8.60
C ILE A 61 -8.90 10.00 -9.20
N ARG A 62 -8.64 10.98 -10.04
CA ARG A 62 -7.34 11.11 -10.69
C ARG A 62 -6.23 11.33 -9.65
N GLU A 63 -6.54 12.10 -8.62
CA GLU A 63 -5.58 12.40 -7.57
C GLU A 63 -5.48 11.22 -6.59
N ALA A 64 -6.58 10.90 -5.94
CA ALA A 64 -6.62 9.81 -4.98
C ALA A 64 -5.75 8.64 -5.45
N ARG A 65 -6.14 8.02 -6.56
CA ARG A 65 -5.39 6.89 -7.10
C ARG A 65 -3.89 7.16 -7.05
N ARG A 66 -3.45 8.16 -7.81
CA ARG A 66 -2.03 8.51 -7.86
C ARG A 66 -1.44 8.58 -6.45
N ARG A 67 -1.92 9.54 -5.67
CA ARG A 67 -1.43 9.73 -4.31
C ARG A 67 -1.28 8.38 -3.60
N ALA A 68 -2.30 7.54 -3.72
CA ALA A 68 -2.28 6.22 -3.10
C ALA A 68 -1.05 5.44 -3.51
N VAL A 69 -0.84 5.33 -4.83
CA VAL A 69 0.30 4.60 -5.36
C VAL A 69 1.59 5.02 -4.66
N ILE A 70 1.88 6.31 -4.68
CA ILE A 70 3.08 6.84 -4.05
C ILE A 70 3.10 6.53 -2.55
N GLU A 71 2.06 6.98 -1.85
CA GLU A 71 1.95 6.76 -0.42
C GLU A 71 2.33 5.32 -0.06
N VAL A 72 1.75 4.37 -0.78
CA VAL A 72 2.03 2.95 -0.54
C VAL A 72 3.46 2.60 -0.94
N GLN A 73 3.86 3.02 -2.13
CA GLN A 73 5.21 2.75 -2.62
C GLN A 73 6.25 3.33 -1.67
N THR A 74 5.85 4.31 -0.88
CA THR A 74 6.76 4.95 0.07
C THR A 74 7.27 3.95 1.10
N LEU A 75 6.38 3.06 1.53
CA LEU A 75 6.73 2.04 2.52
C LEU A 75 7.67 1.00 1.92
N ILE A 76 7.22 0.36 0.85
CA ILE A 76 8.03 -0.66 0.17
C ILE A 76 9.48 -0.22 0.06
N THR A 77 9.70 1.09 -0.05
CA THR A 77 11.04 1.64 -0.17
C THR A 77 11.75 1.64 1.18
N TYR A 78 11.03 2.06 2.21
CA TYR A 78 11.60 2.12 3.56
C TYR A 78 12.40 0.85 3.87
N ILE A 79 11.73 -0.30 3.75
CA ILE A 79 12.38 -1.58 4.02
C ILE A 79 13.64 -1.73 3.19
N ASP A 80 13.49 -1.75 1.88
CA ASP A 80 14.62 -1.89 0.96
C ASP A 80 15.84 -1.14 1.48
N LEU A 81 15.64 0.13 1.84
CA LEU A 81 16.71 0.97 2.36
C LEU A 81 17.41 0.29 3.53
N LYS A 82 16.63 -0.09 4.54
CA LYS A 82 17.18 -0.74 5.72
C LYS A 82 17.62 -2.17 5.39
N GLU A 83 16.65 -3.05 5.18
CA GLU A 83 16.94 -4.45 4.85
C GLU A 83 18.18 -4.55 3.96
N SER A 84 18.16 -3.79 2.86
CA SER A 84 19.27 -3.80 1.92
C SER A 84 19.45 -5.18 1.31
N GLY A 85 18.35 -5.79 0.87
CA GLY A 85 18.41 -7.10 0.28
C GLY A 85 17.99 -7.10 -1.18
N PRO A 86 16.71 -7.42 -1.44
CA PRO A 86 16.16 -7.46 -2.80
C PRO A 86 16.04 -6.07 -3.41
N SER A 87 15.52 -6.01 -4.63
CA SER A 87 15.34 -4.74 -5.33
C SER A 87 14.56 -4.93 -6.62
N SER A 88 13.40 -4.29 -6.71
CA SER A 88 12.55 -4.38 -7.89
C SER A 88 13.09 -3.52 -9.02
N GLY A 89 13.28 -4.13 -10.18
CA GLY A 89 13.79 -3.40 -11.34
C GLY A 89 13.03 -3.72 -12.61
#